data_7UO7
#
_entry.id   7UO7
#
_cell.length_a   1.00
_cell.length_b   1.00
_cell.length_c   1.00
_cell.angle_alpha   90.00
_cell.angle_beta   90.00
_cell.angle_gamma   90.00
#
_symmetry.space_group_name_H-M   'P 1'
#
loop_
_entity.id
_entity.type
_entity.pdbx_description
1 polymer 'RNA-directed RNA polymerase'
2 polymer 'Non-structural protein 8'
3 polymer 'Non-structural protein 7'
4 polymer 'Product RNA (35-MER)'
5 polymer 'Template RNA (55-MER)'
6 non-polymer "ADENOSINE-5'-TRIPHOSPHATE"
7 non-polymer 'MAGNESIUM ION'
8 non-polymer 'ZINC ION'
#
loop_
_entity_poly.entity_id
_entity_poly.type
_entity_poly.pdbx_seq_one_letter_code
_entity_poly.pdbx_strand_id
1 'polypeptide(L)'
;SADAQSFLNRVCGVSAARLTPCGTGTSTDVVYRAFDIYNDKVAGFAKFLKTNCCRFQEKDEDDNLIDSYFVVKRHTFSNY
QHEETIYNLLKDCPAVAKHDFFKFRIDGDMVPHISRQRLTKYTMADLVYALRHFDEGNCDTLKEILVTYNCCDDDYFNKK
DWYDFVENPDILRVYANLGERVRQALLKTVQFCDAMRNAGIVGVLTLDNQDLNGNWYDFGDFIQTTPGSGVPVVDSYYSL
LMPILTLTRALTAESHVDTDLTKPYIKWDLLKYDFTEERLKLFDRYFKYWDQTYHPNCVNCLDDRCILHCANFNVLFSTV
FPPTSFGPLVRKIFVDGVPFVVSTGYHFRELGVVHNQDVNLHSSRLSFKELLVYAADPAMHAASGNLLLDKRTTCFSVAA
LTNNVAFQTVKPGNFNKDFYDFAVSKGFFKEGSSVELKHFFFAQDGNAAISDYDYYRYNLPTMCDIRQLLFVVEVVDKYF
DCYDGGCINANQVIVNNLDKSAGFPFNKWGKARLYYDSMSYEDQDALFAYTKRNVIPTITQMNLKYAISAKNRARTVAGV
SICSTMTNRQFHQKLLKSIAATRGATVVIGTSKFYGGWHNMLKTVYSDVENPHLMGWDYPKCDRAMPNMLRIMASLVLAR
KHTTCCSLSHRFYRLANECAQVLSEMVMCGGSLYVKPGGTSSGDATTAYANSVFNICQAVTANVNALLSTDGNKIADKYV
RNLQHRLYECLYRNRDVDTDFVNEFYAYLRKHFSMMILSDDAVVCFNSTYASQGLVASIKNFKSVLYYQNNVFMSEAKCW
TETDLTKGPHEFCSQHTMLVKQGDDYVYLPYPDPSRILGAGCFVDDIVKTDGTLMIERFVSLAIDAYPLTKHPNQEYADV
FHLYLQYIRKLHDELTGHMLDMYSVMLTNDNTSRYWEPEFYEAMYTPHTVLQ
;
A
2 'polypeptide(L)'
;AIASEFSSLPSYAAFATAQEAYEQAVANGDSEVVLKKLKKSLNVAKSEFDRDAAMQRKLEKMADQAMTQMYKQARSEDKR
AKVTSAMQTMLFTMLRKLDNDALNNIINNARDGCVPLNIIPLTTAAKLMVVIPDYNTYKNTCDGTTFTYASALWEIQQVV
DADSKIVQLSEISMDNSPNLAWPLIVTALRANSAVKLQ
;
B,D
3 'polypeptide(L)'
;VACTKEVHMSKMSDVKCTSVVLLSVLQQLRVESSSKLWAQCVQLHNDILLAKDTTEAFEKMVSLLSVLLSMQGAVDINKL
CEEMLDNRATLQ
;
C
4 'polyribonucleotide' CGCGUAGCAUGCUACGUCAUUCUCCUAAGAAGCUG P
5 'polyribonucleotide' CUAUCCCCAUGUGAGCGGCUCAGCUUCUUAGGAGAAUGACGUAGCAUGCUACGCG T
#
# COMPACT_ATOMS: atom_id res chain seq x y z
N ALA A 4 50.53 -5.99 39.57
CA ALA A 4 49.46 -6.52 38.74
C ALA A 4 49.89 -7.81 38.04
N GLN A 5 51.21 -8.04 37.98
CA GLN A 5 51.72 -9.23 37.32
C GLN A 5 51.22 -10.50 37.99
N SER A 6 51.18 -10.50 39.33
CA SER A 6 50.71 -11.68 40.05
C SER A 6 49.26 -12.00 39.71
N PHE A 7 48.41 -10.97 39.64
CA PHE A 7 47.00 -11.20 39.32
C PHE A 7 46.84 -11.78 37.91
N LEU A 8 47.58 -11.22 36.95
CA LEU A 8 47.51 -11.75 35.59
C LEU A 8 47.99 -13.20 35.54
N ASN A 9 49.09 -13.51 36.23
CA ASN A 9 49.60 -14.88 36.25
C ASN A 9 48.57 -15.83 36.85
N ARG A 10 47.94 -15.42 37.95
CA ARG A 10 46.91 -16.25 38.56
C ARG A 10 45.74 -16.46 37.61
N VAL A 11 45.32 -15.40 36.91
CA VAL A 11 44.19 -15.53 35.99
C VAL A 11 44.53 -16.49 34.87
N CYS A 12 45.72 -16.37 34.29
CA CYS A 12 46.11 -17.18 33.14
C CYS A 12 47.16 -18.23 33.52
N GLY A 13 47.26 -18.58 34.80
CA GLY A 13 48.26 -19.56 35.21
C GLY A 13 48.05 -20.91 34.56
N VAL A 14 46.81 -21.39 34.56
CA VAL A 14 46.53 -22.70 33.99
C VAL A 14 46.67 -22.66 32.46
N SER A 15 46.20 -21.58 31.84
CA SER A 15 46.23 -21.47 30.38
C SER A 15 47.62 -21.03 29.92
N ALA A 16 48.14 -21.71 28.90
CA ALA A 16 49.42 -21.33 28.34
C ALA A 16 49.33 -20.05 27.51
N ALA A 17 48.12 -19.61 27.21
CA ALA A 17 47.95 -18.41 26.41
C ALA A 17 48.42 -17.17 27.16
N ARG A 18 48.83 -16.16 26.40
CA ARG A 18 49.30 -14.91 26.97
C ARG A 18 48.11 -14.11 27.49
N LEU A 19 48.38 -12.94 28.07
CA LEU A 19 47.32 -12.12 28.65
C LEU A 19 47.81 -10.68 28.74
N THR A 20 47.21 -9.79 27.95
CA THR A 20 47.50 -8.36 28.05
C THR A 20 46.41 -7.68 28.87
N PRO A 21 46.75 -6.96 29.93
CA PRO A 21 45.71 -6.42 30.82
C PRO A 21 44.97 -5.25 30.17
N CYS A 22 43.67 -5.43 29.95
CA CYS A 22 42.84 -4.31 29.50
C CYS A 22 42.60 -3.32 30.64
N GLY A 23 42.48 -3.81 31.86
CA GLY A 23 42.29 -2.94 33.00
C GLY A 23 43.59 -2.25 33.40
N THR A 24 43.44 -1.32 34.35
CA THR A 24 44.58 -0.52 34.82
C THR A 24 45.13 -1.12 36.12
N GLY A 25 45.90 -2.20 35.95
CA GLY A 25 46.58 -2.83 37.07
C GLY A 25 45.65 -3.42 38.10
N THR A 26 44.94 -4.49 37.73
CA THR A 26 44.01 -5.16 38.63
C THR A 26 42.90 -4.22 39.06
N SER A 27 42.38 -3.46 38.09
CA SER A 27 41.30 -2.51 38.32
C SER A 27 40.13 -2.87 37.41
N THR A 28 38.92 -2.79 37.95
CA THR A 28 37.73 -3.13 37.17
C THR A 28 37.64 -2.24 35.94
N ASP A 29 37.28 -2.84 34.82
CA ASP A 29 37.14 -2.12 33.56
C ASP A 29 35.72 -1.61 33.40
N VAL A 30 35.60 -0.36 32.94
CA VAL A 30 34.28 0.23 32.71
C VAL A 30 33.56 -0.57 31.63
N VAL A 31 32.38 -1.08 31.96
CA VAL A 31 31.59 -1.91 31.07
C VAL A 31 30.19 -1.30 30.96
N TYR A 32 29.72 -1.09 29.74
CA TYR A 32 28.44 -0.44 29.46
C TYR A 32 27.70 -1.29 28.44
N ARG A 33 26.89 -2.23 28.91
CA ARG A 33 26.26 -3.24 28.07
C ARG A 33 24.74 -3.23 28.29
N ALA A 34 24.08 -4.25 27.77
CA ALA A 34 22.62 -4.29 27.72
C ALA A 34 22.06 -5.39 28.61
N PHE A 35 22.56 -5.49 29.84
CA PHE A 35 22.15 -6.53 30.77
C PHE A 35 20.64 -6.48 30.99
N ASP A 36 19.93 -7.53 30.56
CA ASP A 36 18.56 -7.73 30.99
C ASP A 36 18.53 -7.95 32.50
N ILE A 37 17.60 -7.28 33.17
CA ILE A 37 17.56 -7.27 34.64
C ILE A 37 16.13 -7.41 35.10
N TYR A 38 15.95 -8.17 36.19
CA TYR A 38 14.69 -8.21 36.94
C TYR A 38 15.05 -8.46 38.41
N ASN A 39 15.16 -7.36 39.16
CA ASN A 39 15.25 -7.43 40.61
C ASN A 39 13.91 -7.05 41.22
N ASP A 40 13.83 -7.04 42.55
CA ASP A 40 12.62 -6.61 43.23
C ASP A 40 12.42 -5.11 43.15
N LYS A 41 13.50 -4.33 43.02
CA LYS A 41 13.42 -2.88 42.91
C LYS A 41 13.77 -2.37 41.51
N VAL A 42 14.06 -3.26 40.56
CA VAL A 42 14.40 -2.87 39.21
C VAL A 42 13.88 -3.93 38.26
N ALA A 43 13.56 -3.51 37.03
CA ALA A 43 13.11 -4.41 35.98
C ALA A 43 13.48 -3.78 34.63
N GLY A 44 13.27 -4.57 33.57
CA GLY A 44 13.46 -4.06 32.23
C GLY A 44 14.67 -4.61 31.52
N PHE A 45 14.74 -4.35 30.22
CA PHE A 45 15.83 -4.79 29.34
C PHE A 45 16.49 -3.54 28.80
N ALA A 46 17.49 -3.03 29.52
CA ALA A 46 18.04 -1.70 29.24
C ALA A 46 19.55 -1.74 29.35
N LYS A 47 20.18 -0.69 28.81
CA LYS A 47 21.63 -0.53 28.86
C LYS A 47 22.02 -0.10 30.27
N PHE A 48 22.66 -1.00 31.00
CA PHE A 48 23.04 -0.75 32.39
C PHE A 48 24.55 -0.61 32.50
N LEU A 49 25.00 0.42 33.21
CA LEU A 49 26.43 0.66 33.43
C LEU A 49 26.90 -0.17 34.62
N LYS A 50 27.06 -1.47 34.36
CA LYS A 50 27.57 -2.41 35.35
C LYS A 50 29.09 -2.53 35.16
N THR A 51 29.84 -2.07 36.14
CA THR A 51 31.31 -2.09 36.11
C THR A 51 31.79 -2.99 37.24
N ASN A 52 31.86 -4.29 36.95
CA ASN A 52 32.38 -5.28 37.90
C ASN A 52 33.35 -6.28 37.28
N CYS A 53 33.31 -6.49 35.97
CA CYS A 53 34.19 -7.45 35.33
C CYS A 53 35.55 -6.82 35.03
N CYS A 54 36.57 -7.69 34.95
CA CYS A 54 37.93 -7.28 34.60
C CYS A 54 38.28 -8.00 33.30
N ARG A 55 37.94 -7.39 32.18
CA ARG A 55 38.17 -8.00 30.88
C ARG A 55 39.67 -8.19 30.66
N PHE A 56 40.05 -9.39 30.21
CA PHE A 56 41.43 -9.69 29.84
C PHE A 56 41.41 -10.47 28.54
N GLN A 57 42.25 -10.06 27.60
CA GLN A 57 42.26 -10.61 26.25
C GLN A 57 43.44 -11.57 26.07
N GLU A 58 43.29 -12.46 25.08
CA GLU A 58 44.31 -13.47 24.78
C GLU A 58 45.05 -13.07 23.51
N LYS A 59 46.38 -13.21 23.54
CA LYS A 59 47.25 -12.90 22.41
C LYS A 59 47.83 -14.19 21.86
N ASP A 60 47.65 -14.41 20.56
CA ASP A 60 48.23 -15.55 19.87
C ASP A 60 49.56 -15.13 19.24
N GLU A 61 50.26 -16.10 18.62
CA GLU A 61 51.45 -15.77 17.87
C GLU A 61 51.13 -14.73 16.80
N ASP A 62 52.12 -13.91 16.47
CA ASP A 62 51.88 -12.70 15.68
C ASP A 62 50.89 -11.80 16.41
N ASP A 63 51.34 -11.27 17.55
CA ASP A 63 50.47 -10.70 18.57
C ASP A 63 49.31 -9.90 18.01
N ASN A 64 48.09 -10.29 18.39
CA ASN A 64 46.88 -9.61 18.00
C ASN A 64 45.78 -10.03 18.98
N LEU A 65 44.70 -9.25 19.02
CA LEU A 65 43.61 -9.47 19.95
C LEU A 65 42.44 -10.12 19.22
N ILE A 66 42.23 -11.41 19.48
CA ILE A 66 41.07 -12.11 18.96
C ILE A 66 39.88 -11.83 19.88
N ASP A 67 38.68 -12.18 19.44
CA ASP A 67 37.47 -11.92 20.21
C ASP A 67 37.28 -13.00 21.28
N SER A 68 38.23 -13.04 22.21
CA SER A 68 38.17 -13.93 23.37
C SER A 68 38.68 -13.16 24.58
N TYR A 69 37.85 -13.09 25.62
CA TYR A 69 38.17 -12.31 26.81
C TYR A 69 37.84 -13.11 28.06
N PHE A 70 38.62 -12.86 29.11
CA PHE A 70 38.41 -13.47 30.43
C PHE A 70 37.70 -12.44 31.29
N VAL A 71 36.41 -12.69 31.56
CA VAL A 71 35.64 -11.77 32.40
C VAL A 71 35.86 -12.14 33.86
N VAL A 72 36.90 -11.57 34.47
CA VAL A 72 37.28 -11.90 35.82
C VAL A 72 36.65 -10.92 36.79
N LYS A 73 35.48 -11.26 37.33
CA LYS A 73 34.80 -10.42 38.30
C LYS A 73 34.99 -10.98 39.70
N ARG A 74 34.53 -10.20 40.69
CA ARG A 74 34.67 -10.53 42.10
C ARG A 74 33.30 -10.76 42.73
N HIS A 75 33.23 -11.73 43.64
CA HIS A 75 32.00 -12.07 44.33
C HIS A 75 32.30 -12.34 45.80
N THR A 76 31.27 -12.19 46.62
CA THR A 76 31.40 -12.48 48.04
C THR A 76 31.57 -13.98 48.26
N PHE A 77 32.05 -14.34 49.46
CA PHE A 77 32.43 -15.72 49.73
C PHE A 77 31.23 -16.66 49.58
N SER A 78 30.07 -16.26 50.09
CA SER A 78 28.89 -17.11 49.96
C SER A 78 28.51 -17.32 48.50
N ASN A 79 28.48 -16.23 47.72
CA ASN A 79 28.17 -16.36 46.30
C ASN A 79 29.25 -17.15 45.58
N TYR A 80 30.51 -16.98 45.98
CA TYR A 80 31.60 -17.76 45.39
C TYR A 80 31.40 -19.25 45.63
N GLN A 81 31.06 -19.63 46.86
CA GLN A 81 30.83 -21.04 47.16
C GLN A 81 29.62 -21.58 46.40
N HIS A 82 28.55 -20.78 46.32
CA HIS A 82 27.39 -21.22 45.54
C HIS A 82 27.72 -21.41 44.08
N GLU A 83 28.50 -20.49 43.49
CA GLU A 83 28.94 -20.67 42.11
C GLU A 83 29.77 -21.92 41.96
N GLU A 84 30.66 -22.20 42.92
CA GLU A 84 31.47 -23.41 42.87
C GLU A 84 30.59 -24.64 42.81
N THR A 85 29.61 -24.74 43.72
CA THR A 85 28.75 -25.91 43.76
C THR A 85 27.93 -26.04 42.49
N ILE A 86 27.37 -24.93 42.00
CA ILE A 86 26.54 -25.01 40.80
C ILE A 86 27.36 -25.44 39.60
N TYR A 87 28.57 -24.88 39.45
CA TYR A 87 29.42 -25.24 38.31
C TYR A 87 29.86 -26.69 38.41
N ASN A 88 30.19 -27.16 39.62
CA ASN A 88 30.63 -28.55 39.77
C ASN A 88 29.58 -29.52 39.26
N LEU A 89 28.31 -29.13 39.28
CA LEU A 89 27.22 -29.96 38.75
C LEU A 89 26.95 -29.69 37.27
N LEU A 90 27.73 -28.81 36.63
CA LEU A 90 27.55 -28.51 35.22
C LEU A 90 28.86 -28.57 34.45
N LYS A 91 29.90 -29.16 35.03
CA LYS A 91 31.19 -29.23 34.34
C LYS A 91 31.10 -30.05 33.07
N ASP A 92 30.36 -31.17 33.11
CA ASP A 92 30.34 -32.08 31.97
C ASP A 92 29.74 -31.42 30.73
N CYS A 93 28.73 -30.57 30.91
CA CYS A 93 28.03 -30.01 29.76
C CYS A 93 28.99 -29.14 28.95
N PRO A 94 28.94 -29.21 27.61
CA PRO A 94 29.82 -28.37 26.79
C PRO A 94 29.26 -27.00 26.46
N ALA A 95 27.97 -26.76 26.71
CA ALA A 95 27.37 -25.44 26.49
C ALA A 95 27.55 -24.55 27.72
N VAL A 96 28.79 -24.44 28.18
CA VAL A 96 29.11 -23.68 29.39
C VAL A 96 30.55 -23.19 29.26
N ALA A 97 30.84 -22.07 29.91
CA ALA A 97 32.20 -21.56 29.94
C ALA A 97 33.04 -22.32 30.97
N LYS A 98 34.31 -22.53 30.65
CA LYS A 98 35.23 -23.24 31.54
C LYS A 98 35.66 -22.28 32.64
N HIS A 99 34.83 -22.21 33.69
CA HIS A 99 35.11 -21.33 34.80
C HIS A 99 36.38 -21.75 35.52
N ASP A 100 37.12 -20.77 36.02
CA ASP A 100 38.27 -21.01 36.89
C ASP A 100 38.12 -20.15 38.14
N PHE A 101 38.01 -20.82 39.29
CA PHE A 101 37.76 -20.14 40.55
C PHE A 101 39.07 -20.09 41.33
N PHE A 102 39.48 -18.88 41.72
CA PHE A 102 40.79 -18.68 42.34
C PHE A 102 40.64 -17.81 43.58
N LYS A 103 41.62 -17.92 44.47
CA LYS A 103 41.65 -17.22 45.74
C LYS A 103 42.97 -16.45 45.84
N PHE A 104 42.92 -15.14 45.62
CA PHE A 104 44.10 -14.29 45.61
C PHE A 104 43.92 -13.15 46.59
N ARG A 105 44.97 -12.87 47.36
CA ARG A 105 44.93 -11.80 48.34
C ARG A 105 45.25 -10.47 47.66
N ILE A 106 44.43 -9.44 47.93
CA ILE A 106 44.64 -8.16 47.27
C ILE A 106 45.49 -7.24 48.14
N ASP A 107 45.05 -6.94 49.37
CA ASP A 107 45.83 -6.14 50.30
C ASP A 107 46.10 -6.90 51.59
N GLY A 108 45.03 -7.34 52.26
CA GLY A 108 45.13 -8.06 53.52
C GLY A 108 44.12 -9.16 53.71
N ASP A 109 43.30 -9.45 52.70
CA ASP A 109 42.27 -10.48 52.81
C ASP A 109 42.11 -11.15 51.46
N MET A 110 41.50 -12.34 51.48
CA MET A 110 41.33 -13.13 50.26
C MET A 110 39.96 -12.83 49.68
N VAL A 111 39.94 -11.84 48.78
CA VAL A 111 38.73 -11.63 47.97
C VAL A 111 38.68 -12.68 46.87
N PRO A 112 37.61 -13.48 46.75
CA PRO A 112 37.59 -14.54 45.74
C PRO A 112 37.59 -14.00 44.31
N HIS A 113 38.60 -14.35 43.52
CA HIS A 113 38.72 -13.84 42.15
C HIS A 113 38.23 -14.94 41.20
N ILE A 114 36.91 -15.08 41.11
CA ILE A 114 36.30 -15.95 40.13
C ILE A 114 36.66 -15.44 38.73
N SER A 115 36.78 -16.36 37.78
CA SER A 115 37.15 -16.01 36.42
C SER A 115 36.51 -16.98 35.45
N ARG A 116 36.45 -16.57 34.19
CA ARG A 116 35.92 -17.39 33.12
C ARG A 116 36.87 -17.32 31.93
N GLN A 117 36.74 -18.28 31.03
CA GLN A 117 37.67 -18.44 29.92
C GLN A 117 36.92 -18.44 28.60
N ARG A 118 37.56 -17.90 27.57
CA ARG A 118 37.07 -17.93 26.20
C ARG A 118 35.64 -17.37 26.12
N LEU A 119 35.50 -16.13 26.55
CA LEU A 119 34.24 -15.40 26.47
C LEU A 119 34.44 -14.18 25.56
N THR A 120 33.49 -13.97 24.65
CA THR A 120 33.57 -12.84 23.75
C THR A 120 33.36 -11.53 24.51
N LYS A 121 33.73 -10.43 23.86
CA LYS A 121 33.57 -9.13 24.50
C LYS A 121 32.10 -8.79 24.71
N TYR A 122 31.25 -9.12 23.73
CA TYR A 122 29.83 -8.85 23.79
C TYR A 122 29.07 -10.14 24.03
N THR A 123 27.90 -10.04 24.65
CA THR A 123 27.04 -11.19 24.89
C THR A 123 25.88 -11.21 23.90
N MET A 124 24.99 -12.19 24.04
CA MET A 124 23.78 -12.23 23.23
C MET A 124 22.81 -11.12 23.60
N ALA A 125 22.84 -10.65 24.85
CA ALA A 125 22.00 -9.51 25.23
C ALA A 125 22.39 -8.28 24.43
N ASP A 126 23.69 -8.03 24.27
CA ASP A 126 24.13 -6.90 23.45
C ASP A 126 23.68 -7.07 22.01
N LEU A 127 23.78 -8.30 21.48
CA LEU A 127 23.36 -8.53 20.11
C LEU A 127 21.89 -8.23 19.90
N VAL A 128 21.03 -8.68 20.82
CA VAL A 128 19.61 -8.39 20.67
C VAL A 128 19.29 -6.93 20.96
N TYR A 129 20.02 -6.30 21.87
CA TYR A 129 19.76 -4.90 22.19
C TYR A 129 20.13 -3.99 21.03
N ALA A 130 21.27 -4.24 20.39
CA ALA A 130 21.70 -3.39 19.28
C ALA A 130 20.81 -3.54 18.07
N LEU A 131 20.31 -4.75 17.81
CA LEU A 131 19.41 -4.99 16.70
C LEU A 131 17.96 -4.63 17.01
N ARG A 132 17.62 -4.47 18.30
CA ARG A 132 16.28 -4.07 18.70
C ARG A 132 16.17 -2.58 18.94
N HIS A 133 17.20 -1.95 19.50
CA HIS A 133 17.26 -0.52 19.73
C HIS A 133 18.40 0.04 18.88
N PHE A 134 18.11 0.29 17.61
CA PHE A 134 19.12 0.66 16.63
C PHE A 134 18.84 2.07 16.13
N ASP A 135 19.68 3.02 16.54
CA ASP A 135 19.65 4.38 16.01
C ASP A 135 21.02 4.67 15.42
N GLU A 136 21.04 5.09 14.15
CA GLU A 136 22.32 5.29 13.47
C GLU A 136 23.17 6.34 14.19
N GLY A 137 22.55 7.21 14.99
CA GLY A 137 23.32 8.15 15.77
C GLY A 137 24.32 7.47 16.69
N ASN A 138 23.92 6.34 17.28
CA ASN A 138 24.79 5.54 18.15
C ASN A 138 24.47 4.07 17.89
N CYS A 139 25.26 3.45 17.01
CA CYS A 139 25.11 2.04 16.70
C CYS A 139 26.46 1.35 16.54
N ASP A 140 27.47 1.83 17.26
CA ASP A 140 28.81 1.28 17.13
C ASP A 140 28.91 -0.16 17.62
N THR A 141 28.02 -0.58 18.53
CA THR A 141 28.06 -1.96 19.00
C THR A 141 27.66 -2.92 17.88
N LEU A 142 26.64 -2.58 17.10
CA LEU A 142 26.28 -3.41 15.96
C LEU A 142 27.41 -3.43 14.93
N LYS A 143 28.06 -2.28 14.72
CA LYS A 143 29.22 -2.24 13.84
C LYS A 143 30.29 -3.22 14.31
N GLU A 144 30.64 -3.18 15.59
CA GLU A 144 31.69 -4.05 16.10
C GLU A 144 31.29 -5.51 16.01
N ILE A 145 30.02 -5.82 16.26
CA ILE A 145 29.57 -7.20 16.19
C ILE A 145 29.63 -7.71 14.76
N LEU A 146 29.22 -6.88 13.80
CA LEU A 146 29.23 -7.31 12.40
C LEU A 146 30.62 -7.29 11.79
N VAL A 147 31.57 -6.57 12.38
CA VAL A 147 32.91 -6.49 11.81
C VAL A 147 33.87 -7.45 12.51
N THR A 148 33.61 -7.78 13.78
CA THR A 148 34.49 -8.68 14.53
C THR A 148 34.17 -10.14 14.31
N TYR A 149 33.14 -10.46 13.52
CA TYR A 149 32.81 -11.85 13.22
C TYR A 149 32.72 -12.08 11.71
N ASN A 150 33.43 -11.26 10.93
CA ASN A 150 33.54 -11.43 9.48
C ASN A 150 32.19 -11.42 8.78
N CYS A 151 31.16 -10.86 9.42
CA CYS A 151 29.87 -10.77 8.77
C CYS A 151 29.93 -9.87 7.55
N CYS A 152 30.64 -8.74 7.66
CA CYS A 152 30.85 -7.85 6.53
C CYS A 152 32.10 -7.03 6.81
N ASP A 153 32.79 -6.65 5.72
CA ASP A 153 33.99 -5.84 5.87
C ASP A 153 33.66 -4.48 6.46
N ASP A 154 34.63 -3.89 7.16
CA ASP A 154 34.40 -2.62 7.85
C ASP A 154 33.99 -1.52 6.87
N ASP A 155 34.66 -1.45 5.72
CA ASP A 155 34.39 -0.38 4.77
C ASP A 155 32.94 -0.38 4.30
N TYR A 156 32.23 -1.50 4.43
CA TYR A 156 30.82 -1.53 4.04
C TYR A 156 30.00 -0.54 4.82
N PHE A 157 30.51 -0.05 5.95
CA PHE A 157 29.80 0.92 6.78
C PHE A 157 29.97 2.35 6.28
N ASN A 158 30.71 2.56 5.19
CA ASN A 158 30.80 3.87 4.58
C ASN A 158 29.72 4.10 3.52
N LYS A 159 28.97 3.07 3.16
CA LYS A 159 27.91 3.22 2.17
C LYS A 159 26.80 4.11 2.72
N LYS A 160 26.12 4.81 1.82
CA LYS A 160 24.96 5.60 2.19
C LYS A 160 23.76 4.70 2.41
N ASP A 161 23.21 4.71 3.62
CA ASP A 161 22.05 3.89 3.98
C ASP A 161 22.40 2.41 3.97
N TRP A 162 23.55 2.07 4.55
CA TRP A 162 23.92 0.66 4.66
C TRP A 162 22.93 -0.09 5.54
N TYR A 163 22.50 0.52 6.63
CA TYR A 163 21.57 -0.12 7.56
C TYR A 163 20.17 -0.30 6.97
N ASP A 164 19.81 0.48 5.97
CA ASP A 164 18.45 0.46 5.46
C ASP A 164 18.14 -0.86 4.79
N PHE A 165 16.91 -1.34 4.99
CA PHE A 165 16.41 -2.54 4.33
C PHE A 165 15.76 -2.23 3.00
N VAL A 166 15.72 -0.97 2.58
CA VAL A 166 15.09 -0.56 1.34
C VAL A 166 16.10 0.03 0.36
N GLU A 167 16.98 0.91 0.85
CA GLU A 167 18.01 1.47 -0.01
C GLU A 167 18.93 0.38 -0.54
N ASN A 168 19.34 -0.56 0.32
CA ASN A 168 20.15 -1.68 -0.12
C ASN A 168 19.71 -2.96 0.58
N PRO A 169 19.01 -3.86 -0.11
CA PRO A 169 18.69 -5.16 0.49
C PRO A 169 19.90 -5.98 0.86
N ASP A 170 21.09 -5.64 0.36
CA ASP A 170 22.29 -6.41 0.67
C ASP A 170 22.57 -6.46 2.17
N ILE A 171 22.04 -5.51 2.94
CA ILE A 171 22.23 -5.57 4.39
C ILE A 171 21.74 -6.89 4.94
N LEU A 172 20.64 -7.41 4.38
CA LEU A 172 20.14 -8.71 4.79
C LEU A 172 21.24 -9.76 4.69
N ARG A 173 21.93 -9.81 3.54
CA ARG A 173 23.00 -10.77 3.36
C ARG A 173 24.05 -10.65 4.45
N VAL A 174 24.28 -9.45 4.96
CA VAL A 174 25.21 -9.27 6.07
C VAL A 174 24.67 -9.90 7.34
N TYR A 175 23.41 -9.62 7.67
CA TYR A 175 22.83 -10.14 8.90
C TYR A 175 22.80 -11.66 8.89
N ALA A 176 22.54 -12.26 7.73
CA ALA A 176 22.53 -13.72 7.65
C ALA A 176 23.86 -14.32 8.08
N ASN A 177 24.96 -13.57 7.94
CA ASN A 177 26.25 -14.11 8.35
C ASN A 177 26.31 -14.36 9.85
N LEU A 178 25.49 -13.66 10.64
CA LEU A 178 25.36 -13.94 12.07
C LEU A 178 24.53 -15.18 12.36
N GLY A 179 23.64 -15.56 11.44
CA GLY A 179 22.66 -16.60 11.76
C GLY A 179 23.31 -17.83 12.34
N GLU A 180 24.36 -18.34 11.70
CA GLU A 180 25.00 -19.55 12.19
C GLU A 180 25.36 -19.42 13.66
N ARG A 181 26.06 -18.34 14.01
CA ARG A 181 26.40 -18.13 15.42
C ARG A 181 25.16 -18.22 16.29
N VAL A 182 24.11 -17.50 15.92
CA VAL A 182 22.86 -17.58 16.68
C VAL A 182 22.38 -19.02 16.73
N ARG A 183 22.30 -19.67 15.57
CA ARG A 183 21.78 -21.03 15.52
C ARG A 183 22.69 -21.97 16.30
N GLN A 184 23.94 -21.60 16.53
CA GLN A 184 24.77 -22.36 17.45
C GLN A 184 24.39 -22.06 18.89
N ALA A 185 24.37 -20.78 19.27
CA ALA A 185 23.98 -20.41 20.62
C ALA A 185 22.51 -20.63 20.89
N LEU A 186 21.71 -20.83 19.84
CA LEU A 186 20.33 -21.25 20.01
C LEU A 186 20.20 -22.74 20.28
N LEU A 187 21.22 -23.53 19.94
CA LEU A 187 21.23 -24.95 20.24
C LEU A 187 21.97 -25.26 21.53
N LYS A 188 23.13 -24.66 21.73
CA LYS A 188 23.90 -24.93 22.94
C LYS A 188 23.08 -24.63 24.19
N THR A 189 22.26 -23.57 24.15
CA THR A 189 21.40 -23.28 25.29
C THR A 189 20.57 -24.50 25.67
N VAL A 190 19.98 -25.18 24.68
CA VAL A 190 19.21 -26.38 24.98
C VAL A 190 20.06 -27.36 25.77
N GLN A 191 21.29 -27.62 25.29
CA GLN A 191 22.18 -28.48 26.05
C GLN A 191 22.28 -28.00 27.48
N PHE A 192 22.62 -26.72 27.68
CA PHE A 192 22.60 -26.15 29.01
C PHE A 192 21.32 -26.53 29.73
N CYS A 193 20.17 -26.15 29.17
CA CYS A 193 18.90 -26.55 29.75
C CYS A 193 18.94 -28.03 30.12
N ASP A 194 19.13 -28.90 29.13
CA ASP A 194 19.14 -30.33 29.42
C ASP A 194 20.08 -30.64 30.56
N ALA A 195 21.32 -30.15 30.49
CA ALA A 195 22.28 -30.44 31.54
C ALA A 195 21.71 -30.06 32.90
N MET A 196 21.25 -28.81 33.04
CA MET A 196 20.82 -28.36 34.34
C MET A 196 19.41 -28.82 34.68
N ARG A 197 18.76 -29.55 33.76
CA ARG A 197 17.57 -30.29 34.14
C ARG A 197 17.94 -31.65 34.70
N ASN A 198 19.03 -32.24 34.22
CA ASN A 198 19.47 -33.54 34.70
C ASN A 198 20.44 -33.41 35.88
N ALA A 199 20.94 -32.21 36.15
CA ALA A 199 21.80 -31.96 37.30
C ALA A 199 21.02 -31.42 38.51
N GLY A 200 19.71 -31.30 38.39
CA GLY A 200 18.90 -30.78 39.49
C GLY A 200 19.15 -29.32 39.80
N ILE A 201 19.26 -28.48 38.78
CA ILE A 201 19.44 -27.03 38.95
C ILE A 201 18.27 -26.33 38.31
N VAL A 202 17.67 -25.39 39.04
CA VAL A 202 16.53 -24.62 38.58
C VAL A 202 16.87 -23.14 38.65
N GLY A 203 16.63 -22.43 37.56
CA GLY A 203 16.94 -21.01 37.52
C GLY A 203 16.39 -20.38 36.26
N VAL A 204 16.68 -19.10 36.11
CA VAL A 204 16.18 -18.30 34.99
C VAL A 204 17.32 -18.08 34.00
N LEU A 205 17.08 -18.40 32.73
CA LEU A 205 18.06 -18.20 31.67
C LEU A 205 17.90 -16.80 31.11
N THR A 206 18.99 -16.03 31.12
CA THR A 206 19.00 -14.67 30.64
C THR A 206 20.01 -14.51 29.51
N LEU A 207 19.65 -13.71 28.51
CA LEU A 207 20.53 -13.49 27.38
C LEU A 207 21.86 -12.90 27.80
N ASP A 208 21.86 -11.98 28.76
CA ASP A 208 23.09 -11.31 29.16
C ASP A 208 24.07 -12.22 29.87
N ASN A 209 23.76 -13.50 30.01
CA ASN A 209 24.68 -14.48 30.57
C ASN A 209 25.18 -15.47 29.51
N GLN A 210 25.12 -15.08 28.25
CA GLN A 210 25.52 -15.94 27.13
C GLN A 210 26.36 -15.14 26.17
N ASP A 211 27.57 -15.61 25.89
CA ASP A 211 28.45 -14.93 24.95
C ASP A 211 28.14 -15.40 23.52
N LEU A 212 28.69 -14.68 22.55
CA LEU A 212 28.32 -14.89 21.15
C LEU A 212 28.70 -16.25 20.61
N ASN A 213 29.30 -17.18 21.36
CA ASN A 213 29.53 -18.53 20.90
C ASN A 213 28.76 -19.56 21.72
N GLY A 214 27.81 -19.12 22.56
CA GLY A 214 26.85 -19.99 23.20
C GLY A 214 27.14 -20.33 24.65
N ASN A 215 28.37 -20.10 25.12
CA ASN A 215 28.72 -20.47 26.49
C ASN A 215 27.91 -19.64 27.48
N TRP A 216 27.47 -20.29 28.56
CA TRP A 216 26.74 -19.62 29.63
C TRP A 216 27.69 -19.44 30.82
N TYR A 217 27.77 -18.22 31.35
CA TYR A 217 28.87 -17.85 32.22
C TYR A 217 28.38 -17.11 33.46
N ASP A 218 27.27 -17.57 34.06
CA ASP A 218 26.79 -16.95 35.30
C ASP A 218 25.86 -17.92 36.00
N PHE A 219 26.17 -18.25 37.25
CA PHE A 219 25.36 -19.19 38.02
C PHE A 219 25.06 -18.65 39.42
N GLY A 220 24.82 -17.35 39.53
CA GLY A 220 24.50 -16.76 40.82
C GLY A 220 23.04 -16.88 41.19
N ASP A 221 22.18 -17.19 40.22
CA ASP A 221 20.73 -17.22 40.42
C ASP A 221 20.17 -18.63 40.19
N PHE A 222 20.85 -19.64 40.73
CA PHE A 222 20.42 -21.03 40.58
C PHE A 222 20.41 -21.72 41.92
N ILE A 223 19.37 -22.53 42.16
CA ILE A 223 19.26 -23.34 43.37
C ILE A 223 19.01 -24.78 42.94
N GLN A 224 19.41 -25.71 43.79
CA GLN A 224 19.45 -27.13 43.45
C GLN A 224 18.14 -27.79 43.87
N THR A 225 17.34 -28.20 42.90
CA THR A 225 16.29 -29.16 43.15
C THR A 225 16.84 -30.58 43.03
N THR A 226 16.08 -31.56 43.50
CA THR A 226 16.57 -32.92 43.48
C THR A 226 16.85 -33.37 42.05
N PRO A 227 17.91 -34.14 41.82
CA PRO A 227 18.23 -34.57 40.45
C PRO A 227 17.09 -35.37 39.85
N GLY A 228 16.90 -35.21 38.55
CA GLY A 228 15.72 -35.69 37.85
C GLY A 228 14.66 -34.63 37.68
N SER A 229 14.70 -33.57 38.48
CA SER A 229 13.85 -32.40 38.35
C SER A 229 14.71 -31.19 38.00
N GLY A 230 14.04 -30.11 37.64
CA GLY A 230 14.73 -28.91 37.22
C GLY A 230 14.02 -28.24 36.06
N VAL A 231 13.92 -26.91 36.10
CA VAL A 231 13.15 -26.18 35.08
C VAL A 231 13.90 -24.93 34.67
N PRO A 232 14.51 -24.90 33.49
CA PRO A 232 14.99 -23.62 32.95
C PRO A 232 13.84 -22.71 32.55
N VAL A 233 13.89 -21.46 32.98
CA VAL A 233 12.86 -20.48 32.64
C VAL A 233 13.39 -19.64 31.49
N VAL A 234 12.93 -19.94 30.28
CA VAL A 234 13.45 -19.31 29.06
C VAL A 234 12.44 -18.34 28.47
N ASP A 235 11.39 -17.97 29.20
CA ASP A 235 10.43 -17.01 28.69
C ASP A 235 11.08 -15.65 28.48
N SER A 236 11.97 -15.25 29.37
CA SER A 236 12.69 -13.99 29.22
C SER A 236 13.91 -14.10 28.30
N TYR A 237 14.29 -15.32 27.90
CA TYR A 237 15.40 -15.54 26.99
C TYR A 237 14.94 -15.73 25.54
N TYR A 238 14.07 -16.72 25.30
CA TYR A 238 13.64 -17.05 23.95
C TYR A 238 12.70 -16.02 23.35
N SER A 239 12.25 -15.04 24.14
CA SER A 239 11.34 -14.02 23.65
C SER A 239 12.07 -12.74 23.27
N LEU A 240 13.10 -12.36 24.02
CA LEU A 240 13.92 -11.23 23.63
C LEU A 240 14.84 -11.59 22.48
N LEU A 241 15.20 -12.85 22.34
CA LEU A 241 15.98 -13.35 21.22
C LEU A 241 15.12 -13.78 20.04
N MET A 242 13.79 -13.76 20.20
CA MET A 242 12.92 -14.31 19.18
C MET A 242 12.99 -13.56 17.85
N PRO A 243 12.91 -12.23 17.81
CA PRO A 243 12.87 -11.54 16.50
C PRO A 243 14.17 -11.62 15.73
N ILE A 244 15.29 -11.95 16.38
CA ILE A 244 16.56 -12.04 15.67
C ILE A 244 16.66 -13.34 14.88
N LEU A 245 15.90 -14.36 15.27
CA LEU A 245 15.98 -15.67 14.62
C LEU A 245 15.44 -15.65 13.20
N THR A 246 14.74 -14.60 12.79
CA THR A 246 14.37 -14.41 11.40
C THR A 246 15.11 -13.27 10.73
N LEU A 247 15.53 -12.26 11.51
CA LEU A 247 16.34 -11.19 10.94
C LEU A 247 17.67 -11.74 10.42
N THR A 248 18.31 -12.62 11.19
CA THR A 248 19.56 -13.24 10.79
C THR A 248 19.36 -14.60 10.14
N ARG A 249 18.12 -15.03 9.93
CA ARG A 249 17.81 -16.35 9.40
C ARG A 249 18.70 -17.41 10.05
N ALA A 250 18.53 -17.54 11.37
CA ALA A 250 19.36 -18.48 12.13
C ALA A 250 19.15 -19.90 11.63
N LEU A 251 17.90 -20.30 11.39
CA LEU A 251 17.62 -21.64 10.92
C LEU A 251 17.74 -21.70 9.40
N THR A 252 18.85 -21.22 8.87
CA THR A 252 19.16 -21.38 7.44
C THR A 252 19.97 -22.63 7.17
N ALA A 253 20.65 -23.17 8.18
CA ALA A 253 21.38 -24.42 8.08
C ALA A 253 20.48 -25.62 8.29
N GLU A 254 19.16 -25.45 8.16
CA GLU A 254 18.21 -26.53 8.32
C GLU A 254 17.74 -27.13 7.00
N SER A 255 17.91 -26.41 5.88
CA SER A 255 17.58 -26.93 4.57
C SER A 255 18.68 -27.76 3.96
N HIS A 256 19.80 -27.93 4.66
CA HIS A 256 20.92 -28.73 4.17
C HIS A 256 20.94 -30.08 4.85
N VAL A 257 21.30 -31.12 4.10
CA VAL A 257 21.47 -32.44 4.68
C VAL A 257 22.59 -32.38 5.72
N ASP A 258 22.35 -32.98 6.88
CA ASP A 258 23.30 -32.95 7.99
C ASP A 258 23.30 -31.58 8.66
N THR A 259 22.49 -30.65 8.15
CA THR A 259 22.33 -29.32 8.72
C THR A 259 23.68 -28.62 8.89
N ASP A 260 24.32 -28.36 7.75
CA ASP A 260 25.53 -27.56 7.72
C ASP A 260 25.55 -26.76 6.42
N LEU A 261 26.34 -25.68 6.42
CA LEU A 261 26.36 -24.74 5.31
C LEU A 261 27.20 -25.20 4.14
N THR A 262 27.82 -26.37 4.22
CA THR A 262 28.69 -26.88 3.17
C THR A 262 28.17 -28.19 2.60
N LYS A 263 26.85 -28.31 2.46
CA LYS A 263 26.25 -29.51 1.90
C LYS A 263 25.02 -29.17 1.08
N PRO A 264 24.60 -30.03 0.16
CA PRO A 264 23.48 -29.68 -0.72
C PRO A 264 22.17 -29.53 0.05
N TYR A 265 21.32 -28.66 -0.48
CA TYR A 265 19.99 -28.46 0.11
C TYR A 265 19.21 -29.76 0.09
N ILE A 266 18.42 -30.00 1.14
CA ILE A 266 17.62 -31.21 1.18
C ILE A 266 16.61 -31.18 0.05
N LYS A 267 16.46 -32.31 -0.64
CA LYS A 267 15.56 -32.44 -1.76
C LYS A 267 14.25 -33.05 -1.25
N TRP A 268 13.39 -32.21 -0.69
CA TRP A 268 12.09 -32.66 -0.21
C TRP A 268 11.23 -33.06 -1.40
N ASP A 269 10.61 -34.23 -1.32
CA ASP A 269 9.72 -34.67 -2.39
C ASP A 269 8.62 -33.63 -2.59
N LEU A 270 8.30 -33.36 -3.86
CA LEU A 270 7.36 -32.29 -4.17
C LEU A 270 6.00 -32.53 -3.51
N LEU A 271 5.61 -33.80 -3.39
CA LEU A 271 4.28 -34.12 -2.89
C LEU A 271 4.14 -33.94 -1.38
N LYS A 272 5.23 -33.68 -0.67
CA LYS A 272 5.17 -33.56 0.78
C LYS A 272 4.57 -32.21 1.15
N TYR A 273 3.33 -32.22 1.63
CA TYR A 273 2.64 -31.02 2.08
C TYR A 273 2.54 -30.91 3.59
N ASP A 274 2.48 -32.03 4.30
CA ASP A 274 2.34 -32.02 5.76
C ASP A 274 3.73 -32.14 6.38
N PHE A 275 4.19 -31.07 7.02
CA PHE A 275 5.49 -31.05 7.68
C PHE A 275 5.35 -31.02 9.19
N THR A 276 4.24 -31.52 9.73
CA THR A 276 4.02 -31.48 11.18
C THR A 276 5.16 -32.14 11.93
N GLU A 277 5.62 -33.30 11.43
CA GLU A 277 6.69 -34.01 12.13
C GLU A 277 7.98 -33.21 12.13
N GLU A 278 8.32 -32.59 10.99
CA GLU A 278 9.53 -31.77 10.94
C GLU A 278 9.40 -30.53 11.81
N ARG A 279 8.21 -29.93 11.85
CA ARG A 279 7.99 -28.80 12.73
C ARG A 279 8.20 -29.19 14.19
N LEU A 280 7.66 -30.34 14.59
CA LEU A 280 7.84 -30.80 15.96
C LEU A 280 9.30 -31.09 16.25
N LYS A 281 10.01 -31.69 15.30
CA LYS A 281 11.44 -31.93 15.50
C LYS A 281 12.20 -30.63 15.68
N LEU A 282 11.90 -29.62 14.86
CA LEU A 282 12.56 -28.33 15.00
C LEU A 282 12.26 -27.70 16.35
N PHE A 283 11.00 -27.76 16.78
CA PHE A 283 10.62 -27.19 18.06
C PHE A 283 11.33 -27.88 19.22
N ASP A 284 11.39 -29.22 19.19
CA ASP A 284 12.09 -29.95 20.23
C ASP A 284 13.61 -29.82 20.11
N ARG A 285 14.10 -29.36 18.97
CA ARG A 285 15.54 -29.22 18.78
C ARG A 285 16.03 -27.86 19.28
N TYR A 286 15.38 -26.77 18.87
CA TYR A 286 15.83 -25.44 19.24
C TYR A 286 15.06 -24.85 20.41
N PHE A 287 13.78 -25.14 20.55
CA PHE A 287 12.95 -24.58 21.60
C PHE A 287 12.40 -25.68 22.48
N LYS A 288 13.27 -26.61 22.89
CA LYS A 288 12.82 -27.80 23.62
C LYS A 288 12.09 -27.43 24.90
N TYR A 289 12.63 -26.48 25.66
CA TYR A 289 12.13 -26.16 27.00
C TYR A 289 11.14 -25.00 27.01
N TRP A 290 10.58 -24.65 25.86
CA TRP A 290 9.50 -23.66 25.85
C TRP A 290 8.32 -24.22 26.64
N ASP A 291 7.98 -23.55 27.74
CA ASP A 291 7.05 -24.09 28.72
C ASP A 291 5.63 -24.28 28.18
N GLN A 292 5.28 -23.62 27.09
CA GLN A 292 3.91 -23.63 26.60
C GLN A 292 3.75 -24.64 25.48
N THR A 293 2.49 -25.07 25.28
CA THR A 293 2.19 -26.10 24.30
C THR A 293 2.25 -25.51 22.90
N TYR A 294 3.13 -26.06 22.07
CA TYR A 294 3.26 -25.63 20.68
C TYR A 294 2.48 -26.58 19.78
N HIS A 295 1.49 -26.04 19.07
CA HIS A 295 0.70 -26.82 18.14
C HIS A 295 1.20 -26.56 16.73
N PRO A 296 1.84 -27.52 16.05
CA PRO A 296 2.34 -27.24 14.70
C PRO A 296 1.25 -26.70 13.80
N ASN A 297 0.15 -27.44 13.68
CA ASN A 297 -1.05 -26.90 13.06
C ASN A 297 -1.80 -26.03 14.05
N CYS A 298 -2.16 -24.82 13.63
CA CYS A 298 -2.89 -23.90 14.48
C CYS A 298 -4.39 -24.15 14.46
N VAL A 299 -4.86 -25.12 13.66
CA VAL A 299 -6.27 -25.49 13.71
C VAL A 299 -6.61 -26.15 15.04
N ASN A 300 -5.61 -26.64 15.77
CA ASN A 300 -5.81 -27.25 17.08
C ASN A 300 -5.54 -26.27 18.21
N CYS A 301 -5.25 -25.01 17.90
CA CYS A 301 -4.96 -24.03 18.93
C CYS A 301 -6.22 -23.67 19.72
N LEU A 302 -6.01 -23.20 20.94
CA LEU A 302 -7.12 -23.01 21.88
C LEU A 302 -7.85 -21.70 21.61
N ASP A 303 -7.16 -20.56 21.73
CA ASP A 303 -7.78 -19.25 21.64
C ASP A 303 -6.90 -18.35 20.76
N ASP A 304 -7.38 -17.13 20.53
CA ASP A 304 -6.65 -16.20 19.68
C ASP A 304 -5.25 -15.90 20.21
N ARG A 305 -5.05 -15.98 21.53
CA ARG A 305 -3.72 -15.81 22.09
C ARG A 305 -2.86 -17.06 21.91
N CYS A 306 -3.47 -18.19 21.56
CA CYS A 306 -2.73 -19.39 21.19
C CYS A 306 -2.50 -19.50 19.70
N ILE A 307 -3.51 -19.17 18.88
CA ILE A 307 -3.31 -19.08 17.43
C ILE A 307 -2.22 -18.06 17.10
N LEU A 308 -1.89 -17.18 18.04
CA LEU A 308 -0.85 -16.19 17.86
C LEU A 308 0.49 -16.63 18.42
N HIS A 309 0.51 -17.66 19.27
CA HIS A 309 1.76 -18.15 19.83
C HIS A 309 2.40 -19.18 18.93
N CYS A 310 1.62 -20.16 18.46
CA CYS A 310 2.13 -21.21 17.60
C CYS A 310 2.24 -20.77 16.15
N ALA A 311 1.58 -19.66 15.77
CA ALA A 311 1.81 -19.07 14.46
C ALA A 311 3.09 -18.27 14.41
N ASN A 312 3.58 -17.81 15.56
CA ASN A 312 4.85 -17.11 15.61
C ASN A 312 6.03 -18.06 15.45
N PHE A 313 5.84 -19.34 15.77
CA PHE A 313 6.86 -20.35 15.53
C PHE A 313 6.81 -20.90 14.11
N ASN A 314 5.64 -20.92 13.48
CA ASN A 314 5.52 -21.38 12.12
C ASN A 314 6.07 -20.40 11.10
N VAL A 315 6.29 -19.14 11.50
CA VAL A 315 7.00 -18.19 10.63
C VAL A 315 8.51 -18.38 10.73
N LEU A 316 8.99 -19.12 11.71
CA LEU A 316 10.41 -19.45 11.83
C LEU A 316 10.74 -20.86 11.34
N PHE A 317 9.85 -21.81 11.56
CA PHE A 317 10.05 -23.17 11.08
C PHE A 317 9.65 -23.34 9.62
N SER A 318 8.89 -22.41 9.07
CA SER A 318 8.45 -22.49 7.68
C SER A 318 9.39 -21.78 6.72
N THR A 319 10.47 -21.19 7.21
CA THR A 319 11.55 -20.71 6.36
C THR A 319 12.50 -21.83 5.98
N VAL A 320 12.27 -23.04 6.48
CA VAL A 320 13.10 -24.19 6.17
C VAL A 320 12.51 -25.03 5.05
N PHE A 321 11.18 -25.16 5.03
CA PHE A 321 10.52 -26.03 4.07
C PHE A 321 10.47 -25.35 2.70
N PRO A 322 10.39 -26.13 1.61
CA PRO A 322 10.47 -25.53 0.29
C PRO A 322 9.28 -24.62 0.02
N PRO A 323 9.47 -23.54 -0.74
CA PRO A 323 8.38 -22.59 -0.97
C PRO A 323 7.29 -23.13 -1.89
N THR A 324 7.49 -24.29 -2.50
CA THR A 324 6.50 -24.88 -3.40
C THR A 324 5.54 -25.82 -2.66
N SER A 325 5.73 -26.03 -1.36
CA SER A 325 4.85 -26.89 -0.60
C SER A 325 3.67 -26.14 0.00
N PHE A 326 3.75 -24.82 0.10
CA PHE A 326 2.67 -24.02 0.67
C PHE A 326 1.61 -23.77 -0.39
N GLY A 327 0.67 -22.87 -0.10
CA GLY A 327 -0.41 -22.59 -1.00
C GLY A 327 -1.45 -23.68 -0.96
N PRO A 328 -2.48 -23.57 -1.80
CA PRO A 328 -3.59 -24.52 -1.73
C PRO A 328 -3.12 -25.95 -1.94
N LEU A 329 -3.76 -26.87 -1.22
CA LEU A 329 -3.54 -28.30 -1.40
C LEU A 329 -4.64 -28.84 -2.29
N VAL A 330 -4.26 -29.45 -3.40
CA VAL A 330 -5.20 -29.83 -4.45
C VAL A 330 -5.56 -31.29 -4.31
N ARG A 331 -6.85 -31.57 -4.48
CA ARG A 331 -7.39 -32.92 -4.43
C ARG A 331 -8.36 -33.09 -5.59
N LYS A 332 -8.46 -34.32 -6.08
CA LYS A 332 -9.28 -34.61 -7.25
C LYS A 332 -10.67 -35.06 -6.80
N ILE A 333 -11.62 -34.14 -6.86
CA ILE A 333 -13.02 -34.46 -6.61
C ILE A 333 -13.64 -34.88 -7.93
N PHE A 334 -14.84 -35.47 -7.84
CA PHE A 334 -15.56 -35.95 -9.03
C PHE A 334 -16.95 -35.32 -9.05
N VAL A 335 -17.20 -34.46 -10.03
CA VAL A 335 -18.51 -33.83 -10.19
C VAL A 335 -19.16 -34.40 -11.45
N ASP A 336 -20.35 -34.99 -11.30
CA ASP A 336 -21.09 -35.58 -12.40
C ASP A 336 -20.26 -36.61 -13.17
N GLY A 337 -19.16 -37.07 -12.58
CA GLY A 337 -18.27 -38.01 -13.25
C GLY A 337 -16.95 -37.38 -13.63
N VAL A 338 -16.97 -36.15 -14.13
CA VAL A 338 -15.72 -35.51 -14.56
C VAL A 338 -14.85 -35.21 -13.34
N PRO A 339 -13.55 -35.50 -13.37
CA PRO A 339 -12.69 -35.18 -12.22
C PRO A 339 -12.25 -33.73 -12.23
N PHE A 340 -12.74 -32.96 -11.27
CA PHE A 340 -12.23 -31.63 -11.02
C PHE A 340 -11.08 -31.72 -10.02
N VAL A 341 -10.24 -30.69 -10.03
CA VAL A 341 -9.19 -30.53 -9.03
C VAL A 341 -9.49 -29.27 -8.24
N VAL A 342 -9.59 -29.41 -6.92
CA VAL A 342 -10.04 -28.32 -6.05
C VAL A 342 -9.13 -28.23 -4.84
N SER A 343 -9.10 -27.04 -4.24
CA SER A 343 -8.28 -26.80 -3.05
C SER A 343 -9.05 -27.30 -1.83
N THR A 344 -8.70 -28.49 -1.36
CA THR A 344 -9.31 -29.08 -0.16
C THR A 344 -8.44 -28.86 1.06
N GLY A 345 -7.76 -27.72 1.13
CA GLY A 345 -6.94 -27.39 2.26
C GLY A 345 -6.05 -26.21 1.94
N TYR A 346 -5.10 -25.97 2.82
CA TYR A 346 -4.13 -24.90 2.61
C TYR A 346 -2.98 -25.08 3.60
N HIS A 347 -1.76 -25.07 3.10
CA HIS A 347 -0.58 -25.19 3.95
C HIS A 347 -0.07 -23.77 4.19
N PHE A 348 -0.62 -23.13 5.21
CA PHE A 348 -0.22 -21.77 5.55
C PHE A 348 1.21 -21.73 6.04
N ARG A 349 1.90 -20.65 5.71
CA ARG A 349 3.24 -20.44 6.23
C ARG A 349 3.23 -20.20 7.74
N GLU A 350 2.09 -19.79 8.30
CA GLU A 350 1.95 -19.52 9.72
C GLU A 350 0.97 -20.47 10.40
N LEU A 351 -0.22 -20.62 9.87
CA LEU A 351 -1.26 -21.44 10.51
C LEU A 351 -1.08 -22.93 10.26
N GLY A 352 0.08 -23.37 9.77
CA GLY A 352 0.27 -24.78 9.53
C GLY A 352 -0.65 -25.30 8.44
N VAL A 353 -0.95 -26.59 8.53
CA VAL A 353 -1.80 -27.25 7.54
C VAL A 353 -3.25 -27.18 8.03
N VAL A 354 -4.13 -26.71 7.15
CA VAL A 354 -5.56 -26.60 7.45
C VAL A 354 -6.31 -27.38 6.39
N HIS A 355 -7.21 -28.26 6.84
CA HIS A 355 -8.02 -29.09 5.95
C HIS A 355 -9.47 -28.67 6.02
N ASN A 356 -10.11 -28.51 4.87
CA ASN A 356 -11.52 -28.19 4.84
C ASN A 356 -12.33 -29.23 5.61
N GLN A 357 -13.26 -28.76 6.43
CA GLN A 357 -14.04 -29.68 7.25
C GLN A 357 -14.89 -30.61 6.38
N ASP A 358 -15.51 -30.07 5.33
CA ASP A 358 -16.40 -30.85 4.46
C ASP A 358 -15.84 -30.80 3.04
N VAL A 359 -14.96 -31.74 2.73
CA VAL A 359 -14.48 -31.92 1.36
C VAL A 359 -15.52 -32.77 0.62
N ASN A 360 -16.20 -32.17 -0.34
CA ASN A 360 -17.31 -32.82 -1.04
C ASN A 360 -16.84 -33.48 -2.33
N LEU A 361 -15.99 -34.49 -2.18
CA LEU A 361 -15.61 -35.30 -3.33
C LEU A 361 -16.76 -36.23 -3.71
N HIS A 362 -16.76 -36.66 -4.96
CA HIS A 362 -17.88 -37.42 -5.52
C HIS A 362 -19.18 -36.62 -5.40
N SER A 363 -19.10 -35.33 -5.69
CA SER A 363 -20.28 -34.47 -5.61
C SER A 363 -21.29 -34.86 -6.67
N SER A 364 -22.43 -34.16 -6.67
CA SER A 364 -23.52 -34.44 -7.59
C SER A 364 -23.70 -33.36 -8.64
N ARG A 365 -23.80 -32.10 -8.22
CA ARG A 365 -24.00 -31.01 -9.17
C ARG A 365 -23.49 -29.73 -8.53
N LEU A 366 -23.19 -28.74 -9.37
CA LEU A 366 -22.64 -27.47 -8.94
C LEU A 366 -23.63 -26.36 -9.25
N SER A 367 -24.04 -25.63 -8.22
CA SER A 367 -24.88 -24.46 -8.38
C SER A 367 -24.02 -23.21 -8.29
N PHE A 368 -24.68 -22.04 -8.36
CA PHE A 368 -23.96 -20.78 -8.51
C PHE A 368 -22.86 -20.62 -7.46
N LYS A 369 -23.18 -20.93 -6.20
CA LYS A 369 -22.18 -20.80 -5.14
C LYS A 369 -21.04 -21.78 -5.34
N GLU A 370 -21.35 -23.02 -5.75
CA GLU A 370 -20.31 -24.01 -5.98
C GLU A 370 -19.39 -23.57 -7.10
N LEU A 371 -19.96 -23.08 -8.20
CA LEU A 371 -19.13 -22.58 -9.30
C LEU A 371 -18.31 -21.39 -8.86
N LEU A 372 -18.87 -20.52 -8.01
CA LEU A 372 -18.11 -19.39 -7.50
C LEU A 372 -16.89 -19.86 -6.72
N VAL A 373 -17.09 -20.80 -5.80
CA VAL A 373 -15.95 -21.25 -4.99
C VAL A 373 -14.93 -21.98 -5.84
N TYR A 374 -15.37 -22.71 -6.87
CA TYR A 374 -14.43 -23.44 -7.71
C TYR A 374 -13.67 -22.53 -8.67
N ALA A 375 -14.30 -21.44 -9.14
CA ALA A 375 -13.62 -20.52 -10.04
C ALA A 375 -12.80 -19.46 -9.32
N ALA A 376 -13.08 -19.21 -8.04
CA ALA A 376 -12.30 -18.23 -7.30
C ALA A 376 -10.92 -18.77 -6.96
N ASP A 377 -10.84 -20.02 -6.52
CA ASP A 377 -9.57 -20.56 -6.07
C ASP A 377 -8.65 -20.82 -7.27
N PRO A 378 -7.34 -20.77 -7.05
CA PRO A 378 -6.41 -20.94 -8.17
C PRO A 378 -6.13 -22.39 -8.52
N ALA A 379 -6.95 -23.32 -8.02
CA ALA A 379 -6.70 -24.73 -8.25
C ALA A 379 -6.57 -25.03 -9.74
N MET A 380 -7.66 -24.84 -10.49
CA MET A 380 -7.64 -25.13 -11.92
C MET A 380 -6.98 -24.01 -12.72
N HIS A 381 -6.73 -22.86 -12.11
CA HIS A 381 -6.00 -21.80 -12.79
C HIS A 381 -4.53 -22.14 -12.91
N ALA A 382 -3.93 -22.71 -11.86
CA ALA A 382 -2.54 -23.13 -11.89
C ALA A 382 -2.38 -24.61 -12.26
N ALA A 383 -3.46 -25.36 -12.30
CA ALA A 383 -3.42 -26.74 -12.77
C ALA A 383 -3.48 -26.82 -14.29
N SER A 384 -4.10 -25.85 -14.95
CA SER A 384 -4.12 -25.73 -16.41
C SER A 384 -3.44 -24.42 -16.74
N GLY A 385 -2.11 -24.46 -16.84
CA GLY A 385 -1.35 -23.25 -17.07
C GLY A 385 0.12 -23.52 -17.27
N ASN A 386 0.72 -22.89 -18.28
CA ASN A 386 2.11 -23.13 -18.59
C ASN A 386 2.99 -22.79 -17.40
N LEU A 387 3.97 -23.64 -17.14
CA LEU A 387 4.95 -23.32 -16.11
C LEU A 387 5.62 -21.99 -16.44
N LEU A 388 5.84 -21.17 -15.42
CA LEU A 388 6.35 -19.82 -15.60
C LEU A 388 7.59 -19.62 -14.76
N LEU A 389 8.60 -18.98 -15.35
CA LEU A 389 9.84 -18.65 -14.67
C LEU A 389 10.14 -17.17 -14.86
N ASP A 390 9.13 -16.33 -14.61
CA ASP A 390 9.32 -14.88 -14.70
C ASP A 390 10.48 -14.47 -13.82
N LYS A 391 11.56 -13.99 -14.43
CA LYS A 391 12.77 -13.60 -13.71
C LYS A 391 12.83 -12.10 -13.44
N ARG A 392 11.82 -11.34 -13.82
CA ARG A 392 11.74 -9.95 -13.41
C ARG A 392 11.52 -9.84 -11.90
N THR A 393 10.71 -10.74 -11.35
CA THR A 393 10.40 -10.74 -9.92
C THR A 393 11.22 -11.79 -9.20
N THR A 394 11.60 -11.49 -7.96
CA THR A 394 12.22 -12.45 -7.07
C THR A 394 11.19 -13.22 -6.24
N CYS A 395 9.92 -13.19 -6.66
CA CYS A 395 8.84 -13.87 -5.95
C CYS A 395 8.38 -15.07 -6.75
N PHE A 396 8.28 -16.22 -6.08
CA PHE A 396 7.91 -17.47 -6.74
C PHE A 396 6.76 -17.27 -7.71
N SER A 397 6.92 -17.78 -8.92
CA SER A 397 5.94 -17.63 -9.99
C SER A 397 5.32 -19.00 -10.25
N VAL A 398 4.00 -19.10 -10.06
CA VAL A 398 3.34 -20.40 -10.15
C VAL A 398 3.14 -20.81 -11.60
N ALA A 399 2.41 -20.02 -12.37
CA ALA A 399 2.06 -20.40 -13.74
C ALA A 399 1.75 -19.15 -14.54
N ALA A 400 1.60 -19.34 -15.84
CA ALA A 400 1.24 -18.28 -16.77
C ALA A 400 -0.01 -18.71 -17.51
N LEU A 401 -1.12 -18.02 -17.26
CA LEU A 401 -2.41 -18.43 -17.81
C LEU A 401 -2.43 -18.28 -19.32
N THR A 402 -1.88 -17.19 -19.84
CA THR A 402 -1.89 -16.93 -21.27
C THR A 402 -0.59 -17.41 -21.92
N ASN A 403 -0.60 -17.45 -23.24
CA ASN A 403 0.58 -17.90 -23.99
C ASN A 403 1.61 -16.81 -24.18
N ASN A 404 1.26 -15.54 -23.92
CA ASN A 404 2.19 -14.43 -24.04
C ASN A 404 2.00 -13.49 -22.86
N VAL A 405 3.11 -12.94 -22.36
CA VAL A 405 3.05 -12.04 -21.22
C VAL A 405 2.35 -10.75 -21.64
N ALA A 406 1.74 -10.09 -20.67
CA ALA A 406 1.02 -8.84 -20.88
C ALA A 406 1.81 -7.70 -20.25
N PHE A 407 2.15 -6.70 -21.07
CA PHE A 407 2.86 -5.51 -20.62
C PHE A 407 1.92 -4.32 -20.65
N GLN A 408 1.79 -3.64 -19.52
CA GLN A 408 0.89 -2.50 -19.39
C GLN A 408 1.69 -1.26 -19.06
N THR A 409 1.45 -0.20 -19.82
CA THR A 409 2.13 1.08 -19.66
C THR A 409 1.21 2.09 -19.00
N VAL A 410 1.82 3.12 -18.41
CA VAL A 410 1.09 4.18 -17.73
C VAL A 410 1.12 5.43 -18.60
N LYS A 411 -0.05 6.00 -18.86
CA LYS A 411 -0.15 7.15 -19.74
C LYS A 411 0.39 8.41 -19.05
N PRO A 412 0.72 9.44 -19.84
CA PRO A 412 1.38 10.62 -19.27
C PRO A 412 0.47 11.61 -18.58
N GLY A 413 -0.83 11.62 -18.86
CA GLY A 413 -1.73 12.55 -18.20
C GLY A 413 -1.90 13.85 -18.95
N ASN A 414 -3.13 14.18 -19.32
CA ASN A 414 -3.39 15.35 -20.14
C ASN A 414 -2.97 16.62 -19.41
N PHE A 415 -2.99 17.73 -20.15
CA PHE A 415 -2.53 19.02 -19.65
C PHE A 415 -3.59 20.07 -19.93
N ASN A 416 -3.93 20.85 -18.91
CA ASN A 416 -4.99 21.87 -19.03
C ASN A 416 -4.31 23.19 -19.39
N LYS A 417 -4.26 23.48 -20.69
CA LYS A 417 -3.57 24.69 -21.15
C LYS A 417 -4.27 25.94 -20.65
N ASP A 418 -5.61 25.92 -20.62
CA ASP A 418 -6.34 27.12 -20.22
C ASP A 418 -5.98 27.54 -18.80
N PHE A 419 -5.95 26.59 -17.87
CA PHE A 419 -5.67 26.93 -16.49
C PHE A 419 -4.23 27.39 -16.31
N TYR A 420 -3.30 26.78 -17.05
CA TYR A 420 -1.91 27.21 -16.96
C TYR A 420 -1.75 28.63 -17.51
N ASP A 421 -2.43 28.94 -18.62
CA ASP A 421 -2.41 30.30 -19.14
C ASP A 421 -2.99 31.29 -18.14
N PHE A 422 -4.11 30.92 -17.51
CA PHE A 422 -4.72 31.79 -16.51
C PHE A 422 -3.77 32.02 -15.34
N ALA A 423 -3.16 30.95 -14.82
CA ALA A 423 -2.28 31.07 -13.67
C ALA A 423 -1.06 31.93 -14.00
N VAL A 424 -0.46 31.72 -15.18
CA VAL A 424 0.70 32.51 -15.54
C VAL A 424 0.31 33.96 -15.86
N SER A 425 -0.95 34.19 -16.22
CA SER A 425 -1.44 35.56 -16.41
C SER A 425 -1.84 36.21 -15.10
N LYS A 426 -1.99 35.45 -14.02
CA LYS A 426 -2.28 35.99 -12.71
C LYS A 426 -1.05 36.08 -11.82
N GLY A 427 0.14 35.89 -12.38
CA GLY A 427 1.38 36.07 -11.65
C GLY A 427 1.98 34.81 -11.07
N PHE A 428 1.39 33.65 -11.31
CA PHE A 428 1.92 32.40 -10.80
C PHE A 428 2.96 31.83 -11.77
N PHE A 429 3.56 30.72 -11.35
CA PHE A 429 4.53 29.99 -12.17
C PHE A 429 5.64 30.93 -12.65
N LYS A 430 6.38 31.43 -11.65
CA LYS A 430 7.52 32.31 -11.92
C LYS A 430 8.78 31.70 -11.32
N GLU A 431 9.90 32.41 -11.41
CA GLU A 431 11.16 31.95 -10.85
C GLU A 431 11.36 32.60 -9.48
N GLY A 432 11.71 31.79 -8.49
CA GLY A 432 11.84 32.26 -7.13
C GLY A 432 10.57 32.20 -6.32
N SER A 433 9.45 31.78 -6.91
CA SER A 433 8.21 31.66 -6.18
C SER A 433 8.21 30.40 -5.31
N SER A 434 7.68 30.53 -4.10
CA SER A 434 7.58 29.37 -3.22
C SER A 434 6.63 28.33 -3.76
N VAL A 435 5.53 28.77 -4.38
CA VAL A 435 4.53 27.86 -4.94
C VAL A 435 4.98 27.52 -6.35
N GLU A 436 5.31 26.24 -6.57
CA GLU A 436 5.72 25.75 -7.88
C GLU A 436 5.14 24.36 -8.10
N LEU A 437 5.03 24.00 -9.38
CA LEU A 437 4.47 22.69 -9.72
C LEU A 437 5.41 21.57 -9.27
N LYS A 438 4.87 20.63 -8.50
CA LYS A 438 5.62 19.45 -8.10
C LYS A 438 4.77 18.19 -8.14
N HIS A 439 3.54 18.25 -8.65
CA HIS A 439 2.66 17.09 -8.75
C HIS A 439 2.30 16.90 -10.21
N PHE A 440 2.79 15.81 -10.81
CA PHE A 440 2.55 15.50 -12.21
C PHE A 440 2.05 14.07 -12.34
N PHE A 441 1.37 13.81 -13.46
CA PHE A 441 1.00 12.45 -13.83
C PHE A 441 2.21 11.80 -14.49
N PHE A 442 2.95 11.01 -13.72
CA PHE A 442 4.12 10.34 -14.26
C PHE A 442 3.71 9.16 -15.14
N ALA A 443 4.61 8.77 -16.02
CA ALA A 443 4.39 7.68 -16.96
C ALA A 443 5.45 6.60 -16.76
N GLN A 444 5.07 5.36 -17.06
CA GLN A 444 5.90 4.20 -16.82
C GLN A 444 5.90 3.30 -18.04
N ASP A 445 6.95 2.49 -18.17
CA ASP A 445 7.10 1.59 -19.30
C ASP A 445 6.21 0.37 -19.10
N GLY A 446 6.40 -0.66 -19.93
CA GLY A 446 5.58 -1.85 -19.87
C GLY A 446 5.85 -2.74 -18.67
N ASN A 447 6.93 -2.47 -17.92
CA ASN A 447 7.25 -3.22 -16.72
C ASN A 447 6.73 -2.52 -15.46
N ALA A 448 5.66 -1.74 -15.58
CA ALA A 448 5.18 -0.97 -14.44
C ALA A 448 4.59 -1.88 -13.36
N ALA A 449 3.56 -2.64 -13.71
CA ALA A 449 2.86 -3.44 -12.72
C ALA A 449 3.79 -4.46 -12.07
N ILE A 450 4.60 -5.14 -12.87
CA ILE A 450 5.48 -6.15 -12.32
C ILE A 450 6.57 -5.51 -11.48
N SER A 451 7.11 -4.38 -11.90
CA SER A 451 8.14 -3.70 -11.12
C SER A 451 7.59 -3.19 -9.79
N ASP A 452 6.32 -2.79 -9.76
CA ASP A 452 5.72 -2.37 -8.50
C ASP A 452 5.43 -3.56 -7.59
N TYR A 453 4.91 -4.65 -8.17
CA TYR A 453 4.69 -5.86 -7.40
C TYR A 453 5.99 -6.44 -6.85
N ASP A 454 7.10 -6.21 -7.52
CA ASP A 454 8.39 -6.70 -7.08
C ASP A 454 8.85 -6.04 -5.79
N TYR A 455 8.19 -4.98 -5.36
CA TYR A 455 8.51 -4.32 -4.10
C TYR A 455 8.14 -5.17 -2.90
N TYR A 456 7.43 -6.28 -3.10
CA TYR A 456 7.19 -7.21 -2.00
C TYR A 456 8.46 -7.86 -1.48
N ARG A 457 9.57 -7.75 -2.22
CA ARG A 457 10.84 -8.29 -1.74
C ARG A 457 11.26 -7.67 -0.42
N TYR A 458 10.74 -6.50 -0.07
CA TYR A 458 10.95 -5.92 1.25
C TYR A 458 10.21 -6.67 2.35
N ASN A 459 9.31 -7.58 1.98
CA ASN A 459 8.49 -8.32 2.95
C ASN A 459 9.24 -9.58 3.36
N LEU A 460 10.14 -9.43 4.32
CA LEU A 460 10.86 -10.56 4.85
C LEU A 460 9.95 -11.38 5.77
N PRO A 461 10.23 -12.67 5.94
CA PRO A 461 9.46 -13.46 6.91
C PRO A 461 9.89 -13.13 8.33
N THR A 462 9.05 -12.40 9.06
CA THR A 462 9.41 -11.84 10.36
C THR A 462 8.76 -12.64 11.48
N MET A 463 9.59 -13.18 12.37
CA MET A 463 9.14 -13.68 13.65
C MET A 463 9.23 -12.55 14.67
N CYS A 464 8.22 -12.44 15.52
CA CYS A 464 8.10 -11.32 16.43
C CYS A 464 8.16 -11.81 17.88
N ASP A 465 8.69 -10.96 18.75
CA ASP A 465 8.68 -11.24 20.17
C ASP A 465 7.26 -11.58 20.61
N ILE A 466 7.08 -12.79 21.11
CA ILE A 466 5.72 -13.29 21.36
C ILE A 466 5.23 -12.89 22.73
N ARG A 467 6.06 -12.99 23.77
CA ARG A 467 5.61 -12.57 25.10
C ARG A 467 5.29 -11.09 25.14
N GLN A 468 5.87 -10.31 24.23
CA GLN A 468 5.55 -8.88 24.15
C GLN A 468 4.31 -8.63 23.31
N LEU A 469 4.15 -9.38 22.21
CA LEU A 469 3.00 -9.18 21.34
C LEU A 469 1.72 -9.64 22.02
N LEU A 470 1.80 -10.68 22.86
CA LEU A 470 0.62 -11.18 23.54
C LEU A 470 0.09 -10.20 24.60
N PHE A 471 0.86 -9.18 24.94
CA PHE A 471 0.44 -8.09 25.81
C PHE A 471 0.07 -6.83 25.02
N VAL A 472 0.86 -6.53 24.00
CA VAL A 472 0.54 -5.41 23.12
C VAL A 472 -0.80 -5.64 22.43
N VAL A 473 -1.17 -6.89 22.18
CA VAL A 473 -2.46 -7.17 21.58
C VAL A 473 -3.59 -6.85 22.56
N GLU A 474 -3.38 -7.16 23.84
CA GLU A 474 -4.39 -6.83 24.84
C GLU A 474 -4.57 -5.32 24.93
N VAL A 475 -3.45 -4.57 24.93
CA VAL A 475 -3.56 -3.12 25.02
C VAL A 475 -4.19 -2.55 23.75
N VAL A 476 -3.84 -3.10 22.59
CA VAL A 476 -4.40 -2.61 21.33
C VAL A 476 -5.90 -2.88 21.27
N ASP A 477 -6.34 -4.02 21.81
CA ASP A 477 -7.77 -4.25 21.89
C ASP A 477 -8.43 -3.30 22.90
N LYS A 478 -7.72 -2.96 23.98
CA LYS A 478 -8.21 -1.92 24.87
C LYS A 478 -8.46 -0.64 24.09
N TYR A 479 -7.58 -0.29 23.16
CA TYR A 479 -7.84 0.87 22.31
C TYR A 479 -9.09 0.67 21.46
N PHE A 480 -9.46 -0.58 21.18
CA PHE A 480 -10.65 -0.90 20.41
C PHE A 480 -11.79 -1.40 21.28
N ASP A 481 -11.72 -1.17 22.59
CA ASP A 481 -12.70 -1.72 23.52
C ASP A 481 -14.03 -0.97 23.49
N CYS A 482 -14.06 0.22 22.90
CA CYS A 482 -15.25 1.07 22.93
C CYS A 482 -16.16 0.88 21.72
N TYR A 483 -15.87 -0.08 20.85
CA TYR A 483 -16.66 -0.33 19.66
C TYR A 483 -17.57 -1.53 19.86
N ASP A 484 -18.54 -1.67 18.95
CA ASP A 484 -19.48 -2.79 18.94
C ASP A 484 -19.37 -3.48 17.59
N GLY A 485 -18.86 -4.70 17.58
CA GLY A 485 -18.63 -5.44 16.35
C GLY A 485 -19.10 -6.87 16.46
N GLY A 486 -19.27 -7.49 15.30
CA GLY A 486 -19.74 -8.86 15.26
C GLY A 486 -20.04 -9.26 13.82
N CYS A 487 -20.80 -10.35 13.68
CA CYS A 487 -21.19 -10.87 12.38
C CYS A 487 -22.60 -10.40 12.06
N ILE A 488 -22.84 -10.05 10.80
CA ILE A 488 -24.13 -9.57 10.35
C ILE A 488 -24.60 -10.42 9.18
N ASN A 489 -25.90 -10.40 8.95
CA ASN A 489 -26.49 -11.17 7.87
C ASN A 489 -26.22 -10.50 6.53
N ALA A 490 -26.57 -11.20 5.45
CA ALA A 490 -26.32 -10.68 4.12
C ALA A 490 -27.15 -9.44 3.82
N ASN A 491 -28.33 -9.31 4.44
CA ASN A 491 -29.20 -8.18 4.21
C ASN A 491 -28.85 -6.97 5.05
N GLN A 492 -27.84 -7.08 5.91
CA GLN A 492 -27.39 -5.96 6.74
C GLN A 492 -26.05 -5.40 6.27
N VAL A 493 -25.57 -5.82 5.11
CA VAL A 493 -24.27 -5.39 4.59
C VAL A 493 -24.47 -4.17 3.72
N ILE A 494 -23.64 -3.15 3.94
CA ILE A 494 -23.68 -1.91 3.18
C ILE A 494 -22.43 -1.86 2.31
N VAL A 495 -22.63 -1.76 1.00
CA VAL A 495 -21.54 -1.69 0.03
C VAL A 495 -21.71 -0.41 -0.77
N ASN A 496 -20.66 0.42 -0.80
CA ASN A 496 -20.77 1.74 -1.40
C ASN A 496 -20.93 1.65 -2.91
N ASN A 497 -19.94 1.10 -3.59
CA ASN A 497 -19.93 1.00 -5.05
C ASN A 497 -20.07 -0.46 -5.45
N LEU A 498 -21.17 -0.79 -6.13
CA LEU A 498 -21.33 -2.09 -6.76
C LEU A 498 -20.85 -2.09 -8.21
N ASP A 499 -20.33 -0.98 -8.69
CA ASP A 499 -19.84 -0.84 -10.06
C ASP A 499 -18.31 -0.93 -10.11
N LYS A 500 -17.74 -1.80 -9.28
CA LYS A 500 -16.31 -1.97 -9.17
C LYS A 500 -15.93 -3.39 -9.57
N SER A 501 -14.64 -3.61 -9.79
CA SER A 501 -14.16 -4.90 -10.25
C SER A 501 -14.45 -5.98 -9.21
N ALA A 502 -14.71 -7.19 -9.71
CA ALA A 502 -14.92 -8.36 -8.86
C ALA A 502 -13.66 -9.17 -8.66
N GLY A 503 -12.54 -8.77 -9.26
CA GLY A 503 -11.31 -9.52 -9.15
C GLY A 503 -11.25 -10.66 -10.15
N PHE A 504 -10.10 -11.31 -10.18
CA PHE A 504 -9.89 -12.40 -11.13
C PHE A 504 -10.43 -13.71 -10.57
N PRO A 505 -11.12 -14.54 -11.37
CA PRO A 505 -11.51 -14.37 -12.78
C PRO A 505 -12.87 -13.74 -12.97
N PHE A 506 -13.45 -13.20 -11.90
CA PHE A 506 -14.82 -12.70 -11.96
C PHE A 506 -14.93 -11.40 -12.74
N ASN A 507 -13.83 -10.66 -12.89
CA ASN A 507 -13.85 -9.44 -13.70
C ASN A 507 -13.99 -9.74 -15.19
N LYS A 508 -13.90 -11.00 -15.59
CA LYS A 508 -14.04 -11.34 -17.00
C LYS A 508 -15.50 -11.26 -17.45
N TRP A 509 -16.45 -11.46 -16.54
CA TRP A 509 -17.86 -11.54 -16.91
C TRP A 509 -18.70 -10.38 -16.40
N GLY A 510 -18.25 -9.63 -15.41
CA GLY A 510 -19.06 -8.52 -14.92
C GLY A 510 -18.42 -7.85 -13.73
N LYS A 511 -19.15 -6.89 -13.18
CA LYS A 511 -18.72 -6.13 -12.02
C LYS A 511 -19.24 -6.76 -10.74
N ALA A 512 -18.82 -6.18 -9.61
CA ALA A 512 -19.27 -6.69 -8.31
C ALA A 512 -20.80 -6.63 -8.18
N ARG A 513 -21.46 -5.78 -8.95
CA ARG A 513 -22.93 -5.73 -8.91
C ARG A 513 -23.51 -7.07 -9.35
N LEU A 514 -22.97 -7.65 -10.42
CA LEU A 514 -23.50 -8.90 -10.96
C LEU A 514 -23.29 -10.08 -10.03
N TYR A 515 -22.36 -10.00 -9.10
CA TYR A 515 -22.11 -11.08 -8.14
C TYR A 515 -22.70 -10.79 -6.77
N TYR A 516 -23.08 -9.54 -6.50
CA TYR A 516 -23.82 -9.23 -5.28
C TYR A 516 -25.32 -9.35 -5.45
N ASP A 517 -25.83 -9.14 -6.67
CA ASP A 517 -27.26 -9.26 -6.92
C ASP A 517 -27.66 -10.62 -7.44
N SER A 518 -26.78 -11.30 -8.18
CA SER A 518 -27.15 -12.59 -8.77
C SER A 518 -27.45 -13.62 -7.69
N MET A 519 -26.63 -13.67 -6.65
CA MET A 519 -26.79 -14.65 -5.57
C MET A 519 -27.50 -13.98 -4.41
N SER A 520 -28.73 -14.44 -4.12
CA SER A 520 -29.55 -13.81 -3.11
C SER A 520 -28.90 -13.93 -1.74
N TYR A 521 -29.53 -13.28 -0.75
CA TYR A 521 -28.98 -13.29 0.60
C TYR A 521 -28.75 -14.69 1.12
N GLU A 522 -29.60 -15.64 0.74
CA GLU A 522 -29.43 -17.02 1.21
C GLU A 522 -28.10 -17.59 0.73
N ASP A 523 -27.76 -17.38 -0.53
CA ASP A 523 -26.49 -17.88 -1.05
C ASP A 523 -25.31 -17.17 -0.40
N GLN A 524 -25.43 -15.87 -0.14
CA GLN A 524 -24.34 -15.16 0.51
C GLN A 524 -24.11 -15.68 1.93
N ASP A 525 -25.20 -15.95 2.66
CA ASP A 525 -25.05 -16.50 4.00
C ASP A 525 -24.50 -17.92 3.97
N ALA A 526 -24.91 -18.71 2.97
CA ALA A 526 -24.35 -20.05 2.83
C ALA A 526 -22.86 -20.00 2.52
N LEU A 527 -22.45 -19.04 1.68
CA LEU A 527 -21.04 -18.90 1.35
C LEU A 527 -20.25 -18.38 2.55
N PHE A 528 -20.87 -17.57 3.39
CA PHE A 528 -20.17 -17.07 4.58
C PHE A 528 -20.05 -18.16 5.64
N ALA A 529 -21.08 -19.00 5.80
CA ALA A 529 -20.99 -20.15 6.69
C ALA A 529 -20.08 -21.24 6.14
N TYR A 530 -19.88 -21.27 4.82
CA TYR A 530 -18.91 -22.17 4.22
C TYR A 530 -17.49 -21.77 4.60
N THR A 531 -17.18 -20.47 4.50
CA THR A 531 -15.86 -20.00 4.89
C THR A 531 -15.60 -20.15 6.37
N LYS A 532 -16.65 -20.29 7.18
CA LYS A 532 -16.47 -20.46 8.62
C LYS A 532 -16.07 -21.87 9.00
N ARG A 533 -16.08 -22.81 8.04
CA ARG A 533 -15.55 -24.14 8.28
C ARG A 533 -14.70 -24.65 7.13
N ASN A 534 -14.47 -23.86 6.09
CA ASN A 534 -13.62 -24.22 4.98
C ASN A 534 -12.71 -23.05 4.63
N VAL A 535 -11.60 -23.35 3.97
CA VAL A 535 -10.67 -22.35 3.48
C VAL A 535 -10.89 -22.18 1.99
N ILE A 536 -11.17 -20.95 1.55
CA ILE A 536 -11.35 -20.65 0.14
C ILE A 536 -10.17 -19.81 -0.32
N PRO A 537 -9.17 -20.39 -0.99
CA PRO A 537 -8.12 -19.56 -1.61
C PRO A 537 -8.70 -18.77 -2.77
N THR A 538 -8.04 -17.65 -3.08
CA THR A 538 -8.52 -16.78 -4.15
C THR A 538 -7.33 -16.10 -4.80
N ILE A 539 -7.57 -15.58 -6.01
CA ILE A 539 -6.58 -14.83 -6.78
C ILE A 539 -6.93 -13.36 -6.69
N THR A 540 -5.90 -12.51 -6.66
CA THR A 540 -6.08 -11.08 -6.51
C THR A 540 -5.20 -10.36 -7.52
N GLN A 541 -5.80 -9.78 -8.55
CA GLN A 541 -5.04 -9.01 -9.52
C GLN A 541 -4.25 -7.91 -8.83
N MET A 542 -3.21 -7.43 -9.48
CA MET A 542 -2.47 -6.26 -9.04
C MET A 542 -2.70 -5.17 -10.08
N ASN A 543 -3.79 -4.42 -9.91
CA ASN A 543 -4.13 -3.38 -10.85
C ASN A 543 -3.22 -2.18 -10.67
N LEU A 544 -3.08 -1.40 -11.74
CA LEU A 544 -2.20 -0.25 -11.79
C LEU A 544 -3.03 1.01 -11.61
N LYS A 545 -2.64 1.84 -10.64
CA LYS A 545 -3.40 3.02 -10.26
C LYS A 545 -2.87 4.24 -11.03
N TYR A 546 -3.78 4.98 -11.64
CA TYR A 546 -3.44 6.16 -12.43
C TYR A 546 -3.82 7.39 -11.61
N ALA A 547 -2.85 7.96 -10.89
CA ALA A 547 -3.10 9.08 -10.01
C ALA A 547 -1.91 10.03 -10.06
N ILE A 548 -2.16 11.28 -9.69
CA ILE A 548 -1.16 12.34 -9.70
C ILE A 548 -0.35 12.24 -8.41
N SER A 549 0.95 12.46 -8.51
CA SER A 549 1.83 12.38 -7.34
C SER A 549 3.09 13.19 -7.63
N ALA A 550 3.81 13.48 -6.56
CA ALA A 550 5.12 14.13 -6.66
C ALA A 550 6.26 13.13 -6.79
N LYS A 551 5.95 11.84 -6.82
CA LYS A 551 6.94 10.79 -7.00
C LYS A 551 6.43 9.81 -8.05
N ASN A 552 7.36 9.17 -8.75
CA ASN A 552 7.03 8.30 -9.87
C ASN A 552 6.83 6.84 -9.46
N ARG A 553 6.42 6.60 -8.22
CA ARG A 553 5.99 5.27 -7.82
C ARG A 553 4.74 4.86 -8.58
N ALA A 554 4.63 3.58 -8.89
CA ALA A 554 3.51 3.07 -9.68
C ALA A 554 2.21 3.00 -8.89
N ARG A 555 2.27 2.66 -7.60
CA ARG A 555 1.08 2.60 -6.75
C ARG A 555 0.07 1.59 -7.28
N THR A 556 0.48 0.33 -7.27
CA THR A 556 -0.42 -0.76 -7.61
C THR A 556 -1.31 -1.11 -6.42
N VAL A 557 -2.51 -1.59 -6.72
CA VAL A 557 -3.51 -1.92 -5.72
C VAL A 557 -4.07 -3.31 -6.01
N ALA A 558 -4.26 -4.09 -4.96
CA ALA A 558 -4.72 -5.47 -5.08
C ALA A 558 -6.23 -5.48 -5.30
N GLY A 559 -6.65 -5.96 -6.45
CA GLY A 559 -8.07 -6.14 -6.73
C GLY A 559 -8.59 -7.46 -6.20
N VAL A 560 -8.78 -7.55 -4.89
CA VAL A 560 -9.16 -8.82 -4.27
C VAL A 560 -10.47 -9.32 -4.87
N SER A 561 -10.61 -10.65 -4.89
CA SER A 561 -11.73 -11.28 -5.55
C SER A 561 -13.03 -11.05 -4.78
N ILE A 562 -14.16 -11.22 -5.48
CA ILE A 562 -15.45 -10.96 -4.87
C ILE A 562 -15.79 -12.02 -3.83
N CYS A 563 -15.44 -13.28 -4.11
CA CYS A 563 -15.79 -14.36 -3.18
C CYS A 563 -15.18 -14.13 -1.80
N SER A 564 -14.06 -13.42 -1.72
CA SER A 564 -13.45 -13.13 -0.43
C SER A 564 -13.90 -11.79 0.13
N THR A 565 -14.08 -10.79 -0.73
CA THR A 565 -14.54 -9.49 -0.26
C THR A 565 -15.93 -9.59 0.35
N MET A 566 -16.84 -10.33 -0.30
CA MET A 566 -18.17 -10.51 0.25
C MET A 566 -18.11 -11.04 1.69
N THR A 567 -17.38 -12.13 1.88
CA THR A 567 -17.35 -12.78 3.20
C THR A 567 -16.63 -11.92 4.22
N ASN A 568 -15.53 -11.26 3.82
CA ASN A 568 -14.82 -10.42 4.78
C ASN A 568 -15.66 -9.22 5.18
N ARG A 569 -16.44 -8.67 4.26
CA ARG A 569 -17.41 -7.64 4.64
C ARG A 569 -18.44 -8.19 5.60
N GLN A 570 -19.06 -9.32 5.26
CA GLN A 570 -20.08 -9.88 6.14
C GLN A 570 -19.51 -10.18 7.52
N PHE A 571 -18.19 -10.34 7.61
CA PHE A 571 -17.56 -10.65 8.89
C PHE A 571 -17.23 -9.38 9.68
N HIS A 572 -16.68 -8.36 9.02
CA HIS A 572 -16.10 -7.20 9.71
C HIS A 572 -16.91 -5.92 9.58
N GLN A 573 -18.03 -5.92 8.85
CA GLN A 573 -18.68 -4.66 8.51
C GLN A 573 -19.18 -3.92 9.74
N LYS A 574 -19.79 -4.64 10.69
CA LYS A 574 -20.33 -3.96 11.87
C LYS A 574 -19.22 -3.29 12.66
N LEU A 575 -18.11 -4.01 12.88
CA LEU A 575 -17.01 -3.43 13.63
C LEU A 575 -16.41 -2.24 12.90
N LEU A 576 -16.25 -2.34 11.58
CA LEU A 576 -15.64 -1.24 10.84
C LEU A 576 -16.53 0.00 10.86
N LYS A 577 -17.84 -0.20 10.67
CA LYS A 577 -18.76 0.94 10.74
C LYS A 577 -18.77 1.56 12.12
N SER A 578 -18.71 0.73 13.17
CA SER A 578 -18.63 1.27 14.53
C SER A 578 -17.32 2.01 14.76
N ILE A 579 -16.24 1.61 14.09
CA ILE A 579 -15.00 2.37 14.16
C ILE A 579 -15.13 3.71 13.45
N ALA A 580 -15.84 3.75 12.33
CA ALA A 580 -15.97 4.97 11.55
C ALA A 580 -16.94 5.97 12.16
N ALA A 581 -17.97 5.52 12.86
CA ALA A 581 -19.07 6.38 13.29
C ALA A 581 -18.89 6.94 14.70
N THR A 582 -17.76 6.70 15.35
CA THR A 582 -17.53 7.19 16.70
C THR A 582 -16.47 8.27 16.68
N ARG A 583 -16.79 9.41 17.29
CA ARG A 583 -15.88 10.55 17.36
C ARG A 583 -15.19 10.59 18.71
N GLY A 584 -14.00 11.19 18.71
CA GLY A 584 -13.22 11.34 19.92
C GLY A 584 -12.33 10.17 20.26
N ALA A 585 -12.35 9.11 19.45
CA ALA A 585 -11.56 7.92 19.73
C ALA A 585 -10.13 8.10 19.21
N THR A 586 -9.27 7.14 19.54
CA THR A 586 -7.91 7.16 19.02
C THR A 586 -7.90 7.01 17.51
N VAL A 587 -8.73 6.11 16.99
CA VAL A 587 -8.87 5.95 15.54
C VAL A 587 -9.87 7.00 15.05
N VAL A 588 -9.41 7.90 14.20
CA VAL A 588 -10.25 8.99 13.70
C VAL A 588 -10.76 8.72 12.29
N ILE A 589 -10.81 7.45 11.86
CA ILE A 589 -11.39 7.14 10.58
C ILE A 589 -12.86 7.52 10.59
N GLY A 590 -13.32 8.12 9.50
CA GLY A 590 -14.70 8.54 9.40
C GLY A 590 -14.99 9.93 9.94
N THR A 591 -14.00 10.60 10.53
CA THR A 591 -14.20 11.94 11.07
C THR A 591 -13.82 12.97 10.02
N SER A 592 -14.79 13.76 9.60
CA SER A 592 -14.55 14.74 8.55
C SER A 592 -13.60 15.83 9.03
N LYS A 593 -12.87 16.41 8.08
CA LYS A 593 -12.01 17.55 8.34
C LYS A 593 -12.72 18.88 8.20
N PHE A 594 -13.95 18.88 7.72
CA PHE A 594 -14.72 20.11 7.49
C PHE A 594 -15.65 20.37 8.68
N TYR A 595 -16.31 21.53 8.63
CA TYR A 595 -17.26 21.92 9.66
C TYR A 595 -16.63 21.78 11.05
N GLY A 596 -15.39 22.25 11.18
CA GLY A 596 -14.72 22.23 12.46
C GLY A 596 -14.24 20.88 12.91
N GLY A 597 -14.31 19.86 12.05
CA GLY A 597 -13.85 18.54 12.44
C GLY A 597 -12.36 18.50 12.75
N TRP A 598 -11.57 19.22 11.97
CA TRP A 598 -10.13 19.23 12.19
C TRP A 598 -9.80 19.84 13.55
N HIS A 599 -10.48 20.93 13.92
CA HIS A 599 -10.25 21.53 15.22
C HIS A 599 -10.67 20.59 16.35
N ASN A 600 -11.81 19.92 16.20
CA ASN A 600 -12.24 18.96 17.22
C ASN A 600 -11.20 17.85 17.38
N MET A 601 -10.70 17.32 16.26
CA MET A 601 -9.68 16.28 16.35
C MET A 601 -8.44 16.79 17.07
N LEU A 602 -7.98 17.98 16.70
CA LEU A 602 -6.75 18.52 17.29
C LEU A 602 -6.91 18.75 18.78
N LYS A 603 -8.06 19.26 19.21
CA LYS A 603 -8.29 19.44 20.64
C LYS A 603 -8.50 18.11 21.35
N THR A 604 -8.96 17.09 20.63
CA THR A 604 -9.08 15.75 21.23
C THR A 604 -7.72 15.15 21.49
N VAL A 605 -6.78 15.31 20.56
CA VAL A 605 -5.45 14.75 20.75
C VAL A 605 -4.76 15.41 21.93
N TYR A 606 -5.15 16.64 22.27
CA TYR A 606 -4.57 17.39 23.37
C TYR A 606 -5.30 17.14 24.69
N SER A 607 -5.90 15.97 24.87
CA SER A 607 -6.80 15.72 26.00
C SER A 607 -6.00 15.60 27.28
N ASP A 608 -5.62 16.77 27.82
CA ASP A 608 -4.99 16.86 29.14
C ASP A 608 -3.64 16.15 29.16
N VAL A 609 -2.79 16.49 28.20
CA VAL A 609 -1.41 16.04 28.22
C VAL A 609 -0.57 17.08 28.93
N GLU A 610 0.23 16.65 29.91
CA GLU A 610 0.81 17.57 30.88
C GLU A 610 1.74 18.56 30.20
N ASN A 611 2.68 18.08 29.39
CA ASN A 611 3.66 18.92 28.70
C ASN A 611 3.65 18.55 27.22
N PRO A 612 2.58 18.87 26.52
CA PRO A 612 2.40 18.36 25.16
C PRO A 612 3.29 19.08 24.15
N HIS A 613 3.75 18.30 23.17
CA HIS A 613 4.16 18.84 21.89
C HIS A 613 4.31 17.68 20.92
N LEU A 614 3.71 17.80 19.74
CA LEU A 614 3.33 16.64 18.98
C LEU A 614 4.50 16.03 18.23
N MET A 615 4.29 14.80 17.77
CA MET A 615 5.10 14.18 16.73
C MET A 615 4.15 13.37 15.86
N GLY A 616 4.70 12.76 14.81
CA GLY A 616 3.86 12.02 13.91
C GLY A 616 4.70 11.18 12.97
N TRP A 617 4.02 10.40 12.14
CA TRP A 617 4.73 9.53 11.22
C TRP A 617 3.78 8.92 10.20
N ASP A 618 4.71 8.54 8.98
CA ASP A 618 4.13 7.92 7.80
C ASP A 618 5.00 6.74 7.45
N TYR A 619 4.24 5.35 7.54
CA TYR A 619 5.12 4.21 7.33
C TYR A 619 5.74 4.27 5.94
N PRO A 620 7.03 3.92 5.82
CA PRO A 620 7.67 4.02 4.49
C PRO A 620 6.92 3.30 3.39
N LYS A 621 6.60 2.02 3.60
CA LYS A 621 5.81 1.26 2.63
C LYS A 621 4.98 0.26 3.44
N CYS A 622 3.76 0.69 3.81
CA CYS A 622 2.99 -0.06 4.78
C CYS A 622 2.43 -1.35 4.18
N ASP A 623 1.87 -1.27 2.97
CA ASP A 623 1.19 -2.42 2.39
C ASP A 623 2.15 -3.59 2.19
N ARG A 624 3.37 -3.31 1.71
CA ARG A 624 4.26 -4.38 1.29
C ARG A 624 5.25 -4.77 2.39
N ALA A 625 5.72 -3.82 3.17
CA ALA A 625 6.69 -4.11 4.22
C ALA A 625 6.06 -4.70 5.47
N MET A 626 4.74 -4.68 5.59
CA MET A 626 4.08 -5.15 6.80
C MET A 626 4.40 -6.63 7.01
N PRO A 627 4.71 -7.04 8.26
CA PRO A 627 5.00 -8.47 8.49
C PRO A 627 3.74 -9.30 8.55
N ASN A 628 3.89 -10.62 8.52
CA ASN A 628 2.73 -11.51 8.57
C ASN A 628 2.14 -11.60 9.97
N MET A 629 2.99 -11.60 11.00
CA MET A 629 2.48 -11.69 12.37
C MET A 629 1.61 -10.49 12.72
N LEU A 630 2.02 -9.29 12.31
CA LEU A 630 1.25 -8.11 12.66
C LEU A 630 -0.07 -8.07 11.91
N ARG A 631 -0.09 -8.50 10.64
CA ARG A 631 -1.35 -8.57 9.91
C ARG A 631 -2.28 -9.61 10.54
N ILE A 632 -1.73 -10.75 10.96
CA ILE A 632 -2.55 -11.76 11.61
C ILE A 632 -3.11 -11.25 12.92
N MET A 633 -2.29 -10.53 13.70
CA MET A 633 -2.77 -9.94 14.94
C MET A 633 -3.85 -8.92 14.67
N ALA A 634 -3.70 -8.12 13.62
CA ALA A 634 -4.73 -7.15 13.27
C ALA A 634 -6.04 -7.85 12.89
N SER A 635 -5.94 -8.96 12.17
CA SER A 635 -7.13 -9.73 11.83
C SER A 635 -7.72 -10.45 13.03
N LEU A 636 -6.92 -10.68 14.08
CA LEU A 636 -7.44 -11.32 15.28
C LEU A 636 -8.16 -10.31 16.18
N VAL A 637 -7.51 -9.18 16.48
CA VAL A 637 -8.12 -8.20 17.36
C VAL A 637 -9.34 -7.55 16.72
N LEU A 638 -9.46 -7.61 15.39
CA LEU A 638 -10.70 -7.21 14.74
C LEU A 638 -11.74 -8.33 14.74
N ALA A 639 -11.36 -9.53 15.20
CA ALA A 639 -12.29 -10.65 15.36
C ALA A 639 -12.56 -10.97 16.82
N ARG A 640 -12.03 -10.17 17.75
CA ARG A 640 -12.36 -10.32 19.16
C ARG A 640 -13.76 -9.83 19.49
N LYS A 641 -14.44 -9.20 18.53
CA LYS A 641 -15.81 -8.75 18.73
C LYS A 641 -16.84 -9.85 18.47
N HIS A 642 -16.38 -11.05 18.07
CA HIS A 642 -17.26 -12.16 17.76
C HIS A 642 -17.33 -13.18 18.88
N THR A 643 -16.99 -12.79 20.11
CA THR A 643 -16.98 -13.75 21.22
C THR A 643 -18.35 -14.36 21.46
N THR A 644 -19.43 -13.70 21.06
CA THR A 644 -20.78 -14.17 21.34
C THR A 644 -21.46 -14.82 20.14
N CYS A 645 -20.92 -14.67 18.94
CA CYS A 645 -21.58 -15.16 17.73
C CYS A 645 -20.81 -16.28 17.04
N CYS A 646 -19.49 -16.31 17.13
CA CYS A 646 -18.67 -17.30 16.46
C CYS A 646 -17.85 -18.09 17.48
N SER A 647 -17.83 -19.40 17.31
CA SER A 647 -17.06 -20.26 18.19
C SER A 647 -15.57 -20.13 17.88
N LEU A 648 -14.75 -20.87 18.61
CA LEU A 648 -13.31 -20.84 18.36
C LEU A 648 -12.98 -21.40 16.98
N SER A 649 -13.61 -22.51 16.60
CA SER A 649 -13.34 -23.09 15.29
C SER A 649 -13.73 -22.15 14.17
N HIS A 650 -14.91 -21.53 14.28
CA HIS A 650 -15.36 -20.63 13.22
C HIS A 650 -14.43 -19.43 13.10
N ARG A 651 -14.00 -18.87 14.23
CA ARG A 651 -13.11 -17.71 14.17
C ARG A 651 -11.74 -18.10 13.62
N PHE A 652 -11.25 -19.29 13.96
CA PHE A 652 -9.99 -19.72 13.36
C PHE A 652 -10.13 -19.92 11.86
N TYR A 653 -11.23 -20.51 11.41
CA TYR A 653 -11.41 -20.70 9.98
C TYR A 653 -11.57 -19.37 9.26
N ARG A 654 -12.15 -18.37 9.94
CA ARG A 654 -12.22 -17.04 9.34
C ARG A 654 -10.83 -16.42 9.24
N LEU A 655 -10.00 -16.60 10.27
CA LEU A 655 -8.62 -16.13 10.17
C LEU A 655 -7.88 -16.83 9.04
N ALA A 656 -8.10 -18.14 8.90
CA ALA A 656 -7.46 -18.89 7.82
C ALA A 656 -7.92 -18.40 6.46
N ASN A 657 -9.22 -18.12 6.31
CA ASN A 657 -9.70 -17.58 5.04
C ASN A 657 -9.07 -16.22 4.76
N GLU A 658 -8.97 -15.36 5.78
CA GLU A 658 -8.37 -14.06 5.57
C GLU A 658 -6.90 -14.18 5.17
N CYS A 659 -6.18 -15.11 5.79
CA CYS A 659 -4.78 -15.31 5.42
C CYS A 659 -4.66 -15.87 4.01
N ALA A 660 -5.54 -16.80 3.64
CA ALA A 660 -5.47 -17.42 2.32
C ALA A 660 -5.93 -16.48 1.21
N GLN A 661 -6.70 -15.45 1.55
CA GLN A 661 -7.26 -14.56 0.53
C GLN A 661 -6.62 -13.17 0.50
N VAL A 662 -5.89 -12.79 1.55
CA VAL A 662 -5.30 -11.46 1.62
C VAL A 662 -3.81 -11.54 1.92
N LEU A 663 -3.45 -12.18 3.02
CA LEU A 663 -2.08 -12.10 3.51
C LEU A 663 -1.10 -12.67 2.50
N SER A 664 -1.17 -13.96 2.24
CA SER A 664 -0.27 -14.64 1.28
C SER A 664 -1.15 -15.40 0.30
N GLU A 665 -1.59 -14.69 -0.73
CA GLU A 665 -2.39 -15.28 -1.80
C GLU A 665 -1.69 -15.01 -3.13
N MET A 666 -1.84 -15.93 -4.06
CA MET A 666 -1.17 -15.80 -5.35
C MET A 666 -1.89 -14.76 -6.19
N VAL A 667 -1.17 -13.70 -6.53
CA VAL A 667 -1.73 -12.59 -7.29
C VAL A 667 -1.57 -12.87 -8.77
N MET A 668 -2.40 -12.21 -9.58
CA MET A 668 -2.34 -12.31 -11.04
C MET A 668 -1.86 -10.97 -11.57
N CYS A 669 -0.53 -10.82 -11.66
CA CYS A 669 0.08 -9.55 -12.05
C CYS A 669 0.38 -9.55 -13.55
N GLY A 670 -0.70 -9.46 -14.33
CA GLY A 670 -0.57 -9.36 -15.76
C GLY A 670 -0.63 -10.69 -16.47
N GLY A 671 -1.68 -11.46 -16.21
CA GLY A 671 -1.85 -12.74 -16.88
C GLY A 671 -0.90 -13.81 -16.41
N SER A 672 -0.44 -13.75 -15.16
CA SER A 672 0.50 -14.73 -14.64
C SER A 672 0.39 -14.75 -13.12
N LEU A 673 0.23 -15.94 -12.55
CA LEU A 673 0.06 -16.09 -11.12
C LEU A 673 1.42 -16.09 -10.42
N TYR A 674 1.58 -15.21 -9.46
CA TYR A 674 2.76 -15.16 -8.61
C TYR A 674 2.35 -15.51 -7.18
N VAL A 675 3.30 -15.39 -6.25
CA VAL A 675 3.07 -15.73 -4.85
C VAL A 675 3.43 -14.52 -4.01
N LYS A 676 2.47 -14.04 -3.22
CA LYS A 676 2.74 -12.93 -2.31
C LYS A 676 3.62 -13.41 -1.16
N PRO A 677 4.78 -12.77 -0.92
CA PRO A 677 5.54 -13.12 0.28
C PRO A 677 4.75 -12.90 1.56
N GLY A 678 3.91 -11.88 1.59
CA GLY A 678 3.14 -11.58 2.78
C GLY A 678 2.65 -10.14 2.74
N GLY A 679 2.31 -9.65 3.93
CA GLY A 679 1.88 -8.28 4.07
C GLY A 679 0.46 -8.05 3.56
N THR A 680 -0.18 -7.04 4.13
CA THR A 680 -1.56 -6.74 3.77
C THR A 680 -1.65 -6.37 2.29
N SER A 681 -2.69 -6.85 1.63
CA SER A 681 -3.03 -6.41 0.28
C SER A 681 -3.95 -5.21 0.39
N SER A 682 -3.66 -4.17 -0.39
CA SER A 682 -4.38 -2.90 -0.26
C SER A 682 -5.68 -2.92 -1.05
N GLY A 683 -6.42 -4.02 -0.90
CA GLY A 683 -7.74 -4.12 -1.48
C GLY A 683 -8.72 -4.93 -0.66
N ASP A 684 -8.34 -5.32 0.54
CA ASP A 684 -9.20 -6.15 1.36
C ASP A 684 -10.20 -5.29 2.12
N ALA A 685 -11.25 -5.94 2.64
CA ALA A 685 -12.35 -5.21 3.26
C ALA A 685 -11.94 -4.47 4.52
N THR A 686 -10.78 -4.79 5.09
CA THR A 686 -10.32 -4.16 6.33
C THR A 686 -8.95 -3.52 6.18
N THR A 687 -8.64 -2.96 5.01
CA THR A 687 -7.30 -2.42 4.79
C THR A 687 -7.03 -1.21 5.70
N ALA A 688 -7.93 -0.24 5.70
CA ALA A 688 -7.70 0.98 6.48
C ALA A 688 -7.69 0.68 7.98
N TYR A 689 -8.66 -0.12 8.44
CA TYR A 689 -8.75 -0.41 9.87
C TYR A 689 -7.66 -1.38 10.31
N ALA A 690 -7.28 -2.33 9.46
CA ALA A 690 -6.14 -3.18 9.78
C ALA A 690 -4.85 -2.36 9.87
N ASN A 691 -4.69 -1.38 8.98
CA ASN A 691 -3.53 -0.50 9.06
C ASN A 691 -3.56 0.32 10.35
N SER A 692 -4.74 0.80 10.74
CA SER A 692 -4.84 1.52 12.01
C SER A 692 -4.47 0.63 13.19
N VAL A 693 -4.93 -0.62 13.16
CA VAL A 693 -4.59 -1.56 14.22
C VAL A 693 -3.10 -1.79 14.27
N PHE A 694 -2.46 -1.97 13.12
CA PHE A 694 -1.01 -2.18 13.08
C PHE A 694 -0.27 -0.94 13.58
N ASN A 695 -0.76 0.25 13.23
CA ASN A 695 -0.13 1.48 13.69
C ASN A 695 -0.22 1.60 15.21
N ILE A 696 -1.39 1.28 15.78
CA ILE A 696 -1.53 1.33 17.22
C ILE A 696 -0.64 0.28 17.88
N CYS A 697 -0.52 -0.89 17.25
CA CYS A 697 0.34 -1.92 17.80
C CYS A 697 1.80 -1.47 17.82
N GLN A 698 2.25 -0.82 16.75
CA GLN A 698 3.62 -0.32 16.73
C GLN A 698 3.82 0.77 17.78
N ALA A 699 2.84 1.66 17.95
CA ALA A 699 2.97 2.69 18.97
C ALA A 699 3.03 2.09 20.36
N VAL A 700 2.17 1.11 20.65
CA VAL A 700 2.18 0.48 21.96
C VAL A 700 3.49 -0.27 22.18
N THR A 701 4.01 -0.92 21.14
CA THR A 701 5.28 -1.60 21.27
C THR A 701 6.40 -0.61 21.55
N ALA A 702 6.37 0.55 20.91
CA ALA A 702 7.35 1.60 21.20
C ALA A 702 7.26 2.04 22.64
N ASN A 703 6.04 2.22 23.15
CA ASN A 703 5.88 2.60 24.54
C ASN A 703 6.44 1.54 25.48
N VAL A 704 6.17 0.27 25.18
CA VAL A 704 6.65 -0.83 26.02
C VAL A 704 8.17 -0.87 26.02
N ASN A 705 8.78 -0.72 24.84
CA ASN A 705 10.23 -0.78 24.75
C ASN A 705 10.88 0.44 25.40
N ALA A 706 10.21 1.59 25.36
CA ALA A 706 10.77 2.78 25.98
C ALA A 706 10.64 2.74 27.50
N LEU A 707 9.59 2.09 28.01
CA LEU A 707 9.41 1.98 29.45
C LEU A 707 10.18 0.82 30.05
N LEU A 708 10.50 -0.21 29.26
CA LEU A 708 11.33 -1.31 29.73
C LEU A 708 12.80 -1.10 29.47
N SER A 709 13.15 -0.28 28.49
CA SER A 709 14.55 0.03 28.18
C SER A 709 15.08 1.20 29.01
N THR A 710 14.28 1.72 29.93
CA THR A 710 14.76 2.73 30.87
C THR A 710 15.52 2.06 32.01
N ASP A 711 16.48 2.79 32.57
CA ASP A 711 17.32 2.21 33.62
C ASP A 711 16.49 1.78 34.82
N GLY A 712 15.55 2.63 35.25
CA GLY A 712 14.67 2.32 36.35
C GLY A 712 15.17 2.77 37.71
N ASN A 713 16.48 2.95 37.85
CA ASN A 713 17.02 3.53 39.08
C ASN A 713 16.83 5.04 39.12
N LYS A 714 16.88 5.70 37.97
CA LYS A 714 16.76 7.15 37.90
C LYS A 714 15.32 7.62 37.73
N ILE A 715 14.37 6.71 37.58
CA ILE A 715 12.96 7.10 37.51
C ILE A 715 12.52 7.56 38.89
N ALA A 716 12.27 8.86 39.04
CA ALA A 716 11.85 9.41 40.31
C ALA A 716 10.34 9.40 40.49
N ASP A 717 9.58 8.89 39.53
CA ASP A 717 8.12 8.79 39.63
C ASP A 717 7.79 7.38 40.09
N LYS A 718 7.51 7.23 41.39
CA LYS A 718 7.25 5.92 41.96
C LYS A 718 6.21 5.15 41.17
N TYR A 719 5.12 5.82 40.80
CA TYR A 719 4.08 5.14 40.03
C TYR A 719 4.62 4.59 38.73
N VAL A 720 5.47 5.34 38.02
CA VAL A 720 6.04 4.85 36.77
C VAL A 720 7.05 3.73 37.02
N ARG A 721 7.85 3.83 38.07
CA ARG A 721 8.78 2.75 38.39
C ARG A 721 8.04 1.45 38.62
N ASN A 722 6.99 1.48 39.46
CA ASN A 722 6.19 0.28 39.67
C ASN A 722 5.45 -0.13 38.41
N LEU A 723 5.05 0.83 37.58
CA LEU A 723 4.39 0.50 36.33
C LEU A 723 5.29 -0.34 35.43
N GLN A 724 6.56 0.04 35.32
CA GLN A 724 7.48 -0.77 34.52
C GLN A 724 7.81 -2.08 35.21
N HIS A 725 7.93 -2.06 36.55
CA HIS A 725 8.23 -3.30 37.27
C HIS A 725 7.12 -4.32 37.10
N ARG A 726 5.89 -3.87 36.95
CA ARG A 726 4.78 -4.79 36.69
C ARG A 726 4.59 -5.06 35.21
N LEU A 727 5.00 -4.15 34.34
CA LEU A 727 4.98 -4.41 32.91
C LEU A 727 5.91 -5.56 32.55
N TYR A 728 7.11 -5.57 33.15
CA TYR A 728 8.04 -6.67 32.90
C TYR A 728 7.44 -8.00 33.36
N GLU A 729 6.81 -8.01 34.54
CA GLU A 729 6.16 -9.23 35.03
C GLU A 729 5.06 -9.69 34.08
N CYS A 730 4.19 -8.76 33.68
CA CYS A 730 3.09 -9.12 32.79
C CYS A 730 3.58 -9.59 31.44
N LEU A 731 4.78 -9.18 31.02
CA LEU A 731 5.31 -9.65 29.75
C LEU A 731 5.98 -11.01 29.88
N TYR A 732 7.03 -11.10 30.70
CA TYR A 732 7.95 -12.23 30.66
C TYR A 732 7.84 -13.19 31.83
N ARG A 733 6.99 -12.91 32.82
CA ARG A 733 6.77 -13.85 33.91
C ARG A 733 5.33 -14.33 33.98
N ASN A 734 4.37 -13.41 33.99
CA ASN A 734 2.97 -13.82 33.90
C ASN A 734 2.69 -14.43 32.53
N ARG A 735 1.69 -15.29 32.48
CA ARG A 735 1.33 -16.00 31.26
C ARG A 735 -0.05 -15.63 30.73
N ASP A 736 -1.02 -15.39 31.60
CA ASP A 736 -2.38 -15.10 31.19
C ASP A 736 -2.64 -13.60 31.20
N VAL A 737 -3.65 -13.19 30.44
CA VAL A 737 -4.00 -11.78 30.35
C VAL A 737 -4.30 -11.25 31.75
N ASP A 738 -3.72 -10.10 32.08
CA ASP A 738 -3.86 -9.46 33.39
C ASP A 738 -4.61 -8.15 33.16
N THR A 739 -5.95 -8.22 33.19
CA THR A 739 -6.75 -7.06 32.86
C THR A 739 -6.53 -5.91 33.84
N ASP A 740 -6.39 -6.24 35.13
CA ASP A 740 -6.18 -5.21 36.14
C ASP A 740 -4.96 -4.35 35.85
N PHE A 741 -3.98 -4.89 35.12
CA PHE A 741 -2.82 -4.12 34.69
C PHE A 741 -2.88 -3.71 33.23
N VAL A 742 -3.58 -4.47 32.38
CA VAL A 742 -3.74 -4.04 31.00
C VAL A 742 -4.47 -2.71 30.94
N ASN A 743 -5.55 -2.57 31.71
CA ASN A 743 -6.27 -1.30 31.71
C ASN A 743 -5.46 -0.19 32.37
N GLU A 744 -4.67 -0.52 33.39
CA GLU A 744 -3.82 0.49 34.02
C GLU A 744 -2.79 1.04 33.03
N PHE A 745 -2.14 0.16 32.28
CA PHE A 745 -1.16 0.63 31.31
C PHE A 745 -1.83 1.33 30.14
N TYR A 746 -3.02 0.88 29.73
CA TYR A 746 -3.75 1.58 28.69
C TYR A 746 -4.10 2.99 29.11
N ALA A 747 -4.54 3.16 30.36
CA ALA A 747 -4.81 4.50 30.88
C ALA A 747 -3.53 5.32 30.92
N TYR A 748 -2.42 4.73 31.35
CA TYR A 748 -1.16 5.45 31.36
C TYR A 748 -0.79 5.95 29.97
N LEU A 749 -0.95 5.10 28.96
CA LEU A 749 -0.67 5.53 27.59
C LEU A 749 -1.61 6.64 27.16
N ARG A 750 -2.91 6.44 27.31
CA ARG A 750 -3.87 7.44 26.84
C ARG A 750 -3.73 8.75 27.61
N LYS A 751 -3.08 8.74 28.77
CA LYS A 751 -2.82 9.97 29.50
C LYS A 751 -1.54 10.64 29.03
N HIS A 752 -0.41 9.93 29.09
CA HIS A 752 0.88 10.48 28.70
C HIS A 752 1.19 10.29 27.23
N PHE A 753 0.33 9.62 26.47
CA PHE A 753 0.61 9.36 25.07
C PHE A 753 -0.72 9.34 24.32
N SER A 754 -1.11 10.50 23.79
CA SER A 754 -2.33 10.59 23.01
C SER A 754 -2.05 10.13 21.58
N MET A 755 -3.12 9.85 20.84
CA MET A 755 -2.94 9.34 19.49
C MET A 755 -4.10 9.77 18.62
N MET A 756 -3.83 9.77 17.32
CA MET A 756 -4.79 10.09 16.26
C MET A 756 -4.32 9.28 15.05
N ILE A 757 -5.00 8.17 14.81
CA ILE A 757 -4.55 7.15 13.87
C ILE A 757 -5.53 7.10 12.70
N LEU A 758 -4.99 7.16 11.48
CA LEU A 758 -5.78 6.96 10.27
C LEU A 758 -4.87 6.17 9.32
N SER A 759 -5.03 4.85 9.34
CA SER A 759 -4.15 3.96 8.58
C SER A 759 -2.70 4.18 9.01
N ASP A 760 -1.82 4.48 8.06
CA ASP A 760 -0.41 4.73 8.39
C ASP A 760 -0.16 6.13 8.89
N ASP A 761 -1.14 7.02 8.81
CA ASP A 761 -1.00 8.37 9.36
C ASP A 761 -1.15 8.32 10.87
N ALA A 762 -0.15 8.81 11.60
CA ALA A 762 -0.24 8.85 13.04
C ALA A 762 0.20 10.22 13.54
N VAL A 763 -0.63 10.82 14.39
CA VAL A 763 -0.27 12.02 15.13
C VAL A 763 -0.34 11.68 16.62
N VAL A 764 0.68 12.10 17.36
CA VAL A 764 0.83 11.79 18.77
C VAL A 764 1.12 13.08 19.52
N CYS A 765 0.60 13.18 20.74
CA CYS A 765 0.80 14.34 21.60
C CYS A 765 1.40 13.89 22.92
N PHE A 766 2.46 13.11 22.83
CA PHE A 766 3.11 12.54 23.99
C PHE A 766 3.49 13.62 25.00
N ASN A 767 3.50 13.25 26.27
CA ASN A 767 3.98 14.11 27.34
C ASN A 767 5.48 14.30 27.18
N SER A 768 5.90 15.49 26.75
CA SER A 768 7.27 15.68 26.29
C SER A 768 8.28 15.43 27.40
N THR A 769 8.00 15.91 28.62
CA THR A 769 9.00 15.77 29.68
C THR A 769 9.26 14.31 30.00
N TYR A 770 8.22 13.48 30.00
CA TYR A 770 8.41 12.05 30.22
C TYR A 770 9.23 11.43 29.09
N ALA A 771 8.91 11.78 27.84
CA ALA A 771 9.65 11.23 26.71
C ALA A 771 11.13 11.59 26.80
N SER A 772 11.44 12.83 27.19
CA SER A 772 12.83 13.19 27.44
C SER A 772 13.41 12.35 28.57
N GLN A 773 12.62 12.14 29.63
CA GLN A 773 13.05 11.28 30.71
C GLN A 773 13.27 9.85 30.23
N GLY A 774 12.39 9.37 29.35
CA GLY A 774 12.44 8.02 28.85
C GLY A 774 11.32 7.13 29.31
N LEU A 775 10.20 7.69 29.79
CA LEU A 775 9.09 6.93 30.32
C LEU A 775 7.96 6.76 29.30
N VAL A 776 8.20 7.11 28.04
CA VAL A 776 7.19 6.98 26.99
C VAL A 776 7.90 7.04 25.65
N ALA A 777 7.23 6.55 24.62
CA ALA A 777 7.86 6.36 23.31
C ALA A 777 8.21 7.69 22.67
N SER A 778 9.50 7.93 22.48
CA SER A 778 9.98 9.03 21.66
C SER A 778 9.87 8.62 20.20
N ILE A 779 10.51 9.38 19.29
CA ILE A 779 10.50 8.99 17.89
C ILE A 779 11.61 7.98 17.62
N LYS A 780 12.72 8.04 18.36
CA LYS A 780 13.76 7.04 18.21
C LYS A 780 13.25 5.66 18.56
N ASN A 781 12.40 5.56 19.59
CA ASN A 781 11.81 4.27 19.96
C ASN A 781 10.96 3.72 18.83
N PHE A 782 10.15 4.58 18.21
CA PHE A 782 9.34 4.12 17.09
C PHE A 782 10.21 3.68 15.92
N LYS A 783 11.30 4.42 15.66
CA LYS A 783 12.21 4.02 14.59
C LYS A 783 12.79 2.63 14.87
N SER A 784 13.22 2.39 16.12
CA SER A 784 13.79 1.10 16.47
C SER A 784 12.76 -0.01 16.34
N VAL A 785 11.54 0.23 16.80
CA VAL A 785 10.49 -0.77 16.71
C VAL A 785 10.21 -1.12 15.26
N LEU A 786 10.12 -0.11 14.41
CA LEU A 786 9.93 -0.36 12.98
C LEU A 786 11.10 -1.13 12.40
N TYR A 787 12.32 -0.79 12.83
CA TYR A 787 13.51 -1.44 12.30
C TYR A 787 13.49 -2.94 12.58
N TYR A 788 13.24 -3.33 13.83
CA TYR A 788 13.41 -4.74 14.18
C TYR A 788 12.12 -5.55 14.01
N GLN A 789 10.96 -4.92 14.11
CA GLN A 789 9.71 -5.65 13.89
C GLN A 789 9.29 -5.60 12.42
N ASN A 790 9.19 -4.41 11.85
CA ASN A 790 8.70 -4.23 10.49
C ASN A 790 9.81 -4.26 9.45
N ASN A 791 11.05 -4.52 9.87
CA ASN A 791 12.19 -4.71 8.98
C ASN A 791 12.25 -3.62 7.90
N VAL A 792 11.94 -2.38 8.28
CA VAL A 792 12.17 -1.21 7.45
C VAL A 792 12.79 -0.13 8.31
N PHE A 793 13.54 0.77 7.67
CA PHE A 793 14.16 1.89 8.34
C PHE A 793 13.38 3.16 8.01
N MET A 794 13.01 3.91 9.04
CA MET A 794 12.23 5.13 8.90
C MET A 794 13.16 6.32 9.08
N SER A 795 13.34 7.10 8.02
CA SER A 795 14.29 8.20 8.00
C SER A 795 13.60 9.52 8.31
N GLU A 796 14.36 10.60 8.27
CA GLU A 796 13.83 11.92 8.59
C GLU A 796 13.10 12.51 7.40
N ALA A 797 12.19 11.74 6.82
CA ALA A 797 11.29 12.23 5.78
C ALA A 797 9.86 11.79 6.02
N LYS A 798 9.63 10.84 6.92
CA LYS A 798 8.31 10.47 7.38
C LYS A 798 8.00 10.92 8.79
N CYS A 799 9.04 11.20 9.58
CA CYS A 799 8.88 11.65 10.95
C CYS A 799 8.86 13.18 11.02
N TRP A 800 8.45 13.69 12.18
CA TRP A 800 8.53 15.10 12.48
C TRP A 800 8.14 15.28 13.94
N THR A 801 8.38 16.49 14.46
CA THR A 801 8.07 16.78 15.85
C THR A 801 7.90 18.29 15.99
N GLU A 802 6.72 18.71 16.43
CA GLU A 802 6.38 20.12 16.60
C GLU A 802 6.39 20.43 18.09
N THR A 803 7.36 21.26 18.49
CA THR A 803 7.50 21.61 19.91
C THR A 803 6.42 22.55 20.39
N ASP A 804 5.68 23.18 19.48
CA ASP A 804 4.63 24.15 19.83
C ASP A 804 3.29 23.65 19.32
N LEU A 805 2.28 23.73 20.18
CA LEU A 805 0.93 23.28 19.81
C LEU A 805 0.24 24.28 18.90
N THR A 806 0.56 25.57 19.04
CA THR A 806 -0.15 26.62 18.31
C THR A 806 -0.09 26.37 16.81
N LYS A 807 1.11 26.07 16.30
CA LYS A 807 1.24 25.76 14.89
C LYS A 807 0.46 24.50 14.53
N GLY A 808 0.53 23.49 15.37
CA GLY A 808 -0.18 22.25 15.14
C GLY A 808 0.70 21.21 14.45
N PRO A 809 0.10 20.08 14.07
CA PRO A 809 0.87 19.02 13.42
C PRO A 809 1.46 19.49 12.10
N HIS A 810 2.71 19.13 11.85
CA HIS A 810 3.35 19.48 10.59
C HIS A 810 2.61 18.92 9.39
N GLU A 811 1.98 17.76 9.53
CA GLU A 811 1.23 17.17 8.43
C GLU A 811 0.44 15.98 8.96
N PHE A 812 -0.77 15.81 8.42
CA PHE A 812 -1.60 14.64 8.73
C PHE A 812 -2.59 14.48 7.60
N CYS A 813 -2.52 13.36 6.89
CA CYS A 813 -3.28 13.16 5.66
C CYS A 813 -2.86 14.18 4.60
N SER A 814 -1.61 14.64 4.65
CA SER A 814 -1.03 15.59 3.70
C SER A 814 -1.63 16.98 3.84
N GLN A 815 -2.38 17.25 4.90
CA GLN A 815 -2.97 18.56 5.14
C GLN A 815 -2.20 19.23 6.28
N HIS A 816 -1.59 20.37 5.99
CA HIS A 816 -0.92 21.13 7.05
C HIS A 816 -1.96 21.84 7.90
N THR A 817 -1.58 22.14 9.14
CA THR A 817 -2.50 22.74 10.11
C THR A 817 -2.04 24.14 10.47
N MET A 818 -3.00 25.06 10.61
CA MET A 818 -2.67 26.42 11.00
C MET A 818 -3.76 26.99 11.90
N LEU A 819 -3.33 27.77 12.89
CA LEU A 819 -4.24 28.41 13.83
C LEU A 819 -4.63 29.78 13.28
N VAL A 820 -5.93 30.00 13.10
CA VAL A 820 -6.42 31.22 12.47
C VAL A 820 -7.57 31.78 13.30
N LYS A 821 -7.78 33.09 13.17
CA LYS A 821 -8.86 33.79 13.85
C LYS A 821 -10.07 33.83 12.91
N GLN A 822 -10.99 32.90 13.15
CA GLN A 822 -12.26 32.87 12.43
C GLN A 822 -13.38 32.58 13.41
N GLY A 823 -14.44 33.40 13.34
CA GLY A 823 -15.56 33.26 14.24
C GLY A 823 -15.31 33.75 15.64
N ASP A 824 -14.37 34.67 15.83
CA ASP A 824 -14.01 35.24 17.13
C ASP A 824 -13.29 34.24 18.02
N ASP A 825 -13.01 33.03 17.53
CA ASP A 825 -12.28 32.03 18.30
C ASP A 825 -11.21 31.42 17.41
N TYR A 826 -10.02 31.23 17.98
CA TYR A 826 -8.94 30.61 17.23
C TYR A 826 -9.29 29.17 16.90
N VAL A 827 -9.12 28.81 15.63
CA VAL A 827 -9.51 27.50 15.13
C VAL A 827 -8.37 26.95 14.27
N TYR A 828 -8.29 25.62 14.21
CA TYR A 828 -7.29 24.95 13.39
C TYR A 828 -7.88 24.65 12.03
N LEU A 829 -7.24 25.17 10.98
CA LEU A 829 -7.67 24.97 9.62
C LEU A 829 -6.64 24.11 8.89
N PRO A 830 -7.07 23.05 8.19
CA PRO A 830 -6.14 22.29 7.35
C PRO A 830 -5.98 22.88 5.96
N TYR A 831 -4.80 23.40 5.63
CA TYR A 831 -4.54 23.86 4.27
C TYR A 831 -3.66 22.85 3.56
N PRO A 832 -3.98 22.49 2.32
CA PRO A 832 -3.15 21.51 1.60
C PRO A 832 -1.90 22.13 1.01
N ASP A 833 -1.14 21.35 0.25
CA ASP A 833 0.04 21.88 -0.42
C ASP A 833 -0.40 22.65 -1.66
N PRO A 834 -0.04 23.94 -1.78
CA PRO A 834 -0.50 24.69 -2.97
C PRO A 834 -0.07 24.07 -4.28
N SER A 835 1.13 23.50 -4.33
CA SER A 835 1.60 22.84 -5.54
C SER A 835 0.65 21.71 -5.92
N ARG A 836 0.12 21.00 -4.92
CA ARG A 836 -0.83 19.93 -5.20
C ARG A 836 -2.09 20.47 -5.87
N ILE A 837 -2.59 21.61 -5.41
CA ILE A 837 -3.82 22.16 -5.96
C ILE A 837 -3.57 22.67 -7.38
N LEU A 838 -2.45 23.35 -7.59
CA LEU A 838 -2.13 23.82 -8.94
C LEU A 838 -1.91 22.66 -9.89
N GLY A 839 -1.26 21.58 -9.44
CA GLY A 839 -1.10 20.41 -10.27
C GLY A 839 -2.43 19.75 -10.60
N ALA A 840 -3.33 19.68 -9.63
CA ALA A 840 -4.65 19.13 -9.88
C ALA A 840 -5.38 19.95 -10.93
N GLY A 841 -5.28 21.28 -10.84
CA GLY A 841 -5.92 22.13 -11.83
C GLY A 841 -5.32 21.98 -13.21
N CYS A 842 -3.98 21.97 -13.29
CA CYS A 842 -3.32 21.99 -14.59
C CYS A 842 -3.40 20.63 -15.29
N PHE A 843 -3.18 19.55 -14.55
CA PHE A 843 -3.09 18.21 -15.10
C PHE A 843 -4.31 17.40 -14.70
N VAL A 844 -4.85 16.64 -15.66
CA VAL A 844 -6.06 15.86 -15.46
C VAL A 844 -5.85 14.48 -16.07
N ASP A 845 -6.81 13.59 -15.80
CA ASP A 845 -6.77 12.23 -16.35
C ASP A 845 -7.30 12.19 -17.78
N ASP A 846 -8.57 12.55 -17.96
CA ASP A 846 -9.21 12.47 -19.26
C ASP A 846 -9.03 13.78 -20.03
N ILE A 847 -9.10 13.67 -21.36
CA ILE A 847 -8.97 14.85 -22.20
C ILE A 847 -10.11 15.82 -21.99
N VAL A 848 -11.29 15.33 -21.57
CA VAL A 848 -12.43 16.23 -21.39
C VAL A 848 -12.31 17.06 -20.13
N LYS A 849 -11.49 16.65 -19.16
CA LYS A 849 -11.27 17.44 -17.97
C LYS A 849 -10.46 18.69 -18.24
N THR A 850 -9.81 18.80 -19.40
CA THR A 850 -9.04 19.98 -19.76
C THR A 850 -9.90 21.10 -20.31
N ASP A 851 -11.20 20.88 -20.46
CA ASP A 851 -12.14 21.90 -20.89
C ASP A 851 -12.89 22.37 -19.64
N GLY A 852 -12.60 23.61 -19.22
CA GLY A 852 -13.12 24.07 -17.94
C GLY A 852 -14.63 24.08 -17.88
N THR A 853 -15.28 24.50 -18.96
CA THR A 853 -16.74 24.65 -18.92
C THR A 853 -17.42 23.34 -18.56
N LEU A 854 -16.94 22.23 -19.11
CA LEU A 854 -17.52 20.93 -18.80
C LEU A 854 -17.35 20.59 -17.33
N MET A 855 -16.15 20.82 -16.78
CA MET A 855 -15.85 20.50 -15.38
C MET A 855 -15.62 21.79 -14.62
N ILE A 856 -16.69 22.31 -14.03
CA ILE A 856 -16.60 23.46 -13.14
C ILE A 856 -16.62 22.94 -11.71
N GLU A 857 -17.41 21.88 -11.48
CA GLU A 857 -17.46 21.27 -10.15
C GLU A 857 -16.09 20.80 -9.70
N ARG A 858 -15.22 20.42 -10.65
CA ARG A 858 -13.85 20.11 -10.29
C ARG A 858 -13.20 21.28 -9.56
N PHE A 859 -13.34 22.48 -10.11
CA PHE A 859 -12.71 23.65 -9.50
C PHE A 859 -13.46 24.11 -8.27
N VAL A 860 -14.78 23.91 -8.21
CA VAL A 860 -15.50 24.20 -6.98
C VAL A 860 -14.96 23.35 -5.83
N SER A 861 -14.79 22.05 -6.08
CA SER A 861 -14.26 21.16 -5.05
C SER A 861 -12.81 21.50 -4.71
N LEU A 862 -12.00 21.83 -5.71
CA LEU A 862 -10.62 22.18 -5.46
C LEU A 862 -10.51 23.47 -4.65
N ALA A 863 -11.39 24.45 -4.90
CA ALA A 863 -11.41 25.65 -4.09
C ALA A 863 -11.93 25.36 -2.68
N ILE A 864 -12.89 24.45 -2.55
CA ILE A 864 -13.33 24.02 -1.22
C ILE A 864 -12.14 23.48 -0.43
N ASP A 865 -11.30 22.69 -1.09
CA ASP A 865 -10.14 22.13 -0.42
C ASP A 865 -9.02 23.16 -0.20
N ALA A 866 -8.93 24.17 -1.06
CA ALA A 866 -7.84 25.13 -1.02
C ALA A 866 -8.17 26.42 -0.28
N TYR A 867 -9.41 26.60 0.18
CA TYR A 867 -9.77 27.84 0.85
C TYR A 867 -8.84 28.20 2.01
N PRO A 868 -8.51 27.29 2.92
CA PRO A 868 -7.72 27.70 4.09
C PRO A 868 -6.45 28.46 3.73
N LEU A 869 -5.88 28.22 2.56
CA LEU A 869 -4.67 28.94 2.18
C LEU A 869 -4.91 30.45 2.17
N THR A 870 -6.17 30.87 2.03
CA THR A 870 -6.48 32.29 2.00
C THR A 870 -5.99 33.01 3.25
N LYS A 871 -5.93 32.32 4.38
CA LYS A 871 -5.45 32.91 5.62
C LYS A 871 -3.98 32.63 5.88
N HIS A 872 -3.30 31.99 4.95
CA HIS A 872 -1.87 31.73 5.12
C HIS A 872 -1.09 33.03 5.03
N PRO A 873 -0.08 33.24 5.87
CA PRO A 873 0.68 34.50 5.78
C PRO A 873 1.30 34.75 4.42
N ASN A 874 1.81 33.71 3.76
CA ASN A 874 2.37 33.90 2.43
C ASN A 874 1.30 34.41 1.47
N GLN A 875 1.63 35.46 0.72
CA GLN A 875 0.64 36.07 -0.15
C GLN A 875 0.25 35.12 -1.30
N GLU A 876 1.22 34.43 -1.88
CA GLU A 876 0.92 33.56 -3.01
C GLU A 876 0.03 32.38 -2.60
N TYR A 877 0.14 31.93 -1.35
CA TYR A 877 -0.71 30.84 -0.90
C TYR A 877 -2.19 31.23 -0.95
N ALA A 878 -2.51 32.45 -0.52
CA ALA A 878 -3.88 32.94 -0.65
C ALA A 878 -4.20 33.28 -2.10
N ASP A 879 -3.21 33.74 -2.87
CA ASP A 879 -3.43 34.00 -4.28
C ASP A 879 -3.84 32.73 -5.01
N VAL A 880 -3.44 31.57 -4.52
CA VAL A 880 -3.90 30.32 -5.13
C VAL A 880 -5.42 30.24 -5.08
N PHE A 881 -5.99 30.43 -3.89
CA PHE A 881 -7.44 30.36 -3.75
C PHE A 881 -8.13 31.47 -4.53
N HIS A 882 -7.58 32.69 -4.49
CA HIS A 882 -8.19 33.78 -5.23
C HIS A 882 -8.16 33.49 -6.73
N LEU A 883 -7.06 32.91 -7.22
CA LEU A 883 -6.95 32.51 -8.61
C LEU A 883 -7.99 31.46 -8.95
N TYR A 884 -8.22 30.51 -8.04
CA TYR A 884 -9.25 29.51 -8.30
C TYR A 884 -10.63 30.14 -8.41
N LEU A 885 -10.93 31.11 -7.54
CA LEU A 885 -12.22 31.80 -7.63
C LEU A 885 -12.34 32.55 -8.95
N GLN A 886 -11.29 33.28 -9.33
CA GLN A 886 -11.33 34.02 -10.59
C GLN A 886 -11.50 33.09 -11.78
N TYR A 887 -10.82 31.94 -11.75
CA TYR A 887 -10.95 30.99 -12.85
C TYR A 887 -12.33 30.36 -12.89
N ILE A 888 -12.95 30.12 -11.73
CA ILE A 888 -14.32 29.62 -11.73
C ILE A 888 -15.24 30.66 -12.36
N ARG A 889 -15.05 31.93 -12.02
CA ARG A 889 -15.85 32.98 -12.65
C ARG A 889 -15.63 33.02 -14.15
N LYS A 890 -14.37 32.89 -14.58
CA LYS A 890 -14.05 32.90 -16.00
C LYS A 890 -14.70 31.72 -16.72
N LEU A 891 -14.66 30.54 -16.10
CA LEU A 891 -15.30 29.37 -16.69
C LEU A 891 -16.81 29.58 -16.80
N HIS A 892 -17.43 30.17 -15.78
CA HIS A 892 -18.86 30.43 -15.86
C HIS A 892 -19.18 31.43 -16.99
N ASP A 893 -18.37 32.48 -17.12
CA ASP A 893 -18.58 33.43 -18.20
C ASP A 893 -18.43 32.77 -19.56
N GLU A 894 -17.41 31.93 -19.73
CA GLU A 894 -17.24 31.21 -20.99
C GLU A 894 -18.41 30.28 -21.27
N LEU A 895 -18.89 29.59 -20.24
CA LEU A 895 -20.03 28.69 -20.42
C LEU A 895 -21.27 29.47 -20.85
N THR A 896 -21.52 30.63 -20.22
CA THR A 896 -22.66 31.43 -20.61
C THR A 896 -22.52 31.93 -22.05
N GLY A 897 -21.33 32.38 -22.43
CA GLY A 897 -21.12 32.84 -23.79
C GLY A 897 -21.31 31.72 -24.81
N HIS A 898 -20.78 30.54 -24.52
CA HIS A 898 -20.94 29.40 -25.42
C HIS A 898 -22.40 29.01 -25.54
N MET A 899 -23.13 29.00 -24.43
CA MET A 899 -24.55 28.67 -24.50
C MET A 899 -25.31 29.70 -25.32
N LEU A 900 -25.00 30.98 -25.13
CA LEU A 900 -25.69 32.02 -25.88
C LEU A 900 -25.40 31.92 -27.38
N ASP A 901 -24.14 31.65 -27.74
CA ASP A 901 -23.78 31.57 -29.15
C ASP A 901 -24.36 30.32 -29.79
N MET A 902 -24.12 29.15 -29.21
CA MET A 902 -24.60 27.91 -29.80
C MET A 902 -26.12 27.85 -29.78
N TYR A 903 -26.74 28.32 -28.71
CA TYR A 903 -28.19 28.32 -28.57
C TYR A 903 -28.66 29.72 -28.20
N SER A 904 -29.77 30.14 -28.81
CA SER A 904 -30.32 31.47 -28.57
C SER A 904 -31.18 31.43 -27.30
N VAL A 905 -30.58 30.93 -26.23
CA VAL A 905 -31.22 30.85 -24.91
C VAL A 905 -30.18 31.21 -23.87
N MET A 906 -30.55 32.07 -22.93
CA MET A 906 -29.65 32.48 -21.87
C MET A 906 -29.76 31.51 -20.69
N LEU A 907 -28.65 31.33 -19.98
CA LEU A 907 -28.62 30.43 -18.85
C LEU A 907 -29.55 30.95 -17.76
N THR A 908 -30.60 30.20 -17.47
CA THR A 908 -31.60 30.60 -16.48
C THR A 908 -31.19 30.14 -15.10
N ASN A 909 -31.46 31.00 -14.10
CA ASN A 909 -31.09 30.78 -12.70
C ASN A 909 -29.65 31.25 -12.49
N ASP A 910 -29.39 31.91 -11.35
CA ASP A 910 -28.07 32.44 -11.06
C ASP A 910 -27.76 32.17 -9.59
N ASN A 911 -28.06 30.95 -9.15
CA ASN A 911 -27.65 30.46 -7.84
C ASN A 911 -26.14 30.19 -7.78
N THR A 912 -25.46 30.24 -8.92
CA THR A 912 -24.06 29.90 -9.02
C THR A 912 -23.13 31.05 -8.66
N SER A 913 -23.66 32.22 -8.30
CA SER A 913 -22.81 33.34 -7.90
C SER A 913 -22.09 33.08 -6.59
N ARG A 914 -22.47 32.03 -5.86
CA ARG A 914 -21.80 31.70 -4.62
C ARG A 914 -20.39 31.14 -4.84
N TYR A 915 -20.18 30.45 -5.97
CA TYR A 915 -18.96 29.68 -6.14
C TYR A 915 -17.73 30.56 -6.28
N TRP A 916 -17.87 31.74 -6.89
CA TRP A 916 -16.74 32.66 -7.02
C TRP A 916 -16.80 33.77 -5.97
N GLU A 917 -17.44 33.51 -4.83
CA GLU A 917 -17.44 34.39 -3.68
C GLU A 917 -17.00 33.61 -2.46
N PRO A 918 -16.10 34.16 -1.63
CA PRO A 918 -15.46 33.35 -0.59
C PRO A 918 -16.40 32.88 0.51
N GLU A 919 -17.62 33.42 0.60
CA GLU A 919 -18.51 33.00 1.68
C GLU A 919 -18.86 31.53 1.59
N PHE A 920 -19.08 31.03 0.37
CA PHE A 920 -19.47 29.63 0.20
C PHE A 920 -18.41 28.66 0.73
N TYR A 921 -17.15 29.09 0.80
CA TYR A 921 -16.07 28.20 1.19
C TYR A 921 -15.64 28.37 2.64
N GLU A 922 -15.99 29.48 3.28
CA GLU A 922 -15.77 29.59 4.71
C GLU A 922 -16.80 28.80 5.48
N ALA A 923 -17.98 28.57 4.90
CA ALA A 923 -18.99 27.76 5.56
C ALA A 923 -18.56 26.30 5.68
N MET A 924 -17.53 25.88 4.97
CA MET A 924 -17.03 24.52 5.04
C MET A 924 -16.12 24.29 6.25
N TYR A 925 -15.81 25.34 7.01
CA TYR A 925 -14.94 25.23 8.18
C TYR A 925 -15.54 25.91 9.40
N THR A 926 -16.85 26.20 9.37
CA THR A 926 -17.54 26.72 10.55
C THR A 926 -18.16 25.58 11.32
N PRO A 927 -17.88 25.43 12.62
CA PRO A 927 -18.29 24.23 13.34
C PRO A 927 -19.79 24.05 13.49
N HIS A 928 -20.61 24.93 12.93
CA HIS A 928 -22.05 24.82 13.12
C HIS A 928 -22.57 23.47 12.66
N THR A 929 -22.42 23.17 11.38
CA THR A 929 -22.89 21.89 10.83
C THR A 929 -21.78 20.85 10.85
N PHE B 6 -58.80 9.50 -10.83
CA PHE B 6 -58.14 9.66 -12.11
C PHE B 6 -58.99 10.50 -13.07
N SER B 7 -58.44 10.80 -14.24
CA SER B 7 -59.18 11.61 -15.22
C SER B 7 -60.45 10.90 -15.67
N SER B 8 -60.37 9.59 -15.92
CA SER B 8 -61.51 8.80 -16.35
C SER B 8 -62.25 8.14 -15.20
N LEU B 9 -61.86 8.41 -13.96
CA LEU B 9 -62.50 7.79 -12.83
C LEU B 9 -63.98 8.16 -12.80
N PRO B 10 -64.88 7.23 -12.47
CA PRO B 10 -66.32 7.56 -12.44
C PRO B 10 -66.65 8.70 -11.48
N SER B 11 -65.93 8.83 -10.37
CA SER B 11 -66.19 9.93 -9.45
C SER B 11 -66.10 11.28 -10.13
N TYR B 12 -65.27 11.39 -11.17
CA TYR B 12 -65.18 12.65 -11.93
C TYR B 12 -66.56 13.12 -12.34
N ALA B 13 -67.42 12.20 -12.79
CA ALA B 13 -68.78 12.59 -13.18
C ALA B 13 -69.45 13.40 -12.08
N ALA B 14 -69.43 12.89 -10.85
CA ALA B 14 -70.01 13.63 -9.75
C ALA B 14 -69.43 15.05 -9.69
N PHE B 15 -68.10 15.15 -9.67
CA PHE B 15 -67.48 16.47 -9.70
C PHE B 15 -68.04 17.30 -10.85
N ALA B 16 -68.05 16.73 -12.05
CA ALA B 16 -68.59 17.46 -13.19
C ALA B 16 -69.97 18.00 -12.87
N THR B 17 -70.85 17.14 -12.36
CA THR B 17 -72.21 17.59 -12.02
C THR B 17 -72.14 18.84 -11.14
N ALA B 18 -71.36 18.77 -10.06
CA ALA B 18 -71.20 19.94 -9.21
C ALA B 18 -70.85 21.16 -10.05
N GLN B 19 -69.76 21.09 -10.80
CA GLN B 19 -69.37 22.23 -11.63
C GLN B 19 -70.52 22.64 -12.54
N GLU B 20 -71.16 21.66 -13.18
CA GLU B 20 -72.30 21.97 -14.04
C GLU B 20 -73.33 22.80 -13.27
N ALA B 21 -73.74 22.31 -12.10
CA ALA B 21 -74.69 23.07 -11.30
C ALA B 21 -74.11 24.44 -10.96
N TYR B 22 -72.84 24.48 -10.54
CA TYR B 22 -72.21 25.75 -10.21
C TYR B 22 -72.14 26.64 -11.44
N GLU B 23 -72.01 26.04 -12.63
CA GLU B 23 -71.98 26.84 -13.85
C GLU B 23 -73.37 27.30 -14.24
N GLN B 24 -74.40 26.62 -13.74
CA GLN B 24 -75.78 27.01 -14.03
C GLN B 24 -76.35 27.99 -13.00
N ALA B 25 -76.41 27.58 -11.73
CA ALA B 25 -76.97 28.47 -10.72
C ALA B 25 -76.19 29.77 -10.61
N VAL B 26 -74.87 29.73 -10.68
CA VAL B 26 -74.08 30.96 -10.65
C VAL B 26 -74.47 31.87 -11.80
N ALA B 27 -74.79 31.29 -12.96
CA ALA B 27 -75.28 32.10 -14.07
C ALA B 27 -76.57 32.80 -13.69
N ASN B 28 -77.48 32.09 -13.04
CA ASN B 28 -78.72 32.72 -12.56
C ASN B 28 -78.42 33.75 -11.48
N GLY B 29 -77.53 33.43 -10.56
CA GLY B 29 -77.20 34.37 -9.49
C GLY B 29 -78.40 34.75 -8.65
N ASP B 30 -79.26 33.78 -8.36
CA ASP B 30 -80.47 34.04 -7.58
C ASP B 30 -80.72 32.88 -6.63
N SER B 31 -81.81 32.98 -5.88
CA SER B 31 -82.28 32.03 -4.87
C SER B 31 -81.44 32.11 -3.59
N GLU B 32 -80.37 32.90 -3.58
CA GLU B 32 -79.61 33.16 -2.36
C GLU B 32 -79.04 31.90 -1.73
N VAL B 33 -79.75 31.35 -0.73
CA VAL B 33 -79.15 30.36 0.15
C VAL B 33 -78.64 29.15 -0.65
N VAL B 34 -79.41 28.70 -1.64
CA VAL B 34 -79.02 27.50 -2.38
C VAL B 34 -77.66 27.73 -3.04
N LEU B 35 -77.43 28.93 -3.57
CA LEU B 35 -76.15 29.23 -4.19
C LEU B 35 -75.01 29.04 -3.19
N LYS B 36 -75.21 29.47 -1.94
CA LYS B 36 -74.20 29.25 -0.92
C LYS B 36 -74.11 27.77 -0.54
N LYS B 37 -75.21 27.03 -0.64
CA LYS B 37 -75.20 25.63 -0.23
C LYS B 37 -74.37 24.79 -1.19
N LEU B 38 -74.79 24.73 -2.45
CA LEU B 38 -74.13 23.88 -3.44
C LEU B 38 -72.64 24.21 -3.58
N LYS B 39 -72.24 25.46 -3.37
CA LYS B 39 -70.82 25.78 -3.38
C LYS B 39 -70.06 24.87 -2.41
N LYS B 40 -70.54 24.81 -1.16
CA LYS B 40 -69.94 23.86 -0.22
C LYS B 40 -70.00 22.44 -0.76
N SER B 41 -71.14 22.08 -1.36
CA SER B 41 -71.25 20.76 -1.98
C SER B 41 -70.18 20.58 -3.04
N LEU B 42 -69.92 21.62 -3.84
CA LEU B 42 -68.83 21.54 -4.81
C LEU B 42 -67.50 21.30 -4.09
N ASN B 43 -67.27 22.00 -2.97
CA ASN B 43 -66.11 21.70 -2.16
C ASN B 43 -66.14 20.25 -1.68
N VAL B 44 -67.31 19.76 -1.31
CA VAL B 44 -67.46 18.34 -1.01
C VAL B 44 -67.20 17.51 -2.27
N ALA B 45 -67.70 17.96 -3.42
CA ALA B 45 -67.47 17.23 -4.66
C ALA B 45 -65.99 17.16 -5.01
N LYS B 46 -65.28 18.29 -4.85
CA LYS B 46 -63.87 18.32 -5.20
C LYS B 46 -63.03 17.47 -4.25
N SER B 47 -63.12 17.75 -2.95
CA SER B 47 -62.22 17.13 -1.99
C SER B 47 -62.12 15.62 -2.18
N GLU B 48 -63.23 14.91 -1.97
CA GLU B 48 -63.20 13.46 -2.12
C GLU B 48 -62.60 13.06 -3.46
N PHE B 49 -63.03 13.71 -4.54
CA PHE B 49 -62.48 13.36 -5.85
C PHE B 49 -60.97 13.47 -5.82
N ASP B 50 -60.45 14.63 -5.40
CA ASP B 50 -59.01 14.78 -5.25
C ASP B 50 -58.44 13.63 -4.43
N ARG B 51 -59.03 13.36 -3.27
CA ARG B 51 -58.56 12.25 -2.45
C ARG B 51 -58.51 10.97 -3.27
N ASP B 52 -59.62 10.62 -3.92
CA ASP B 52 -59.61 9.42 -4.74
C ASP B 52 -58.51 9.49 -5.78
N ALA B 53 -58.41 10.63 -6.48
CA ALA B 53 -57.33 10.78 -7.45
C ALA B 53 -56.00 10.46 -6.81
N ALA B 54 -55.71 11.09 -5.66
CA ALA B 54 -54.46 10.81 -4.99
C ALA B 54 -54.29 9.32 -4.78
N MET B 55 -55.30 8.66 -4.20
CA MET B 55 -55.21 7.24 -3.99
C MET B 55 -54.83 6.54 -5.29
N GLN B 56 -55.58 6.79 -6.36
CA GLN B 56 -55.29 6.13 -7.62
C GLN B 56 -53.85 6.39 -8.02
N ARG B 57 -53.42 7.66 -7.99
CA ARG B 57 -52.05 7.96 -8.36
C ARG B 57 -51.08 7.13 -7.55
N LYS B 58 -51.27 7.09 -6.23
CA LYS B 58 -50.39 6.27 -5.40
C LYS B 58 -50.36 4.85 -5.92
N LEU B 59 -51.52 4.23 -6.11
CA LEU B 59 -51.55 2.88 -6.66
C LEU B 59 -50.73 2.82 -7.95
N GLU B 60 -51.01 3.72 -8.88
CA GLU B 60 -50.26 3.72 -10.13
C GLU B 60 -48.77 3.72 -9.85
N LYS B 61 -48.31 4.64 -9.01
CA LYS B 61 -46.88 4.69 -8.71
C LYS B 61 -46.41 3.33 -8.24
N MET B 62 -47.06 2.77 -7.22
CA MET B 62 -46.64 1.47 -6.71
C MET B 62 -46.59 0.46 -7.85
N ALA B 63 -47.65 0.41 -8.68
CA ALA B 63 -47.65 -0.52 -9.79
C ALA B 63 -46.39 -0.36 -10.62
N ASP B 64 -46.10 0.88 -11.05
CA ASP B 64 -44.89 1.10 -11.82
C ASP B 64 -43.69 0.54 -11.08
N GLN B 65 -43.52 0.93 -9.82
CA GLN B 65 -42.40 0.42 -9.06
C GLN B 65 -42.36 -1.10 -9.11
N ALA B 66 -43.50 -1.74 -8.82
CA ALA B 66 -43.52 -3.20 -8.84
C ALA B 66 -42.99 -3.71 -10.18
N MET B 67 -43.55 -3.22 -11.28
CA MET B 67 -43.08 -3.66 -12.58
C MET B 67 -41.58 -3.51 -12.68
N THR B 68 -41.08 -2.30 -12.40
CA THR B 68 -39.64 -2.09 -12.48
C THR B 68 -38.92 -3.14 -11.65
N GLN B 69 -39.30 -3.29 -10.38
CA GLN B 69 -38.64 -4.27 -9.54
C GLN B 69 -38.68 -5.64 -10.21
N MET B 70 -39.87 -6.08 -10.63
CA MET B 70 -39.96 -7.37 -11.30
C MET B 70 -39.00 -7.41 -12.48
N TYR B 71 -39.07 -6.40 -13.35
CA TYR B 71 -38.17 -6.39 -14.49
C TYR B 71 -36.72 -6.48 -14.03
N LYS B 72 -36.35 -5.66 -13.05
CA LYS B 72 -34.99 -5.73 -12.53
C LYS B 72 -34.66 -7.16 -12.12
N GLN B 73 -35.51 -7.77 -11.30
CA GLN B 73 -35.26 -9.14 -10.89
C GLN B 73 -35.01 -10.02 -12.10
N ALA B 74 -35.89 -9.94 -13.10
CA ALA B 74 -35.71 -10.78 -14.28
C ALA B 74 -34.32 -10.60 -14.85
N ARG B 75 -33.92 -9.35 -15.10
CA ARG B 75 -32.59 -9.12 -15.66
C ARG B 75 -31.55 -9.82 -14.81
N SER B 76 -31.56 -9.57 -13.49
CA SER B 76 -30.57 -10.20 -12.64
C SER B 76 -30.58 -11.70 -12.86
N GLU B 77 -31.75 -12.32 -12.77
CA GLU B 77 -31.81 -13.76 -12.98
C GLU B 77 -31.15 -14.14 -14.30
N ASP B 78 -31.57 -13.50 -15.39
CA ASP B 78 -30.96 -13.81 -16.68
C ASP B 78 -29.45 -13.66 -16.59
N LYS B 79 -28.97 -12.50 -16.11
CA LYS B 79 -27.54 -12.32 -16.01
C LYS B 79 -26.92 -13.41 -15.17
N ARG B 80 -27.52 -13.71 -14.01
CA ARG B 80 -27.03 -14.82 -13.21
C ARG B 80 -26.82 -16.05 -14.07
N ALA B 81 -27.89 -16.51 -14.73
CA ALA B 81 -27.76 -17.70 -15.57
C ALA B 81 -26.60 -17.55 -16.54
N LYS B 82 -26.55 -16.42 -17.24
CA LYS B 82 -25.44 -16.19 -18.17
C LYS B 82 -24.12 -16.52 -17.49
N VAL B 83 -23.81 -15.81 -16.41
CA VAL B 83 -22.52 -16.03 -15.76
C VAL B 83 -22.36 -17.49 -15.42
N THR B 84 -23.38 -18.10 -14.80
CA THR B 84 -23.30 -19.52 -14.51
C THR B 84 -22.79 -20.29 -15.73
N SER B 85 -23.54 -20.24 -16.82
CA SER B 85 -23.11 -20.93 -18.02
C SER B 85 -21.68 -20.54 -18.38
N ALA B 86 -21.42 -19.23 -18.49
CA ALA B 86 -20.08 -18.79 -18.83
C ALA B 86 -19.06 -19.43 -17.91
N MET B 87 -19.27 -19.33 -16.60
CA MET B 87 -18.29 -19.89 -15.67
C MET B 87 -18.12 -21.37 -15.93
N GLN B 88 -19.22 -22.10 -16.07
CA GLN B 88 -19.09 -23.53 -16.38
C GLN B 88 -18.16 -23.73 -17.56
N THR B 89 -18.42 -23.01 -18.66
CA THR B 89 -17.58 -23.16 -19.83
C THR B 89 -16.11 -23.04 -19.46
N MET B 90 -15.76 -21.97 -18.75
CA MET B 90 -14.36 -21.77 -18.41
C MET B 90 -13.81 -23.01 -17.72
N LEU B 91 -14.50 -23.48 -16.68
CA LEU B 91 -14.01 -24.66 -15.97
C LEU B 91 -13.79 -25.80 -16.94
N PHE B 92 -14.80 -26.13 -17.74
CA PHE B 92 -14.64 -27.23 -18.67
C PHE B 92 -13.41 -27.01 -19.54
N THR B 93 -13.25 -25.81 -20.09
CA THR B 93 -12.08 -25.54 -20.92
C THR B 93 -10.80 -25.81 -20.13
N MET B 94 -10.68 -25.20 -18.95
CA MET B 94 -9.46 -25.37 -18.17
C MET B 94 -9.38 -26.75 -17.56
N LEU B 95 -10.46 -27.53 -17.65
CA LEU B 95 -10.37 -28.94 -17.26
C LEU B 95 -9.75 -29.76 -18.38
N ARG B 96 -10.03 -29.40 -19.64
CA ARG B 96 -9.54 -30.19 -20.76
C ARG B 96 -8.07 -29.93 -21.03
N LYS B 97 -7.58 -28.72 -20.72
CA LYS B 97 -6.17 -28.42 -20.91
C LYS B 97 -5.28 -29.14 -19.92
N LEU B 98 -5.85 -29.78 -18.90
CA LEU B 98 -5.06 -30.60 -17.99
C LEU B 98 -4.37 -31.71 -18.78
N ASP B 99 -3.08 -31.90 -18.50
CA ASP B 99 -2.33 -33.06 -18.99
C ASP B 99 -2.68 -34.20 -18.05
N ASN B 100 -3.86 -34.79 -18.27
CA ASN B 100 -4.45 -35.69 -17.28
C ASN B 100 -3.56 -36.89 -16.99
N ASP B 101 -2.68 -37.27 -17.92
CA ASP B 101 -1.80 -38.40 -17.68
C ASP B 101 -0.87 -38.12 -16.50
N ALA B 102 0.00 -37.12 -16.64
CA ALA B 102 0.95 -36.81 -15.58
C ALA B 102 0.24 -36.29 -14.34
N LEU B 103 -0.86 -35.57 -14.51
CA LEU B 103 -1.62 -35.08 -13.37
C LEU B 103 -2.17 -36.24 -12.54
N ASN B 104 -2.78 -37.22 -13.21
CA ASN B 104 -3.26 -38.40 -12.49
C ASN B 104 -2.12 -39.16 -11.85
N ASN B 105 -0.99 -39.26 -12.56
CA ASN B 105 0.16 -39.96 -11.99
C ASN B 105 0.60 -39.29 -10.68
N ILE B 106 0.75 -37.97 -10.70
CA ILE B 106 1.23 -37.26 -9.51
C ILE B 106 0.20 -37.32 -8.40
N ILE B 107 -1.08 -37.24 -8.73
CA ILE B 107 -2.12 -37.33 -7.71
C ILE B 107 -2.09 -38.71 -7.04
N ASN B 108 -2.05 -39.77 -7.84
CA ASN B 108 -2.04 -41.12 -7.29
C ASN B 108 -0.78 -41.37 -6.47
N ASN B 109 0.37 -40.90 -6.94
CA ASN B 109 1.61 -41.07 -6.18
C ASN B 109 1.56 -40.35 -4.84
N ALA B 110 0.62 -39.43 -4.65
CA ALA B 110 0.51 -38.71 -3.39
C ALA B 110 0.04 -39.65 -2.28
N ARG B 111 0.31 -39.25 -1.04
CA ARG B 111 0.02 -40.11 0.10
C ARG B 111 -1.48 -40.30 0.28
N ASP B 112 -2.26 -39.23 0.11
CA ASP B 112 -3.70 -39.28 0.34
C ASP B 112 -4.46 -38.51 -0.74
N GLY B 113 -3.89 -38.39 -1.94
CA GLY B 113 -4.54 -37.67 -3.01
C GLY B 113 -4.48 -36.16 -2.89
N CYS B 114 -3.75 -35.64 -1.91
CA CYS B 114 -3.66 -34.20 -1.67
C CYS B 114 -2.23 -33.75 -1.90
N VAL B 115 -2.05 -32.80 -2.82
CA VAL B 115 -0.72 -32.28 -3.14
C VAL B 115 -0.80 -30.77 -3.29
N PRO B 116 0.30 -30.08 -3.03
CA PRO B 116 0.31 -28.63 -3.18
C PRO B 116 -0.09 -28.22 -4.59
N LEU B 117 -0.55 -26.98 -4.71
CA LEU B 117 -0.88 -26.43 -6.01
C LEU B 117 0.36 -26.00 -6.77
N ASN B 118 1.38 -25.52 -6.04
CA ASN B 118 2.56 -24.97 -6.69
C ASN B 118 3.33 -26.01 -7.50
N ILE B 119 3.20 -27.30 -7.16
CA ILE B 119 3.95 -28.33 -7.86
C ILE B 119 3.21 -28.89 -9.06
N ILE B 120 1.99 -28.43 -9.33
CA ILE B 120 1.26 -28.94 -10.49
C ILE B 120 1.92 -28.36 -11.75
N PRO B 121 2.06 -27.04 -11.88
CA PRO B 121 2.80 -26.54 -13.06
C PRO B 121 4.20 -27.08 -13.12
N LEU B 122 4.84 -27.25 -11.97
CA LEU B 122 6.24 -27.64 -11.90
C LEU B 122 6.47 -29.10 -12.25
N THR B 123 5.41 -29.90 -12.40
CA THR B 123 5.56 -31.34 -12.62
C THR B 123 4.73 -31.89 -13.77
N THR B 124 3.62 -31.25 -14.15
CA THR B 124 2.83 -31.72 -15.28
C THR B 124 2.75 -30.73 -16.43
N ALA B 125 3.12 -29.47 -16.24
CA ALA B 125 3.07 -28.51 -17.32
C ALA B 125 3.95 -28.97 -18.48
N ALA B 126 3.40 -28.86 -19.69
CA ALA B 126 4.10 -29.27 -20.90
C ALA B 126 4.80 -28.12 -21.61
N LYS B 127 4.79 -26.92 -21.03
CA LYS B 127 5.40 -25.77 -21.68
C LYS B 127 5.91 -24.81 -20.61
N LEU B 128 7.21 -24.56 -20.60
CA LEU B 128 7.79 -23.51 -19.79
C LEU B 128 7.78 -22.21 -20.57
N MET B 129 7.79 -21.09 -19.83
CA MET B 129 7.72 -19.78 -20.46
C MET B 129 8.54 -18.82 -19.60
N VAL B 130 9.80 -18.62 -19.98
CA VAL B 130 10.72 -17.81 -19.20
C VAL B 130 10.68 -16.38 -19.71
N VAL B 131 10.51 -15.43 -18.79
CA VAL B 131 10.59 -14.00 -19.10
C VAL B 131 11.94 -13.52 -18.58
N ILE B 132 12.80 -13.10 -19.51
CA ILE B 132 14.19 -12.76 -19.20
C ILE B 132 14.34 -11.24 -19.34
N PRO B 133 14.68 -10.52 -18.27
CA PRO B 133 14.70 -9.05 -18.35
C PRO B 133 15.89 -8.49 -19.10
N ASP B 134 16.98 -9.22 -19.24
CA ASP B 134 18.17 -8.71 -19.92
C ASP B 134 18.88 -9.88 -20.59
N TYR B 135 20.13 -9.67 -20.97
CA TYR B 135 20.91 -10.70 -21.66
C TYR B 135 21.75 -11.54 -20.71
N ASN B 136 22.33 -10.93 -19.66
CA ASN B 136 23.10 -11.72 -18.71
C ASN B 136 22.26 -12.85 -18.14
N THR B 137 21.01 -12.55 -17.78
CA THR B 137 20.11 -13.60 -17.29
C THR B 137 19.82 -14.64 -18.36
N TYR B 138 19.66 -14.19 -19.62
CA TYR B 138 19.41 -15.14 -20.71
C TYR B 138 20.54 -16.14 -20.83
N LYS B 139 21.78 -15.67 -20.78
CA LYS B 139 22.91 -16.58 -20.95
C LYS B 139 23.14 -17.40 -19.68
N ASN B 140 22.77 -16.85 -18.52
CA ASN B 140 22.90 -17.61 -17.28
C ASN B 140 21.95 -18.80 -17.26
N THR B 141 20.66 -18.55 -17.53
CA THR B 141 19.63 -19.57 -17.32
C THR B 141 19.20 -20.25 -18.62
N CYS B 142 18.75 -19.48 -19.60
CA CYS B 142 18.02 -20.01 -20.75
C CYS B 142 18.92 -20.30 -21.94
N ASP B 143 20.24 -20.19 -21.80
CA ASP B 143 21.15 -20.34 -22.94
C ASP B 143 20.92 -21.63 -23.69
N GLY B 144 21.30 -21.66 -24.97
CA GLY B 144 21.19 -22.85 -25.77
C GLY B 144 19.80 -23.04 -26.35
N THR B 145 19.66 -24.08 -27.16
CA THR B 145 18.36 -24.47 -27.69
C THR B 145 17.59 -25.39 -26.75
N THR B 146 18.24 -25.91 -25.72
CA THR B 146 17.58 -26.68 -24.67
C THR B 146 18.25 -26.35 -23.34
N PHE B 147 17.50 -26.51 -22.26
CA PHE B 147 18.02 -26.19 -20.93
C PHE B 147 17.28 -27.02 -19.89
N THR B 148 17.63 -26.80 -18.63
CA THR B 148 17.07 -27.53 -17.51
C THR B 148 16.45 -26.57 -16.51
N TYR B 149 15.18 -26.79 -16.19
CA TYR B 149 14.51 -26.05 -15.14
C TYR B 149 13.50 -26.96 -14.47
N ALA B 150 13.58 -27.07 -13.15
CA ALA B 150 12.68 -27.92 -12.38
C ALA B 150 12.86 -29.39 -12.76
N SER B 151 14.09 -29.77 -13.07
CA SER B 151 14.43 -31.16 -13.39
C SER B 151 13.65 -31.64 -14.62
N ALA B 152 13.88 -30.96 -15.74
CA ALA B 152 13.28 -31.34 -17.00
C ALA B 152 14.18 -30.85 -18.13
N LEU B 153 13.99 -31.44 -19.31
CA LEU B 153 14.74 -31.07 -20.49
C LEU B 153 13.84 -30.20 -21.36
N TRP B 154 13.90 -28.90 -21.14
CA TRP B 154 13.05 -27.95 -21.86
C TRP B 154 13.67 -27.61 -23.20
N GLU B 155 12.89 -27.72 -24.26
CA GLU B 155 13.34 -27.42 -25.63
C GLU B 155 12.83 -26.04 -26.01
N ILE B 156 13.75 -25.08 -26.15
CA ILE B 156 13.34 -23.73 -26.54
C ILE B 156 12.61 -23.79 -27.87
N GLN B 157 11.34 -23.42 -27.86
CA GLN B 157 10.50 -23.51 -29.04
C GLN B 157 10.39 -22.19 -29.80
N GLN B 158 10.45 -21.07 -29.11
CA GLN B 158 10.24 -19.78 -29.74
C GLN B 158 10.64 -18.68 -28.75
N VAL B 159 11.31 -17.65 -29.26
CA VAL B 159 11.68 -16.49 -28.47
C VAL B 159 11.02 -15.27 -29.08
N VAL B 160 10.32 -14.50 -28.27
CA VAL B 160 9.72 -13.24 -28.68
C VAL B 160 10.13 -12.17 -27.69
N ASP B 161 10.09 -10.92 -28.15
CA ASP B 161 10.51 -9.78 -27.35
C ASP B 161 9.29 -9.05 -26.82
N ALA B 162 9.53 -7.93 -26.11
CA ALA B 162 8.45 -7.18 -25.49
C ALA B 162 7.43 -6.69 -26.50
N ASP B 163 7.81 -6.54 -27.77
CA ASP B 163 6.91 -6.11 -28.82
C ASP B 163 6.16 -7.27 -29.45
N SER B 164 6.42 -8.51 -29.03
CA SER B 164 5.87 -9.71 -29.65
C SER B 164 6.54 -10.02 -30.98
N LYS B 165 7.67 -9.38 -31.27
CA LYS B 165 8.42 -9.64 -32.48
C LYS B 165 9.25 -10.90 -32.30
N ILE B 166 9.10 -11.87 -33.20
CA ILE B 166 9.85 -13.11 -33.09
C ILE B 166 11.34 -12.80 -33.12
N VAL B 167 12.09 -13.43 -32.24
CA VAL B 167 13.54 -13.25 -32.15
C VAL B 167 14.20 -14.58 -32.43
N GLN B 168 14.98 -14.64 -33.50
CA GLN B 168 15.75 -15.85 -33.78
C GLN B 168 16.85 -15.99 -32.73
N LEU B 169 17.13 -17.24 -32.34
CA LEU B 169 18.08 -17.46 -31.27
C LEU B 169 19.47 -16.91 -31.59
N SER B 170 19.77 -16.70 -32.86
CA SER B 170 21.05 -16.11 -33.25
C SER B 170 21.10 -14.61 -33.00
N GLU B 171 19.94 -13.94 -32.93
CA GLU B 171 19.93 -12.51 -32.68
C GLU B 171 20.33 -12.19 -31.25
N ILE B 172 20.04 -13.07 -30.30
CA ILE B 172 20.35 -12.82 -28.90
C ILE B 172 21.85 -12.98 -28.71
N SER B 173 22.57 -11.87 -28.66
CA SER B 173 24.01 -11.88 -28.45
C SER B 173 24.37 -10.70 -27.56
N MET B 174 25.53 -10.81 -26.92
CA MET B 174 25.99 -9.73 -26.03
C MET B 174 26.16 -8.44 -26.81
N ASP B 175 26.76 -8.51 -28.00
CA ASP B 175 26.97 -7.32 -28.81
C ASP B 175 25.65 -6.77 -29.35
N ASN B 176 24.75 -7.66 -29.77
CA ASN B 176 23.48 -7.27 -30.37
C ASN B 176 22.36 -7.08 -29.35
N SER B 177 22.63 -7.33 -28.07
CA SER B 177 21.56 -7.23 -27.07
C SER B 177 20.90 -5.85 -27.04
N PRO B 178 21.62 -4.72 -27.11
CA PRO B 178 20.93 -3.43 -27.05
C PRO B 178 19.81 -3.28 -28.07
N ASN B 179 20.01 -3.78 -29.30
CA ASN B 179 19.03 -3.61 -30.36
C ASN B 179 17.81 -4.51 -30.21
N LEU B 180 17.71 -5.27 -29.12
CA LEU B 180 16.55 -6.09 -28.83
C LEU B 180 15.68 -5.43 -27.78
N ALA B 181 14.40 -5.82 -27.76
CA ALA B 181 13.41 -5.22 -26.88
C ALA B 181 13.20 -6.15 -25.69
N TRP B 182 14.07 -6.01 -24.70
CA TRP B 182 13.94 -6.80 -23.47
C TRP B 182 12.72 -6.33 -22.69
N PRO B 183 12.06 -7.24 -21.95
CA PRO B 183 12.38 -8.65 -21.74
C PRO B 183 12.07 -9.54 -22.93
N LEU B 184 12.60 -10.75 -22.93
CA LEU B 184 12.33 -11.75 -23.95
C LEU B 184 11.52 -12.89 -23.34
N ILE B 185 10.57 -13.41 -24.09
CA ILE B 185 9.63 -14.40 -23.60
C ILE B 185 9.88 -15.69 -24.36
N VAL B 186 10.71 -16.56 -23.81
CA VAL B 186 11.07 -17.82 -24.46
C VAL B 186 10.08 -18.88 -24.00
N THR B 187 9.30 -19.42 -24.95
CA THR B 187 8.28 -20.42 -24.64
C THR B 187 8.86 -21.80 -24.93
N ALA B 188 9.65 -22.30 -23.99
CA ALA B 188 10.25 -23.61 -24.13
C ALA B 188 9.16 -24.69 -24.08
N LEU B 189 9.56 -25.92 -24.37
CA LEU B 189 8.65 -27.05 -24.40
C LEU B 189 9.30 -28.22 -23.68
N ARG B 190 8.48 -29.02 -23.02
CA ARG B 190 8.98 -30.20 -22.31
C ARG B 190 9.34 -31.29 -23.31
N ALA B 191 10.55 -31.82 -23.20
CA ALA B 191 11.03 -32.83 -24.13
C ALA B 191 10.39 -34.19 -23.84
N SER C 10 10.21 32.25 -16.57
CA SER C 10 9.62 31.06 -15.87
C SER C 10 9.69 29.82 -16.75
N LYS C 11 10.78 29.69 -17.51
CA LYS C 11 10.90 28.57 -18.43
C LYS C 11 10.98 27.24 -17.69
N MET C 12 11.49 27.26 -16.45
CA MET C 12 11.64 26.01 -15.70
C MET C 12 10.30 25.30 -15.54
N SER C 13 9.25 26.05 -15.24
CA SER C 13 7.93 25.48 -15.08
C SER C 13 7.20 25.29 -16.41
N ASP C 14 7.78 25.72 -17.52
CA ASP C 14 7.17 25.55 -18.82
C ASP C 14 7.72 24.35 -19.57
N VAL C 15 8.98 23.98 -19.33
CA VAL C 15 9.54 22.80 -19.98
C VAL C 15 8.83 21.55 -19.49
N LYS C 16 8.42 21.52 -18.23
CA LYS C 16 7.71 20.35 -17.71
C LYS C 16 6.36 20.17 -18.37
N CYS C 17 5.60 21.26 -18.52
CA CYS C 17 4.33 21.17 -19.22
C CYS C 17 4.53 20.81 -20.69
N THR C 18 5.56 21.36 -21.32
CA THR C 18 5.87 21.00 -22.70
C THR C 18 6.22 19.52 -22.81
N SER C 19 6.96 18.99 -21.83
CA SER C 19 7.30 17.58 -21.84
C SER C 19 6.06 16.71 -21.69
N VAL C 20 5.15 17.10 -20.80
CA VAL C 20 3.90 16.35 -20.66
C VAL C 20 3.15 16.33 -21.98
N VAL C 21 3.02 17.50 -22.61
CA VAL C 21 2.31 17.59 -23.88
C VAL C 21 2.99 16.75 -24.95
N LEU C 22 4.32 16.80 -25.01
CA LEU C 22 5.05 16.09 -26.05
C LEU C 22 4.96 14.59 -25.85
N LEU C 23 5.05 14.11 -24.61
CA LEU C 23 4.89 12.68 -24.38
C LEU C 23 3.47 12.23 -24.72
N SER C 24 2.48 13.08 -24.43
CA SER C 24 1.12 12.76 -24.85
C SER C 24 1.05 12.63 -26.36
N VAL C 25 1.66 13.56 -27.08
CA VAL C 25 1.65 13.52 -28.55
C VAL C 25 2.32 12.25 -29.05
N LEU C 26 3.47 11.91 -28.48
CA LEU C 26 4.14 10.68 -28.87
C LEU C 26 3.25 9.46 -28.62
N GLN C 27 2.67 9.37 -27.42
CA GLN C 27 1.80 8.25 -27.10
C GLN C 27 0.64 8.16 -28.09
N GLN C 28 0.18 9.31 -28.60
CA GLN C 28 -0.87 9.28 -29.61
C GLN C 28 -0.38 8.70 -30.93
N LEU C 29 0.89 8.90 -31.27
CA LEU C 29 1.47 8.39 -32.50
C LEU C 29 1.78 6.91 -32.45
N ARG C 30 1.29 6.20 -31.43
CA ARG C 30 1.54 4.76 -31.28
C ARG C 30 3.03 4.46 -31.19
N VAL C 31 3.79 5.38 -30.58
CA VAL C 31 5.14 5.02 -30.12
C VAL C 31 5.07 4.11 -28.92
N GLU C 32 3.90 4.01 -28.28
CA GLU C 32 3.71 3.12 -27.14
C GLU C 32 3.78 1.65 -27.56
N SER C 33 3.56 1.35 -28.83
CA SER C 33 3.66 -0.01 -29.34
C SER C 33 5.09 -0.40 -29.70
N SER C 34 6.07 0.34 -29.21
CA SER C 34 7.49 0.01 -29.38
C SER C 34 8.12 0.11 -27.99
N SER C 35 8.29 -1.03 -27.34
CA SER C 35 8.65 -1.02 -25.93
C SER C 35 9.97 -0.29 -25.69
N LYS C 36 10.96 -0.51 -26.55
CA LYS C 36 12.26 0.11 -26.35
C LYS C 36 12.18 1.63 -26.49
N LEU C 37 11.61 2.11 -27.60
CA LEU C 37 11.52 3.55 -27.82
C LEU C 37 10.58 4.20 -26.81
N TRP C 38 9.46 3.53 -26.49
CA TRP C 38 8.56 4.07 -25.49
C TRP C 38 9.24 4.17 -24.14
N ALA C 39 10.04 3.17 -23.77
CA ALA C 39 10.78 3.25 -22.52
C ALA C 39 11.75 4.42 -22.53
N GLN C 40 12.47 4.61 -23.64
CA GLN C 40 13.39 5.75 -23.73
C GLN C 40 12.64 7.06 -23.53
N CYS C 41 11.58 7.26 -24.30
CA CYS C 41 10.86 8.54 -24.24
C CYS C 41 10.21 8.76 -22.90
N VAL C 42 9.65 7.70 -22.29
CA VAL C 42 8.98 7.85 -21.01
C VAL C 42 9.98 8.16 -19.91
N GLN C 43 11.17 7.53 -19.96
CA GLN C 43 12.20 7.87 -18.98
C GLN C 43 12.66 9.30 -19.16
N LEU C 44 12.80 9.75 -20.41
CA LEU C 44 13.17 11.15 -20.64
C LEU C 44 12.13 12.10 -20.07
N HIS C 45 10.85 11.80 -20.30
CA HIS C 45 9.78 12.64 -19.78
C HIS C 45 9.79 12.68 -18.25
N ASN C 46 9.92 11.50 -17.63
CA ASN C 46 9.94 11.46 -16.16
C ASN C 46 11.13 12.23 -15.61
N ASP C 47 12.30 12.11 -16.24
CA ASP C 47 13.46 12.87 -15.78
C ASP C 47 13.26 14.37 -15.98
N ILE C 48 12.55 14.75 -17.05
CA ILE C 48 12.24 16.17 -17.24
C ILE C 48 11.37 16.68 -16.10
N LEU C 49 10.35 15.92 -15.73
CA LEU C 49 9.42 16.40 -14.70
C LEU C 49 10.13 16.66 -13.39
N LEU C 50 10.89 15.69 -12.89
CA LEU C 50 11.58 15.84 -11.61
C LEU C 50 12.98 16.41 -11.81
N ALA C 51 13.07 17.51 -12.54
CA ALA C 51 14.34 18.20 -12.80
C ALA C 51 14.32 19.55 -12.11
N LYS C 52 15.33 19.81 -11.28
CA LYS C 52 15.50 21.09 -10.63
C LYS C 52 16.33 22.07 -11.44
N ASP C 53 16.92 21.62 -12.55
CA ASP C 53 17.69 22.46 -13.45
C ASP C 53 16.86 22.75 -14.69
N THR C 54 17.25 23.82 -15.40
CA THR C 54 16.55 24.22 -16.61
C THR C 54 17.26 23.72 -17.87
N THR C 55 18.59 23.84 -17.91
CA THR C 55 19.32 23.41 -19.09
C THR C 55 19.22 21.90 -19.30
N GLU C 56 19.31 21.13 -18.22
CA GLU C 56 19.19 19.68 -18.33
C GLU C 56 17.80 19.29 -18.84
N ALA C 57 16.76 19.94 -18.31
CA ALA C 57 15.42 19.70 -18.82
C ALA C 57 15.32 20.08 -20.29
N PHE C 58 16.08 21.09 -20.73
CA PHE C 58 16.04 21.47 -22.14
C PHE C 58 16.75 20.44 -23.01
N GLU C 59 17.84 19.83 -22.53
CA GLU C 59 18.48 18.77 -23.29
C GLU C 59 17.57 17.55 -23.40
N LYS C 60 16.92 17.17 -22.30
CA LYS C 60 15.97 16.06 -22.37
C LYS C 60 14.79 16.41 -23.28
N MET C 61 14.40 17.68 -23.29
CA MET C 61 13.37 18.13 -24.23
C MET C 61 13.85 18.01 -25.66
N VAL C 62 15.12 18.32 -25.91
CA VAL C 62 15.71 18.12 -27.24
C VAL C 62 15.57 16.66 -27.65
N SER C 63 15.95 15.74 -26.75
CA SER C 63 15.88 14.33 -27.08
C SER C 63 14.45 13.88 -27.35
N LEU C 64 13.51 14.31 -26.51
CA LEU C 64 12.11 13.92 -26.70
C LEU C 64 11.56 14.47 -28.01
N LEU C 65 11.84 15.74 -28.31
CA LEU C 65 11.38 16.31 -29.55
C LEU C 65 12.03 15.62 -30.74
N SER C 66 13.28 15.17 -30.60
CA SER C 66 13.90 14.38 -31.65
C SER C 66 13.15 13.06 -31.86
N VAL C 67 12.74 12.43 -30.76
CA VAL C 67 11.90 11.24 -30.88
C VAL C 67 10.67 11.55 -31.72
N LEU C 68 10.05 12.69 -31.47
CA LEU C 68 8.89 13.09 -32.28
C LEU C 68 9.27 13.32 -33.73
N LEU C 69 10.41 13.97 -33.97
CA LEU C 69 10.84 14.30 -35.33
C LEU C 69 11.13 13.06 -36.16
N SER C 70 11.65 12.00 -35.54
CA SER C 70 11.99 10.80 -36.28
C SER C 70 10.79 10.28 -37.05
N MET C 71 9.60 10.31 -36.44
CA MET C 71 8.39 9.84 -37.09
C MET C 71 7.92 10.85 -38.13
N GLN C 72 8.63 10.92 -39.26
CA GLN C 72 8.34 11.92 -40.26
C GLN C 72 6.94 11.76 -40.84
N GLY C 73 6.53 10.51 -41.12
CA GLY C 73 5.27 10.30 -41.80
C GLY C 73 4.08 10.75 -40.97
N ALA C 74 4.06 10.39 -39.68
CA ALA C 74 2.91 10.69 -38.84
C ALA C 74 2.74 12.19 -38.64
N VAL C 75 3.83 12.92 -38.43
CA VAL C 75 3.79 14.35 -38.12
C VAL C 75 4.39 15.12 -39.28
N ASP C 76 3.64 16.08 -39.80
CA ASP C 76 4.10 16.97 -40.87
C ASP C 76 4.46 18.31 -40.24
N ILE C 77 5.75 18.57 -40.09
CA ILE C 77 6.22 19.75 -39.37
C ILE C 77 6.53 20.91 -40.32
N ASN C 78 6.34 20.72 -41.62
CA ASN C 78 6.57 21.77 -42.60
C ASN C 78 5.43 22.78 -42.65
N LYS C 79 4.19 22.31 -42.65
CA LYS C 79 3.03 23.19 -42.81
C LYS C 79 2.21 23.34 -41.53
N LEU C 80 2.53 22.59 -40.47
CA LEU C 80 1.83 22.72 -39.21
C LEU C 80 2.72 23.21 -38.07
N CYS C 81 4.02 23.43 -38.32
CA CYS C 81 4.83 24.14 -37.36
C CYS C 81 4.33 25.56 -37.17
N GLU C 82 3.96 26.22 -38.27
CA GLU C 82 3.45 27.58 -38.23
C GLU C 82 2.19 27.67 -37.38
N PHE F 6 -42.89 35.49 -14.66
CA PHE F 6 -43.73 34.33 -14.97
C PHE F 6 -45.07 34.78 -15.53
N SER F 7 -45.07 35.89 -16.25
CA SER F 7 -46.26 36.43 -16.86
C SER F 7 -46.52 35.75 -18.20
N SER F 8 -47.45 36.29 -18.98
CA SER F 8 -47.87 35.85 -20.30
C SER F 8 -48.82 34.65 -20.23
N LEU F 9 -49.13 34.15 -19.04
CA LEU F 9 -50.11 33.07 -18.92
C LEU F 9 -51.51 33.66 -18.69
N PRO F 10 -52.56 32.95 -19.11
CA PRO F 10 -53.92 33.46 -18.91
C PRO F 10 -54.29 33.65 -17.44
N SER F 11 -53.64 32.93 -16.53
CA SER F 11 -53.92 33.06 -15.10
C SER F 11 -53.35 34.36 -14.53
N TYR F 12 -52.18 34.78 -15.03
CA TYR F 12 -51.56 35.99 -14.50
C TYR F 12 -52.40 37.22 -14.82
N ALA F 13 -53.07 37.22 -15.98
CA ALA F 13 -53.94 38.35 -16.31
C ALA F 13 -55.08 38.46 -15.29
N ALA F 14 -55.71 37.33 -14.96
CA ALA F 14 -56.77 37.34 -13.96
C ALA F 14 -56.24 37.77 -12.60
N PHE F 15 -55.04 37.29 -12.24
CA PHE F 15 -54.43 37.66 -10.97
C PHE F 15 -54.17 39.16 -10.90
N ALA F 16 -53.66 39.74 -12.00
CA ALA F 16 -53.38 41.16 -12.03
C ALA F 16 -54.66 41.98 -11.97
N THR F 17 -55.71 41.52 -12.66
CA THR F 17 -56.99 42.21 -12.57
C THR F 17 -57.55 42.17 -11.16
N ALA F 18 -57.40 41.03 -10.47
CA ALA F 18 -57.83 40.94 -9.08
C ALA F 18 -57.02 41.88 -8.20
N GLN F 19 -55.71 41.97 -8.45
CA GLN F 19 -54.88 42.92 -7.70
C GLN F 19 -55.36 44.35 -7.92
N GLU F 20 -55.67 44.70 -9.17
CA GLU F 20 -56.16 46.05 -9.45
C GLU F 20 -57.50 46.31 -8.77
N ALA F 21 -58.38 45.31 -8.76
CA ALA F 21 -59.67 45.45 -8.10
C ALA F 21 -59.48 45.67 -6.60
N TYR F 22 -58.57 44.91 -5.98
CA TYR F 22 -58.32 45.08 -4.55
C TYR F 22 -57.70 46.45 -4.27
N GLU F 23 -56.81 46.91 -5.16
CA GLU F 23 -56.23 48.24 -5.00
C GLU F 23 -57.32 49.31 -5.06
N GLN F 24 -58.24 49.20 -6.02
CA GLN F 24 -59.34 50.14 -6.11
C GLN F 24 -60.22 50.08 -4.86
N ALA F 25 -60.48 48.88 -4.35
CA ALA F 25 -61.30 48.74 -3.15
C ALA F 25 -60.65 49.41 -1.94
N VAL F 26 -59.34 49.18 -1.74
CA VAL F 26 -58.66 49.81 -0.61
C VAL F 26 -58.62 51.32 -0.81
N ALA F 27 -58.49 51.78 -2.06
CA ALA F 27 -58.57 53.22 -2.30
C ALA F 27 -59.93 53.76 -1.90
N ASN F 28 -61.01 53.03 -2.22
CA ASN F 28 -62.34 53.46 -1.82
C ASN F 28 -62.62 53.14 -0.36
N GLY F 29 -61.80 52.29 0.25
CA GLY F 29 -62.02 51.94 1.65
C GLY F 29 -63.31 51.18 1.89
N ASP F 30 -63.59 50.18 1.07
CA ASP F 30 -64.84 49.44 1.16
C ASP F 30 -65.00 48.79 2.53
N SER F 31 -66.20 48.29 2.79
CA SER F 31 -66.50 47.68 4.08
C SER F 31 -65.70 46.39 4.27
N GLU F 32 -65.62 45.95 5.53
CA GLU F 32 -64.82 44.77 5.84
C GLU F 32 -65.38 43.52 5.16
N VAL F 33 -66.70 43.44 4.97
CA VAL F 33 -67.27 42.28 4.28
C VAL F 33 -66.88 42.29 2.81
N VAL F 34 -67.04 43.44 2.15
CA VAL F 34 -66.61 43.55 0.75
C VAL F 34 -65.10 43.42 0.65
N LEU F 35 -64.38 43.96 1.63
CA LEU F 35 -62.93 43.82 1.64
C LEU F 35 -62.53 42.35 1.69
N LYS F 36 -63.17 41.57 2.55
CA LYS F 36 -62.88 40.14 2.63
C LYS F 36 -63.24 39.43 1.34
N LYS F 37 -64.40 39.76 0.75
CA LYS F 37 -64.81 39.11 -0.49
C LYS F 37 -63.79 39.36 -1.60
N LEU F 38 -63.35 40.61 -1.75
CA LEU F 38 -62.36 40.92 -2.78
C LEU F 38 -61.00 40.34 -2.44
N LYS F 39 -60.65 40.29 -1.15
CA LYS F 39 -59.39 39.69 -0.74
C LYS F 39 -59.35 38.21 -1.10
N LYS F 40 -60.49 37.52 -0.95
CA LYS F 40 -60.56 36.12 -1.32
C LYS F 40 -60.58 35.90 -2.83
N SER F 41 -61.29 36.74 -3.58
CA SER F 41 -61.14 36.70 -5.04
C SER F 41 -59.68 36.83 -5.43
N LEU F 42 -58.98 37.80 -4.83
CA LEU F 42 -57.55 37.91 -5.02
C LEU F 42 -56.86 36.59 -4.72
N ASN F 43 -56.94 36.14 -3.46
CA ASN F 43 -56.20 34.96 -3.03
C ASN F 43 -56.44 33.74 -3.91
N VAL F 44 -57.65 33.57 -4.47
CA VAL F 44 -57.87 32.44 -5.37
C VAL F 44 -57.19 32.69 -6.71
N ALA F 45 -57.32 33.90 -7.27
CA ALA F 45 -56.64 34.17 -8.53
C ALA F 45 -55.13 34.03 -8.38
N LYS F 46 -54.59 34.57 -7.28
CA LYS F 46 -53.17 34.47 -6.99
C LYS F 46 -52.75 33.01 -6.80
N SER F 47 -53.57 32.23 -6.11
CA SER F 47 -53.29 30.81 -5.89
C SER F 47 -53.26 30.03 -7.19
N GLU F 48 -54.05 30.43 -8.18
CA GLU F 48 -54.00 29.81 -9.49
C GLU F 48 -52.75 30.22 -10.28
N PHE F 49 -52.49 31.53 -10.34
CA PHE F 49 -51.33 32.00 -11.09
C PHE F 49 -50.03 31.45 -10.50
N ASP F 50 -49.91 31.41 -9.17
CA ASP F 50 -48.68 30.91 -8.57
C ASP F 50 -48.46 29.44 -8.90
N ARG F 51 -49.53 28.63 -8.85
CA ARG F 51 -49.41 27.23 -9.23
C ARG F 51 -48.95 27.10 -10.66
N ASP F 52 -49.56 27.87 -11.56
CA ASP F 52 -49.18 27.80 -12.97
C ASP F 52 -47.73 28.24 -13.17
N ALA F 53 -47.31 29.27 -12.46
CA ALA F 53 -45.95 29.78 -12.61
C ALA F 53 -44.94 28.81 -12.01
N ALA F 54 -45.32 28.09 -10.95
CA ALA F 54 -44.46 27.05 -10.42
C ALA F 54 -44.30 25.91 -11.41
N MET F 55 -45.39 25.52 -12.07
CA MET F 55 -45.28 24.52 -13.13
C MET F 55 -44.38 25.02 -14.25
N GLN F 56 -44.53 26.29 -14.64
CA GLN F 56 -43.68 26.85 -15.67
C GLN F 56 -42.21 26.83 -15.24
N ARG F 57 -41.94 27.19 -13.98
CA ARG F 57 -40.57 27.25 -13.51
C ARG F 57 -39.93 25.88 -13.46
N LYS F 58 -40.68 24.87 -13.00
CA LYS F 58 -40.12 23.51 -12.99
C LYS F 58 -39.87 23.03 -14.40
N LEU F 59 -40.80 23.32 -15.32
CA LEU F 59 -40.62 22.91 -16.71
C LEU F 59 -39.37 23.57 -17.30
N GLU F 60 -39.19 24.86 -17.03
CA GLU F 60 -38.03 25.61 -17.50
C GLU F 60 -36.72 25.10 -16.91
N LYS F 61 -36.70 24.77 -15.63
CA LYS F 61 -35.49 24.22 -15.04
C LYS F 61 -35.15 22.87 -15.65
N MET F 62 -36.17 22.03 -15.89
CA MET F 62 -35.93 20.76 -16.56
C MET F 62 -35.36 20.98 -17.96
N ALA F 63 -35.94 21.93 -18.70
CA ALA F 63 -35.45 22.21 -20.04
C ALA F 63 -34.01 22.71 -20.01
N ASP F 64 -33.68 23.60 -19.07
CA ASP F 64 -32.32 24.11 -18.97
C ASP F 64 -31.34 22.99 -18.63
N GLN F 65 -31.73 22.10 -17.71
CA GLN F 65 -30.84 20.99 -17.37
C GLN F 65 -30.62 20.07 -18.56
N ALA F 66 -31.69 19.78 -19.31
CA ALA F 66 -31.53 18.96 -20.51
C ALA F 66 -30.62 19.65 -21.52
N MET F 67 -30.80 20.96 -21.71
CA MET F 67 -29.98 21.68 -22.68
C MET F 67 -28.51 21.69 -22.28
N THR F 68 -28.23 21.90 -21.00
CA THR F 68 -26.84 21.91 -20.57
C THR F 68 -26.23 20.52 -20.61
N GLN F 69 -27.00 19.47 -20.33
CA GLN F 69 -26.48 18.12 -20.51
C GLN F 69 -26.16 17.87 -21.97
N MET F 70 -27.02 18.31 -22.88
CA MET F 70 -26.75 18.14 -24.31
C MET F 70 -25.49 18.91 -24.71
N TYR F 71 -25.31 20.11 -24.17
CA TYR F 71 -24.10 20.87 -24.45
C TYR F 71 -22.87 20.15 -23.93
N LYS F 72 -22.96 19.58 -22.72
CA LYS F 72 -21.85 18.81 -22.19
C LYS F 72 -21.50 17.66 -23.12
N GLN F 73 -22.53 16.91 -23.56
CA GLN F 73 -22.29 15.81 -24.48
C GLN F 73 -21.61 16.29 -25.76
N ALA F 74 -22.15 17.35 -26.36
CA ALA F 74 -21.63 17.82 -27.64
C ALA F 74 -20.18 18.28 -27.51
N ARG F 75 -19.88 19.05 -26.47
CA ARG F 75 -18.52 19.57 -26.33
C ARG F 75 -17.55 18.47 -25.93
N SER F 76 -17.99 17.49 -25.15
CA SER F 76 -17.12 16.36 -24.83
C SER F 76 -16.81 15.55 -26.08
N GLU F 77 -17.81 15.32 -26.93
CA GLU F 77 -17.57 14.59 -28.17
C GLU F 77 -16.64 15.37 -29.08
N ASP F 78 -16.82 16.69 -29.16
CA ASP F 78 -15.90 17.51 -29.94
C ASP F 78 -14.48 17.43 -29.41
N LYS F 79 -14.33 17.52 -28.08
CA LYS F 79 -13.00 17.48 -27.48
C LYS F 79 -12.32 16.15 -27.74
N ARG F 80 -13.07 15.05 -27.65
CA ARG F 80 -12.48 13.74 -27.90
C ARG F 80 -12.16 13.52 -29.38
N ALA F 81 -13.00 14.04 -30.27
CA ALA F 81 -12.81 13.78 -31.70
C ALA F 81 -11.49 14.37 -32.20
N LYS F 82 -11.28 15.65 -31.96
CA LYS F 82 -10.06 16.34 -32.43
C LYS F 82 -9.02 16.41 -31.32
N VAL F 83 -8.64 15.25 -30.81
CA VAL F 83 -7.69 15.18 -29.70
C VAL F 83 -6.26 15.07 -30.21
N THR F 84 -6.05 14.41 -31.35
CA THR F 84 -4.70 14.21 -31.86
C THR F 84 -4.10 15.51 -32.37
N SER F 85 -4.84 16.26 -33.19
CA SER F 85 -4.28 17.47 -33.79
C SER F 85 -4.22 18.62 -32.79
N ALA F 86 -5.21 18.69 -31.89
CA ALA F 86 -5.21 19.72 -30.87
C ALA F 86 -4.00 19.59 -29.94
N MET F 87 -3.50 18.37 -29.72
CA MET F 87 -2.31 18.19 -28.91
C MET F 87 -1.05 18.61 -29.65
N GLN F 88 -0.96 18.32 -30.95
CA GLN F 88 0.21 18.75 -31.72
C GLN F 88 0.26 20.28 -31.83
N THR F 89 -0.89 20.92 -32.03
CA THR F 89 -0.90 22.38 -32.10
C THR F 89 -0.44 22.98 -30.79
N MET F 90 -0.93 22.46 -29.66
CA MET F 90 -0.47 22.93 -28.36
C MET F 90 1.02 22.69 -28.19
N LEU F 91 1.50 21.51 -28.60
CA LEU F 91 2.92 21.20 -28.48
C LEU F 91 3.76 22.23 -29.21
N PHE F 92 3.42 22.51 -30.47
CA PHE F 92 4.25 23.43 -31.24
C PHE F 92 4.10 24.87 -30.76
N THR F 93 2.92 25.23 -30.26
CA THR F 93 2.77 26.55 -29.66
C THR F 93 3.69 26.71 -28.46
N MET F 94 3.75 25.70 -27.59
CA MET F 94 4.63 25.78 -26.43
C MET F 94 6.10 25.73 -26.84
N LEU F 95 6.42 24.98 -27.90
CA LEU F 95 7.79 24.96 -28.40
C LEU F 95 8.21 26.33 -28.89
N ARG F 96 7.34 27.00 -29.64
CA ARG F 96 7.65 28.37 -30.08
C ARG F 96 7.76 29.29 -28.87
N LYS F 97 6.90 29.11 -27.88
CA LYS F 97 6.94 29.96 -26.69
C LYS F 97 8.27 29.83 -25.96
N LEU F 98 8.77 28.61 -25.81
CA LEU F 98 10.06 28.41 -25.16
C LEU F 98 11.15 29.15 -25.93
N ASP F 99 11.10 29.12 -27.25
CA ASP F 99 12.07 29.80 -28.10
C ASP F 99 13.51 29.48 -27.69
N ASN F 100 13.78 28.20 -27.45
CA ASN F 100 15.14 27.79 -27.14
C ASN F 100 15.94 27.66 -28.43
N ASP F 101 17.27 27.75 -28.30
CA ASP F 101 18.11 27.66 -29.49
C ASP F 101 18.11 26.25 -30.07
N ALA F 102 18.28 25.22 -29.23
CA ALA F 102 18.36 23.87 -29.74
C ALA F 102 17.04 23.43 -30.35
N LEU F 103 15.94 23.62 -29.61
CA LEU F 103 14.64 23.17 -30.09
C LEU F 103 14.28 23.89 -31.39
N ASN F 104 14.49 25.20 -31.45
CA ASN F 104 14.19 25.95 -32.67
C ASN F 104 15.05 25.47 -33.83
N ASN F 105 16.33 25.23 -33.57
CA ASN F 105 17.24 24.80 -34.63
C ASN F 105 16.83 23.45 -35.19
N ILE F 106 16.49 22.51 -34.33
CA ILE F 106 16.11 21.19 -34.82
C ILE F 106 14.76 21.24 -35.52
N ILE F 107 13.83 22.07 -35.04
CA ILE F 107 12.55 22.19 -35.71
C ILE F 107 12.72 22.79 -37.11
N ASN F 108 13.55 23.83 -37.22
CA ASN F 108 13.82 24.41 -38.53
C ASN F 108 14.47 23.38 -39.46
N ASN F 109 15.42 22.61 -38.94
CA ASN F 109 16.04 21.58 -39.75
C ASN F 109 15.01 20.55 -40.22
N ALA F 110 14.12 20.14 -39.32
CA ALA F 110 13.08 19.19 -39.71
C ALA F 110 12.10 19.80 -40.70
N ARG F 111 11.97 21.12 -40.73
CA ARG F 111 11.14 21.76 -41.74
C ARG F 111 11.67 21.48 -43.13
N ASP F 112 12.99 21.56 -43.31
CA ASP F 112 13.62 21.26 -44.58
C ASP F 112 13.77 19.77 -44.84
N GLY F 113 13.48 18.94 -43.84
CA GLY F 113 13.59 17.50 -43.97
C GLY F 113 14.81 16.89 -43.33
N CYS F 114 15.69 17.71 -42.72
CA CYS F 114 16.93 17.22 -42.13
C CYS F 114 16.68 16.61 -40.75
N VAL F 115 15.82 15.60 -40.73
CA VAL F 115 15.39 14.96 -39.48
C VAL F 115 16.51 14.12 -38.91
N PRO F 116 16.46 13.75 -37.63
CA PRO F 116 17.40 12.75 -37.10
C PRO F 116 16.84 11.34 -37.17
N LEU F 117 17.71 10.39 -37.53
CA LEU F 117 17.29 9.00 -37.60
C LEU F 117 17.00 8.42 -36.23
N ASN F 118 17.79 8.80 -35.21
CA ASN F 118 17.65 8.28 -33.86
C ASN F 118 17.70 9.44 -32.86
N ILE F 119 17.30 9.14 -31.63
CA ILE F 119 17.32 10.15 -30.58
C ILE F 119 18.67 10.83 -30.54
N ILE F 120 18.66 12.13 -30.24
CA ILE F 120 19.90 12.89 -30.12
C ILE F 120 20.55 12.53 -28.79
N PRO F 121 21.76 11.97 -28.77
CA PRO F 121 22.43 11.71 -27.50
C PRO F 121 22.87 12.99 -26.82
N LEU F 122 23.30 12.85 -25.57
CA LEU F 122 23.72 13.99 -24.76
C LEU F 122 25.12 13.86 -24.17
N THR F 123 25.77 12.70 -24.30
CA THR F 123 27.07 12.50 -23.69
C THR F 123 28.20 12.72 -24.70
N THR F 124 29.43 12.76 -24.19
CA THR F 124 30.59 12.91 -25.06
C THR F 124 30.72 11.74 -26.02
N ALA F 125 30.48 10.52 -25.53
CA ALA F 125 30.45 9.33 -26.37
C ALA F 125 29.07 9.24 -27.02
N ALA F 126 28.86 10.10 -28.01
CA ALA F 126 27.56 10.28 -28.65
C ALA F 126 27.57 9.68 -30.05
N LYS F 127 26.44 9.12 -30.45
CA LYS F 127 26.22 8.57 -31.78
C LYS F 127 24.96 9.23 -32.34
N LEU F 128 25.15 10.22 -33.22
CA LEU F 128 24.04 10.97 -33.80
C LEU F 128 24.00 10.72 -35.30
N MET F 129 22.84 10.28 -35.79
CA MET F 129 22.62 9.99 -37.20
C MET F 129 21.55 10.93 -37.74
N VAL F 130 21.87 11.63 -38.83
CA VAL F 130 20.98 12.63 -39.41
C VAL F 130 20.82 12.35 -40.89
N VAL F 131 19.71 12.82 -41.47
CA VAL F 131 19.46 12.71 -42.90
C VAL F 131 19.54 14.11 -43.51
N ILE F 132 20.28 14.24 -44.60
CA ILE F 132 20.52 15.51 -45.27
C ILE F 132 20.05 15.38 -46.72
N PRO F 133 18.84 15.86 -47.03
CA PRO F 133 18.24 15.58 -48.34
C PRO F 133 18.59 16.54 -49.47
N ASP F 134 19.42 17.56 -49.24
CA ASP F 134 19.76 18.49 -50.30
C ASP F 134 21.12 19.10 -50.01
N TYR F 135 21.77 19.57 -51.08
CA TYR F 135 23.09 20.18 -50.91
C TYR F 135 22.97 21.54 -50.23
N ASN F 136 21.85 22.23 -50.40
CA ASN F 136 21.66 23.50 -49.70
C ASN F 136 21.74 23.31 -48.20
N THR F 137 20.95 22.37 -47.67
CA THR F 137 20.98 22.11 -46.24
C THR F 137 22.32 21.52 -45.81
N TYR F 138 22.96 20.72 -46.67
CA TYR F 138 24.27 20.19 -46.34
C TYR F 138 25.26 21.32 -46.11
N LYS F 139 25.35 22.25 -47.07
CA LYS F 139 26.30 23.36 -46.92
C LYS F 139 25.91 24.26 -45.75
N ASN F 140 24.61 24.43 -45.51
CA ASN F 140 24.18 25.29 -44.41
C ASN F 140 24.56 24.68 -43.08
N THR F 141 24.46 23.36 -42.95
CA THR F 141 24.68 22.66 -41.68
C THR F 141 26.11 22.16 -41.51
N CYS F 142 26.80 21.84 -42.60
CA CYS F 142 28.14 21.27 -42.55
C CYS F 142 29.11 22.21 -43.26
N ASP F 143 30.29 22.37 -42.68
CA ASP F 143 31.34 23.21 -43.28
C ASP F 143 32.68 22.57 -42.92
N GLY F 144 33.17 21.72 -43.79
CA GLY F 144 34.43 21.00 -43.53
C GLY F 144 34.17 19.68 -42.79
N THR F 145 34.76 19.55 -41.61
CA THR F 145 34.61 18.36 -40.78
C THR F 145 33.93 18.70 -39.46
N THR F 146 33.02 19.66 -39.51
CA THR F 146 32.21 20.04 -38.36
C THR F 146 30.74 20.03 -38.77
N PHE F 147 29.87 19.85 -37.78
CA PHE F 147 28.44 19.69 -38.01
C PHE F 147 27.69 20.43 -36.91
N THR F 148 26.73 21.26 -37.30
CA THR F 148 25.95 22.05 -36.36
C THR F 148 24.53 21.51 -36.31
N TYR F 149 24.09 21.09 -35.13
CA TYR F 149 22.75 20.56 -34.97
C TYR F 149 22.33 20.58 -33.51
N ALA F 150 21.10 21.02 -33.24
CA ALA F 150 20.60 21.14 -31.87
C ALA F 150 21.52 22.01 -31.02
N SER F 151 22.06 23.06 -31.61
CA SER F 151 23.01 23.93 -30.92
C SER F 151 24.18 23.13 -30.37
N ALA F 152 24.63 22.14 -31.14
CA ALA F 152 25.73 21.27 -30.74
C ALA F 152 26.63 21.02 -31.93
N LEU F 153 27.91 20.81 -31.63
CA LEU F 153 28.93 20.53 -32.64
C LEU F 153 29.25 19.05 -32.66
N TRP F 154 29.12 18.44 -33.83
CA TRP F 154 29.38 17.02 -34.03
C TRP F 154 30.42 16.84 -35.12
N GLU F 155 31.35 15.90 -34.90
CA GLU F 155 32.41 15.64 -35.86
C GLU F 155 31.93 14.58 -36.86
N ILE F 156 32.04 14.90 -38.15
CA ILE F 156 31.56 13.98 -39.19
C ILE F 156 32.42 12.73 -39.17
N GLN F 157 31.83 11.61 -38.77
CA GLN F 157 32.51 10.32 -38.77
C GLN F 157 32.22 9.53 -40.04
N GLN F 158 30.95 9.43 -40.43
CA GLN F 158 30.59 8.71 -41.64
C GLN F 158 29.55 9.50 -42.43
N VAL F 159 29.63 9.43 -43.75
CA VAL F 159 28.69 10.10 -44.64
C VAL F 159 28.32 9.09 -45.72
N VAL F 160 27.18 8.44 -45.58
CA VAL F 160 26.78 7.38 -46.50
C VAL F 160 25.63 7.85 -47.37
N ASP F 161 25.72 7.57 -48.67
CA ASP F 161 24.71 8.02 -49.62
C ASP F 161 23.41 7.25 -49.41
N ALA F 162 22.43 7.55 -50.25
CA ALA F 162 21.13 6.89 -50.17
C ALA F 162 21.18 5.44 -50.62
N ASP F 163 22.30 5.00 -51.21
CA ASP F 163 22.44 3.62 -51.68
C ASP F 163 23.48 2.86 -50.86
N SER F 164 23.78 3.35 -49.66
CA SER F 164 24.63 2.72 -48.64
C SER F 164 26.11 2.84 -48.96
N LYS F 165 26.51 3.68 -49.90
CA LYS F 165 27.91 3.82 -50.26
C LYS F 165 28.56 4.98 -49.52
N ILE F 166 29.72 4.71 -48.93
CA ILE F 166 30.47 5.77 -48.25
C ILE F 166 31.00 6.75 -49.29
N VAL F 167 30.99 8.03 -48.93
CA VAL F 167 31.49 9.11 -49.79
C VAL F 167 32.65 9.80 -49.10
N GLN F 168 33.75 9.98 -49.83
CA GLN F 168 34.87 10.76 -49.34
C GLN F 168 34.46 12.21 -49.19
N LEU F 169 34.95 12.86 -48.13
CA LEU F 169 34.48 14.20 -47.81
C LEU F 169 34.73 15.17 -48.97
N SER F 170 35.90 15.10 -49.59
CA SER F 170 36.22 16.03 -50.67
C SER F 170 35.29 15.86 -51.87
N GLU F 171 34.69 14.68 -52.03
CA GLU F 171 33.88 14.42 -53.21
C GLU F 171 32.67 15.35 -53.25
N ILE F 172 32.03 15.59 -52.12
CA ILE F 172 30.84 16.44 -52.08
C ILE F 172 31.26 17.87 -52.39
N SER F 173 30.87 18.37 -53.56
CA SER F 173 31.19 19.72 -53.98
C SER F 173 29.98 20.30 -54.69
N MET F 174 30.06 21.58 -55.05
CA MET F 174 28.95 22.22 -55.77
C MET F 174 28.72 21.56 -57.12
N ASP F 175 29.80 21.27 -57.84
CA ASP F 175 29.70 20.62 -59.14
C ASP F 175 29.44 19.13 -59.05
N ASN F 176 29.68 18.52 -57.90
CA ASN F 176 29.48 17.09 -57.71
C ASN F 176 28.13 16.76 -57.07
N SER F 177 27.32 17.77 -56.73
CA SER F 177 26.06 17.50 -56.06
C SER F 177 25.14 16.60 -56.86
N PRO F 178 24.89 16.83 -58.16
CA PRO F 178 23.97 15.94 -58.88
C PRO F 178 24.44 14.50 -58.93
N ASN F 179 25.75 14.27 -58.87
CA ASN F 179 26.27 12.90 -58.98
C ASN F 179 25.79 12.03 -57.83
N LEU F 180 25.80 12.57 -56.61
CA LEU F 180 25.38 11.82 -55.43
C LEU F 180 23.88 11.58 -55.45
N ALA F 181 23.49 10.44 -54.91
CA ALA F 181 22.08 10.06 -54.80
C ALA F 181 21.58 10.50 -53.43
N TRP F 182 20.89 11.63 -53.39
CA TRP F 182 20.33 12.14 -52.14
C TRP F 182 19.16 11.28 -51.69
N PRO F 183 18.85 11.27 -50.39
CA PRO F 183 19.50 12.00 -49.29
C PRO F 183 20.81 11.36 -48.81
N LEU F 184 21.56 12.10 -48.00
CA LEU F 184 22.75 11.60 -47.32
C LEU F 184 22.39 11.22 -45.89
N ILE F 185 23.23 10.38 -45.29
CA ILE F 185 23.09 10.00 -43.89
C ILE F 185 24.42 10.25 -43.21
N VAL F 186 24.40 11.07 -42.16
CA VAL F 186 25.61 11.54 -41.50
C VAL F 186 25.64 10.98 -40.09
N THR F 187 26.70 10.25 -39.77
CA THR F 187 26.94 9.72 -38.44
C THR F 187 28.09 10.49 -37.79
N ALA F 188 27.83 11.04 -36.61
CA ALA F 188 28.79 11.93 -35.97
C ALA F 188 28.77 11.70 -34.46
N LEU F 189 29.80 12.23 -33.80
CA LEU F 189 30.00 12.13 -32.36
C LEU F 189 30.00 13.53 -31.75
N ARG F 190 29.78 13.59 -30.44
CA ARG F 190 29.80 14.87 -29.74
C ARG F 190 31.22 15.43 -29.67
N ALA F 191 31.34 16.75 -29.81
CA ALA F 191 32.62 17.42 -29.75
C ALA F 191 32.73 18.22 -28.45
#